data_8PVW
# 
_entry.id   8PVW 
# 
_audit_conform.dict_name       mmcif_pdbx.dic 
_audit_conform.dict_version    5.402 
_audit_conform.dict_location   http://mmcif.pdb.org/dictionaries/ascii/mmcif_pdbx.dic 
# 
loop_
_database_2.database_id 
_database_2.database_code 
_database_2.pdbx_database_accession 
_database_2.pdbx_DOI 
PDB   8PVW         pdb_00008pvw 10.2210/pdb8pvw/pdb 
WWPDB D_1292131929 ?            ?                   
# 
_pdbx_audit_revision_history.ordinal             1 
_pdbx_audit_revision_history.data_content_type   'Structure model' 
_pdbx_audit_revision_history.major_revision      1 
_pdbx_audit_revision_history.minor_revision      0 
_pdbx_audit_revision_history.revision_date       2025-02-05 
# 
_pdbx_audit_revision_details.ordinal             1 
_pdbx_audit_revision_details.revision_ordinal    1 
_pdbx_audit_revision_details.data_content_type   'Structure model' 
_pdbx_audit_revision_details.provider            repository 
_pdbx_audit_revision_details.type                'Initial release' 
_pdbx_audit_revision_details.description         ? 
_pdbx_audit_revision_details.details             ? 
# 
_pdbx_database_status.status_code                     REL 
_pdbx_database_status.status_code_sf                  REL 
_pdbx_database_status.status_code_mr                  ? 
_pdbx_database_status.entry_id                        8PVW 
_pdbx_database_status.recvd_initial_deposition_date   2023-07-18 
_pdbx_database_status.SG_entry                        N 
_pdbx_database_status.deposit_site                    PDBE 
_pdbx_database_status.process_site                    PDBE 
_pdbx_database_status.status_code_cs                  ? 
_pdbx_database_status.status_code_nmr_data            ? 
_pdbx_database_status.methods_development_category    ? 
_pdbx_database_status.pdb_format_compatible           Y 
# 
_pdbx_contact_author.id                 2 
_pdbx_contact_author.email              magnus.wolf-watz@umu.se 
_pdbx_contact_author.name_first         Magnus 
_pdbx_contact_author.name_last          Wolf-Watz 
_pdbx_contact_author.name_mi            ? 
_pdbx_contact_author.role               'principal investigator/group leader' 
_pdbx_contact_author.identifier_ORCID   0000-0002-9098-7974 
# 
loop_
_audit_author.name 
_audit_author.pdbx_ordinal 
_audit_author.identifier_ORCID 
'Rodriguez, J.A.'    1 0000-0003-1693-3916 
'Wolf Watz, M.'      2 0000-0002-9098-7974 
'Sauer-Eriksson, E.' 3 ?                   
# 
_citation.abstract                  ? 
_citation.abstract_id_CAS           ? 
_citation.book_id_ISBN              ? 
_citation.book_publisher            ? 
_citation.book_publisher_city       ? 
_citation.book_title                ? 
_citation.coordinate_linkage        ? 
_citation.country                   ? 
_citation.database_id_Medline       ? 
_citation.details                   ? 
_citation.id                        primary 
_citation.journal_abbrev            'To Be Published' 
_citation.journal_id_ASTM           ? 
_citation.journal_id_CSD            0353 
_citation.journal_id_ISSN           ? 
_citation.journal_full              ? 
_citation.journal_issue             ? 
_citation.journal_volume            ? 
_citation.language                  ? 
_citation.page_first                ? 
_citation.page_last                 ? 
_citation.title                     'Structure of a short E. coli adenylate kinase in complex with Ap5A' 
_citation.year                      ? 
_citation.database_id_CSD           ? 
_citation.pdbx_database_id_DOI      ? 
_citation.pdbx_database_id_PubMed   ? 
_citation.pdbx_database_id_patent   ? 
_citation.unpublished_flag          ? 
# 
loop_
_citation_author.citation_id 
_citation_author.name 
_citation_author.ordinal 
_citation_author.identifier_ORCID 
primary 'Rodriguez, J.A.'  1 0000-0003-1693-3916 
primary 'Wolf Watz, M.'    2 0000-0002-9098-7974 
primary 'Nagy, T.M.'       3 0000-0001-6080-9782 
primary 'Phoeurk, C.'      4 ?                   
primary 'Rogne, P.'        5 ?                   
primary 'Schierholz, L.J.' 6 ?                   
# 
loop_
_entity.id 
_entity.type 
_entity.src_method 
_entity.pdbx_description 
_entity.formula_weight 
_entity.pdbx_number_of_molecules 
_entity.pdbx_ec 
_entity.pdbx_mutation 
_entity.pdbx_fragment 
_entity.details 
1 polymer     man 'Adenylate kinase'                 20540.535 1   2.7.4.3 ? ? ? 
2 non-polymer syn "BIS(ADENOSINE)-5'-PENTAPHOSPHATE" 916.367   1   ?       ? ? ? 
3 water       nat water                              18.015    114 ?       ? ? ? 
# 
_entity_poly.entity_id                      1 
_entity_poly.type                           'polypeptide(L)' 
_entity_poly.nstd_linkage                   no 
_entity_poly.nstd_monomer                   no 
_entity_poly.pdbx_seq_one_letter_code       
;MRIILLGAPGAGKGTQAQFIMEKYGIPQISTGDMLRAAVKSGSELGKQAKDIMDAGKLVTDELVIALVKERIAQEDCRNG
FLLDGFPRTIPQADAMKEAGINVDYVLEFDVPDELIVDRILKRGETSGRVDDNEETVRKRLVEYHQMTAPLIGYYSKEAE
AGNTKYAKVDGTKPVAEVRADLEKILG
;
_entity_poly.pdbx_seq_one_letter_code_can   
;MRIILLGAPGAGKGTQAQFIMEKYGIPQISTGDMLRAAVKSGSELGKQAKDIMDAGKLVTDELVIALVKERIAQEDCRNG
FLLDGFPRTIPQADAMKEAGINVDYVLEFDVPDELIVDRILKRGETSGRVDDNEETVRKRLVEYHQMTAPLIGYYSKEAE
AGNTKYAKVDGTKPVAEVRADLEKILG
;
_entity_poly.pdbx_strand_id                 A 
_entity_poly.pdbx_target_identifier         ? 
# 
loop_
_pdbx_entity_nonpoly.entity_id 
_pdbx_entity_nonpoly.name 
_pdbx_entity_nonpoly.comp_id 
2 "BIS(ADENOSINE)-5'-PENTAPHOSPHATE" AP5 
3 water                              HOH 
# 
loop_
_entity_poly_seq.entity_id 
_entity_poly_seq.num 
_entity_poly_seq.mon_id 
_entity_poly_seq.hetero 
1 1   MET n 
1 2   ARG n 
1 3   ILE n 
1 4   ILE n 
1 5   LEU n 
1 6   LEU n 
1 7   GLY n 
1 8   ALA n 
1 9   PRO n 
1 10  GLY n 
1 11  ALA n 
1 12  GLY n 
1 13  LYS n 
1 14  GLY n 
1 15  THR n 
1 16  GLN n 
1 17  ALA n 
1 18  GLN n 
1 19  PHE n 
1 20  ILE n 
1 21  MET n 
1 22  GLU n 
1 23  LYS n 
1 24  TYR n 
1 25  GLY n 
1 26  ILE n 
1 27  PRO n 
1 28  GLN n 
1 29  ILE n 
1 30  SER n 
1 31  THR n 
1 32  GLY n 
1 33  ASP n 
1 34  MET n 
1 35  LEU n 
1 36  ARG n 
1 37  ALA n 
1 38  ALA n 
1 39  VAL n 
1 40  LYS n 
1 41  SER n 
1 42  GLY n 
1 43  SER n 
1 44  GLU n 
1 45  LEU n 
1 46  GLY n 
1 47  LYS n 
1 48  GLN n 
1 49  ALA n 
1 50  LYS n 
1 51  ASP n 
1 52  ILE n 
1 53  MET n 
1 54  ASP n 
1 55  ALA n 
1 56  GLY n 
1 57  LYS n 
1 58  LEU n 
1 59  VAL n 
1 60  THR n 
1 61  ASP n 
1 62  GLU n 
1 63  LEU n 
1 64  VAL n 
1 65  ILE n 
1 66  ALA n 
1 67  LEU n 
1 68  VAL n 
1 69  LYS n 
1 70  GLU n 
1 71  ARG n 
1 72  ILE n 
1 73  ALA n 
1 74  GLN n 
1 75  GLU n 
1 76  ASP n 
1 77  CYS n 
1 78  ARG n 
1 79  ASN n 
1 80  GLY n 
1 81  PHE n 
1 82  LEU n 
1 83  LEU n 
1 84  ASP n 
1 85  GLY n 
1 86  PHE n 
1 87  PRO n 
1 88  ARG n 
1 89  THR n 
1 90  ILE n 
1 91  PRO n 
1 92  GLN n 
1 93  ALA n 
1 94  ASP n 
1 95  ALA n 
1 96  MET n 
1 97  LYS n 
1 98  GLU n 
1 99  ALA n 
1 100 GLY n 
1 101 ILE n 
1 102 ASN n 
1 103 VAL n 
1 104 ASP n 
1 105 TYR n 
1 106 VAL n 
1 107 LEU n 
1 108 GLU n 
1 109 PHE n 
1 110 ASP n 
1 111 VAL n 
1 112 PRO n 
1 113 ASP n 
1 114 GLU n 
1 115 LEU n 
1 116 ILE n 
1 117 VAL n 
1 118 ASP n 
1 119 ARG n 
1 120 ILE n 
1 121 LEU n 
1 122 LYS n 
1 123 ARG n 
1 124 GLY n 
1 125 GLU n 
1 126 THR n 
1 127 SER n 
1 128 GLY n 
1 129 ARG n 
1 130 VAL n 
1 131 ASP n 
1 132 ASP n 
1 133 ASN n 
1 134 GLU n 
1 135 GLU n 
1 136 THR n 
1 137 VAL n 
1 138 ARG n 
1 139 LYS n 
1 140 ARG n 
1 141 LEU n 
1 142 VAL n 
1 143 GLU n 
1 144 TYR n 
1 145 HIS n 
1 146 GLN n 
1 147 MET n 
1 148 THR n 
1 149 ALA n 
1 150 PRO n 
1 151 LEU n 
1 152 ILE n 
1 153 GLY n 
1 154 TYR n 
1 155 TYR n 
1 156 SER n 
1 157 LYS n 
1 158 GLU n 
1 159 ALA n 
1 160 GLU n 
1 161 ALA n 
1 162 GLY n 
1 163 ASN n 
1 164 THR n 
1 165 LYS n 
1 166 TYR n 
1 167 ALA n 
1 168 LYS n 
1 169 VAL n 
1 170 ASP n 
1 171 GLY n 
1 172 THR n 
1 173 LYS n 
1 174 PRO n 
1 175 VAL n 
1 176 ALA n 
1 177 GLU n 
1 178 VAL n 
1 179 ARG n 
1 180 ALA n 
1 181 ASP n 
1 182 LEU n 
1 183 GLU n 
1 184 LYS n 
1 185 ILE n 
1 186 LEU n 
1 187 GLY n 
# 
_entity_src_gen.entity_id                          1 
_entity_src_gen.pdbx_src_id                        1 
_entity_src_gen.pdbx_alt_source_flag               sample 
_entity_src_gen.pdbx_seq_type                      'Biological sequence' 
_entity_src_gen.pdbx_beg_seq_num                   1 
_entity_src_gen.pdbx_end_seq_num                   187 
_entity_src_gen.gene_src_common_name               ? 
_entity_src_gen.gene_src_genus                     ? 
_entity_src_gen.pdbx_gene_src_gene                 'adk, dnaW, plsA, b0474, JW0463' 
_entity_src_gen.gene_src_species                   ? 
_entity_src_gen.gene_src_strain                    BL21 
_entity_src_gen.gene_src_tissue                    ? 
_entity_src_gen.gene_src_tissue_fraction           ? 
_entity_src_gen.gene_src_details                   ? 
_entity_src_gen.pdbx_gene_src_fragment             ? 
_entity_src_gen.pdbx_gene_src_scientific_name      'Escherichia coli K-12' 
_entity_src_gen.pdbx_gene_src_ncbi_taxonomy_id     83333 
_entity_src_gen.pdbx_gene_src_variant              ? 
_entity_src_gen.pdbx_gene_src_cell_line            ? 
_entity_src_gen.pdbx_gene_src_atcc                 ? 
_entity_src_gen.pdbx_gene_src_organ                ? 
_entity_src_gen.pdbx_gene_src_organelle            ? 
_entity_src_gen.pdbx_gene_src_cell                 ? 
_entity_src_gen.pdbx_gene_src_cellular_location    ? 
_entity_src_gen.host_org_common_name               ? 
_entity_src_gen.pdbx_host_org_scientific_name      'Escherichia coli BL21(DE3)' 
_entity_src_gen.pdbx_host_org_ncbi_taxonomy_id     469008 
_entity_src_gen.host_org_genus                     ? 
_entity_src_gen.pdbx_host_org_gene                 ? 
_entity_src_gen.pdbx_host_org_organ                ? 
_entity_src_gen.host_org_species                   ? 
_entity_src_gen.pdbx_host_org_tissue               ? 
_entity_src_gen.pdbx_host_org_tissue_fraction      ? 
_entity_src_gen.pdbx_host_org_strain               ? 
_entity_src_gen.pdbx_host_org_variant              ? 
_entity_src_gen.pdbx_host_org_cell_line            ? 
_entity_src_gen.pdbx_host_org_atcc                 ? 
_entity_src_gen.pdbx_host_org_culture_collection   ? 
_entity_src_gen.pdbx_host_org_cell                 ? 
_entity_src_gen.pdbx_host_org_organelle            ? 
_entity_src_gen.pdbx_host_org_cellular_location    ? 
_entity_src_gen.pdbx_host_org_vector_type          ? 
_entity_src_gen.pdbx_host_org_vector               ? 
_entity_src_gen.host_org_details                   ? 
_entity_src_gen.expression_system_id               ? 
_entity_src_gen.plasmid_name                       ? 
_entity_src_gen.plasmid_details                    ? 
_entity_src_gen.pdbx_description                   ? 
# 
loop_
_chem_comp.id 
_chem_comp.type 
_chem_comp.mon_nstd_flag 
_chem_comp.name 
_chem_comp.pdbx_synonyms 
_chem_comp.formula 
_chem_comp.formula_weight 
ALA 'L-peptide linking' y ALANINE                            ? 'C3 H7 N O2'         89.093  
AP5 non-polymer         . "BIS(ADENOSINE)-5'-PENTAPHOSPHATE" ? 'C20 H29 N10 O22 P5' 916.367 
ARG 'L-peptide linking' y ARGININE                           ? 'C6 H15 N4 O2 1'     175.209 
ASN 'L-peptide linking' y ASPARAGINE                         ? 'C4 H8 N2 O3'        132.118 
ASP 'L-peptide linking' y 'ASPARTIC ACID'                    ? 'C4 H7 N O4'         133.103 
CYS 'L-peptide linking' y CYSTEINE                           ? 'C3 H7 N O2 S'       121.158 
GLN 'L-peptide linking' y GLUTAMINE                          ? 'C5 H10 N2 O3'       146.144 
GLU 'L-peptide linking' y 'GLUTAMIC ACID'                    ? 'C5 H9 N O4'         147.129 
GLY 'peptide linking'   y GLYCINE                            ? 'C2 H5 N O2'         75.067  
HIS 'L-peptide linking' y HISTIDINE                          ? 'C6 H10 N3 O2 1'     156.162 
HOH non-polymer         . WATER                              ? 'H2 O'               18.015  
ILE 'L-peptide linking' y ISOLEUCINE                         ? 'C6 H13 N O2'        131.173 
LEU 'L-peptide linking' y LEUCINE                            ? 'C6 H13 N O2'        131.173 
LYS 'L-peptide linking' y LYSINE                             ? 'C6 H15 N2 O2 1'     147.195 
MET 'L-peptide linking' y METHIONINE                         ? 'C5 H11 N O2 S'      149.211 
PHE 'L-peptide linking' y PHENYLALANINE                      ? 'C9 H11 N O2'        165.189 
PRO 'L-peptide linking' y PROLINE                            ? 'C5 H9 N O2'         115.130 
SER 'L-peptide linking' y SERINE                             ? 'C3 H7 N O3'         105.093 
THR 'L-peptide linking' y THREONINE                          ? 'C4 H9 N O3'         119.119 
TYR 'L-peptide linking' y TYROSINE                           ? 'C9 H11 N O3'        181.189 
VAL 'L-peptide linking' y VALINE                             ? 'C5 H11 N O2'        117.146 
# 
loop_
_pdbx_poly_seq_scheme.asym_id 
_pdbx_poly_seq_scheme.entity_id 
_pdbx_poly_seq_scheme.seq_id 
_pdbx_poly_seq_scheme.mon_id 
_pdbx_poly_seq_scheme.ndb_seq_num 
_pdbx_poly_seq_scheme.pdb_seq_num 
_pdbx_poly_seq_scheme.auth_seq_num 
_pdbx_poly_seq_scheme.pdb_mon_id 
_pdbx_poly_seq_scheme.auth_mon_id 
_pdbx_poly_seq_scheme.pdb_strand_id 
_pdbx_poly_seq_scheme.pdb_ins_code 
_pdbx_poly_seq_scheme.hetero 
A 1 1   MET 1   1   1   MET MET A . n 
A 1 2   ARG 2   2   2   ARG ARG A . n 
A 1 3   ILE 3   3   3   ILE ILE A . n 
A 1 4   ILE 4   4   4   ILE ILE A . n 
A 1 5   LEU 5   5   5   LEU LEU A . n 
A 1 6   LEU 6   6   6   LEU LEU A . n 
A 1 7   GLY 7   7   7   GLY GLY A . n 
A 1 8   ALA 8   8   8   ALA ALA A . n 
A 1 9   PRO 9   9   9   PRO PRO A . n 
A 1 10  GLY 10  10  10  GLY GLY A . n 
A 1 11  ALA 11  11  11  ALA ALA A . n 
A 1 12  GLY 12  12  12  GLY GLY A . n 
A 1 13  LYS 13  13  13  LYS LYS A . n 
A 1 14  GLY 14  14  14  GLY GLY A . n 
A 1 15  THR 15  15  15  THR THR A . n 
A 1 16  GLN 16  16  16  GLN GLN A . n 
A 1 17  ALA 17  17  17  ALA ALA A . n 
A 1 18  GLN 18  18  18  GLN GLN A . n 
A 1 19  PHE 19  19  19  PHE PHE A . n 
A 1 20  ILE 20  20  20  ILE ILE A . n 
A 1 21  MET 21  21  21  MET MET A . n 
A 1 22  GLU 22  22  22  GLU GLU A . n 
A 1 23  LYS 23  23  23  LYS LYS A . n 
A 1 24  TYR 24  24  24  TYR TYR A . n 
A 1 25  GLY 25  25  25  GLY GLY A . n 
A 1 26  ILE 26  26  26  ILE ILE A . n 
A 1 27  PRO 27  27  27  PRO PRO A . n 
A 1 28  GLN 28  28  28  GLN GLN A . n 
A 1 29  ILE 29  29  29  ILE ILE A . n 
A 1 30  SER 30  30  30  SER SER A . n 
A 1 31  THR 31  31  31  THR THR A . n 
A 1 32  GLY 32  32  32  GLY GLY A . n 
A 1 33  ASP 33  33  33  ASP ASP A . n 
A 1 34  MET 34  34  34  MET MET A . n 
A 1 35  LEU 35  35  35  LEU LEU A . n 
A 1 36  ARG 36  36  36  ARG ARG A . n 
A 1 37  ALA 37  37  37  ALA ALA A . n 
A 1 38  ALA 38  38  38  ALA ALA A . n 
A 1 39  VAL 39  39  39  VAL VAL A . n 
A 1 40  LYS 40  40  40  LYS LYS A . n 
A 1 41  SER 41  41  41  SER SER A . n 
A 1 42  GLY 42  42  42  GLY GLY A . n 
A 1 43  SER 43  43  43  SER SER A . n 
A 1 44  GLU 44  44  44  GLU GLU A . n 
A 1 45  LEU 45  45  45  LEU LEU A . n 
A 1 46  GLY 46  46  46  GLY GLY A . n 
A 1 47  LYS 47  47  47  LYS LYS A . n 
A 1 48  GLN 48  48  48  GLN GLN A . n 
A 1 49  ALA 49  49  49  ALA ALA A . n 
A 1 50  LYS 50  50  50  LYS LYS A . n 
A 1 51  ASP 51  51  51  ASP ASP A . n 
A 1 52  ILE 52  52  52  ILE ILE A . n 
A 1 53  MET 53  53  53  MET MET A . n 
A 1 54  ASP 54  54  54  ASP ASP A . n 
A 1 55  ALA 55  55  55  ALA ALA A . n 
A 1 56  GLY 56  56  56  GLY GLY A . n 
A 1 57  LYS 57  57  57  LYS LYS A . n 
A 1 58  LEU 58  58  58  LEU LEU A . n 
A 1 59  VAL 59  59  59  VAL VAL A . n 
A 1 60  THR 60  60  60  THR THR A . n 
A 1 61  ASP 61  61  61  ASP ASP A . n 
A 1 62  GLU 62  62  62  GLU GLU A . n 
A 1 63  LEU 63  63  63  LEU LEU A . n 
A 1 64  VAL 64  64  64  VAL VAL A . n 
A 1 65  ILE 65  65  65  ILE ILE A . n 
A 1 66  ALA 66  66  66  ALA ALA A . n 
A 1 67  LEU 67  67  67  LEU LEU A . n 
A 1 68  VAL 68  68  68  VAL VAL A . n 
A 1 69  LYS 69  69  69  LYS LYS A . n 
A 1 70  GLU 70  70  70  GLU GLU A . n 
A 1 71  ARG 71  71  71  ARG ARG A . n 
A 1 72  ILE 72  72  72  ILE ILE A . n 
A 1 73  ALA 73  73  73  ALA ALA A . n 
A 1 74  GLN 74  74  74  GLN GLN A . n 
A 1 75  GLU 75  75  75  GLU GLU A . n 
A 1 76  ASP 76  76  76  ASP ASP A . n 
A 1 77  CYS 77  77  77  CYS CYS A . n 
A 1 78  ARG 78  78  78  ARG ARG A . n 
A 1 79  ASN 79  79  79  ASN ASN A . n 
A 1 80  GLY 80  80  80  GLY GLY A . n 
A 1 81  PHE 81  81  81  PHE PHE A . n 
A 1 82  LEU 82  82  82  LEU LEU A . n 
A 1 83  LEU 83  83  83  LEU LEU A . n 
A 1 84  ASP 84  84  84  ASP ASP A . n 
A 1 85  GLY 85  85  85  GLY GLY A . n 
A 1 86  PHE 86  86  86  PHE PHE A . n 
A 1 87  PRO 87  87  87  PRO PRO A . n 
A 1 88  ARG 88  88  88  ARG ARG A . n 
A 1 89  THR 89  89  89  THR THR A . n 
A 1 90  ILE 90  90  90  ILE ILE A . n 
A 1 91  PRO 91  91  91  PRO PRO A . n 
A 1 92  GLN 92  92  92  GLN GLN A . n 
A 1 93  ALA 93  93  93  ALA ALA A . n 
A 1 94  ASP 94  94  94  ASP ASP A . n 
A 1 95  ALA 95  95  95  ALA ALA A . n 
A 1 96  MET 96  96  96  MET MET A . n 
A 1 97  LYS 97  97  97  LYS LYS A . n 
A 1 98  GLU 98  98  98  GLU GLU A . n 
A 1 99  ALA 99  99  99  ALA ALA A . n 
A 1 100 GLY 100 100 100 GLY GLY A . n 
A 1 101 ILE 101 101 101 ILE ILE A . n 
A 1 102 ASN 102 102 102 ASN ASN A . n 
A 1 103 VAL 103 103 103 VAL VAL A . n 
A 1 104 ASP 104 104 104 ASP ASP A . n 
A 1 105 TYR 105 105 105 TYR TYR A . n 
A 1 106 VAL 106 106 106 VAL VAL A . n 
A 1 107 LEU 107 107 107 LEU LEU A . n 
A 1 108 GLU 108 108 108 GLU GLU A . n 
A 1 109 PHE 109 109 109 PHE PHE A . n 
A 1 110 ASP 110 110 110 ASP ASP A . n 
A 1 111 VAL 111 111 111 VAL VAL A . n 
A 1 112 PRO 112 112 112 PRO PRO A . n 
A 1 113 ASP 113 113 113 ASP ASP A . n 
A 1 114 GLU 114 114 114 GLU GLU A . n 
A 1 115 LEU 115 115 115 LEU LEU A . n 
A 1 116 ILE 116 116 116 ILE ILE A . n 
A 1 117 VAL 117 117 117 VAL VAL A . n 
A 1 118 ASP 118 118 118 ASP ASP A . n 
A 1 119 ARG 119 119 119 ARG ARG A . n 
A 1 120 ILE 120 120 120 ILE ILE A . n 
A 1 121 LEU 121 121 121 LEU LEU A . n 
A 1 122 LYS 122 122 122 LYS LYS A . n 
A 1 123 ARG 123 123 123 ARG ARG A . n 
A 1 124 GLY 124 124 124 GLY GLY A . n 
A 1 125 GLU 125 125 125 GLU GLU A . n 
A 1 126 THR 126 126 126 THR THR A . n 
A 1 127 SER 127 127 127 SER SER A . n 
A 1 128 GLY 128 128 128 GLY GLY A . n 
A 1 129 ARG 129 129 129 ARG ARG A . n 
A 1 130 VAL 130 130 130 VAL VAL A . n 
A 1 131 ASP 131 131 131 ASP ASP A . n 
A 1 132 ASP 132 132 132 ASP ASP A . n 
A 1 133 ASN 133 133 133 ASN ASN A . n 
A 1 134 GLU 134 134 134 GLU GLU A . n 
A 1 135 GLU 135 135 135 GLU GLU A . n 
A 1 136 THR 136 136 136 THR THR A . n 
A 1 137 VAL 137 137 137 VAL VAL A . n 
A 1 138 ARG 138 138 138 ARG ARG A . n 
A 1 139 LYS 139 139 139 LYS LYS A . n 
A 1 140 ARG 140 140 140 ARG ARG A . n 
A 1 141 LEU 141 141 141 LEU LEU A . n 
A 1 142 VAL 142 142 142 VAL VAL A . n 
A 1 143 GLU 143 143 143 GLU GLU A . n 
A 1 144 TYR 144 144 144 TYR TYR A . n 
A 1 145 HIS 145 145 145 HIS HIS A . n 
A 1 146 GLN 146 146 146 GLN GLN A . n 
A 1 147 MET 147 147 147 MET MET A . n 
A 1 148 THR 148 148 148 THR THR A . n 
A 1 149 ALA 149 149 149 ALA ALA A . n 
A 1 150 PRO 150 150 150 PRO PRO A . n 
A 1 151 LEU 151 151 151 LEU LEU A . n 
A 1 152 ILE 152 152 152 ILE ILE A . n 
A 1 153 GLY 153 153 153 GLY GLY A . n 
A 1 154 TYR 154 154 154 TYR TYR A . n 
A 1 155 TYR 155 155 155 TYR TYR A . n 
A 1 156 SER 156 156 156 SER SER A . n 
A 1 157 LYS 157 157 157 LYS LYS A . n 
A 1 158 GLU 158 158 158 GLU GLU A . n 
A 1 159 ALA 159 159 159 ALA ALA A . n 
A 1 160 GLU 160 160 160 GLU GLU A . n 
A 1 161 ALA 161 161 161 ALA ALA A . n 
A 1 162 GLY 162 162 162 GLY GLY A . n 
A 1 163 ASN 163 163 163 ASN ASN A . n 
A 1 164 THR 164 164 164 THR THR A . n 
A 1 165 LYS 165 165 165 LYS LYS A . n 
A 1 166 TYR 166 166 166 TYR TYR A . n 
A 1 167 ALA 167 167 167 ALA ALA A . n 
A 1 168 LYS 168 168 168 LYS LYS A . n 
A 1 169 VAL 169 169 169 VAL VAL A . n 
A 1 170 ASP 170 170 170 ASP ASP A . n 
A 1 171 GLY 171 171 171 GLY GLY A . n 
A 1 172 THR 172 172 172 THR THR A . n 
A 1 173 LYS 173 173 173 LYS LYS A . n 
A 1 174 PRO 174 174 174 PRO PRO A . n 
A 1 175 VAL 175 175 175 VAL VAL A . n 
A 1 176 ALA 176 176 176 ALA ALA A . n 
A 1 177 GLU 177 177 177 GLU GLU A . n 
A 1 178 VAL 178 178 178 VAL VAL A . n 
A 1 179 ARG 179 179 179 ARG ARG A . n 
A 1 180 ALA 180 180 180 ALA ALA A . n 
A 1 181 ASP 181 181 181 ASP ASP A . n 
A 1 182 LEU 182 182 182 LEU LEU A . n 
A 1 183 GLU 183 183 183 GLU GLU A . n 
A 1 184 LYS 184 184 184 LYS LYS A . n 
A 1 185 ILE 185 185 185 ILE ILE A . n 
A 1 186 LEU 186 186 186 LEU LEU A . n 
A 1 187 GLY 187 187 187 GLY GLY A . n 
# 
_pdbx_entity_instance_feature.ordinal        1 
_pdbx_entity_instance_feature.comp_id        AP5 
_pdbx_entity_instance_feature.asym_id        ? 
_pdbx_entity_instance_feature.seq_num        ? 
_pdbx_entity_instance_feature.auth_comp_id   AP5 
_pdbx_entity_instance_feature.auth_asym_id   ? 
_pdbx_entity_instance_feature.auth_seq_num   ? 
_pdbx_entity_instance_feature.feature_type   'SUBJECT OF INVESTIGATION' 
_pdbx_entity_instance_feature.details        ? 
# 
loop_
_pdbx_nonpoly_scheme.asym_id 
_pdbx_nonpoly_scheme.entity_id 
_pdbx_nonpoly_scheme.mon_id 
_pdbx_nonpoly_scheme.ndb_seq_num 
_pdbx_nonpoly_scheme.pdb_seq_num 
_pdbx_nonpoly_scheme.auth_seq_num 
_pdbx_nonpoly_scheme.pdb_mon_id 
_pdbx_nonpoly_scheme.auth_mon_id 
_pdbx_nonpoly_scheme.pdb_strand_id 
_pdbx_nonpoly_scheme.pdb_ins_code 
B 2 AP5 1   301 301 AP5 AP5 A . 
C 3 HOH 1   401 102 HOH HOH A . 
C 3 HOH 2   402 39  HOH HOH A . 
C 3 HOH 3   403 12  HOH HOH A . 
C 3 HOH 4   404 71  HOH HOH A . 
C 3 HOH 5   405 103 HOH HOH A . 
C 3 HOH 6   406 100 HOH HOH A . 
C 3 HOH 7   407 108 HOH HOH A . 
C 3 HOH 8   408 101 HOH HOH A . 
C 3 HOH 9   409 75  HOH HOH A . 
C 3 HOH 10  410 42  HOH HOH A . 
C 3 HOH 11  411 26  HOH HOH A . 
C 3 HOH 12  412 90  HOH HOH A . 
C 3 HOH 13  413 73  HOH HOH A . 
C 3 HOH 14  414 95  HOH HOH A . 
C 3 HOH 15  415 72  HOH HOH A . 
C 3 HOH 16  416 107 HOH HOH A . 
C 3 HOH 17  417 69  HOH HOH A . 
C 3 HOH 18  418 10  HOH HOH A . 
C 3 HOH 19  419 28  HOH HOH A . 
C 3 HOH 20  420 91  HOH HOH A . 
C 3 HOH 21  421 21  HOH HOH A . 
C 3 HOH 22  422 88  HOH HOH A . 
C 3 HOH 23  423 87  HOH HOH A . 
C 3 HOH 24  424 48  HOH HOH A . 
C 3 HOH 25  425 44  HOH HOH A . 
C 3 HOH 26  426 56  HOH HOH A . 
C 3 HOH 27  427 38  HOH HOH A . 
C 3 HOH 28  428 6   HOH HOH A . 
C 3 HOH 29  429 64  HOH HOH A . 
C 3 HOH 30  430 7   HOH HOH A . 
C 3 HOH 31  431 70  HOH HOH A . 
C 3 HOH 32  432 30  HOH HOH A . 
C 3 HOH 33  433 22  HOH HOH A . 
C 3 HOH 34  434 62  HOH HOH A . 
C 3 HOH 35  435 5   HOH HOH A . 
C 3 HOH 36  436 9   HOH HOH A . 
C 3 HOH 37  437 50  HOH HOH A . 
C 3 HOH 38  438 3   HOH HOH A . 
C 3 HOH 39  439 24  HOH HOH A . 
C 3 HOH 40  440 23  HOH HOH A . 
C 3 HOH 41  441 32  HOH HOH A . 
C 3 HOH 42  442 65  HOH HOH A . 
C 3 HOH 43  443 16  HOH HOH A . 
C 3 HOH 44  444 52  HOH HOH A . 
C 3 HOH 45  445 40  HOH HOH A . 
C 3 HOH 46  446 63  HOH HOH A . 
C 3 HOH 47  447 27  HOH HOH A . 
C 3 HOH 48  448 68  HOH HOH A . 
C 3 HOH 49  449 78  HOH HOH A . 
C 3 HOH 50  450 53  HOH HOH A . 
C 3 HOH 51  451 11  HOH HOH A . 
C 3 HOH 52  452 35  HOH HOH A . 
C 3 HOH 53  453 92  HOH HOH A . 
C 3 HOH 54  454 106 HOH HOH A . 
C 3 HOH 55  455 66  HOH HOH A . 
C 3 HOH 56  456 33  HOH HOH A . 
C 3 HOH 57  457 1   HOH HOH A . 
C 3 HOH 58  458 77  HOH HOH A . 
C 3 HOH 59  459 51  HOH HOH A . 
C 3 HOH 60  460 79  HOH HOH A . 
C 3 HOH 61  461 37  HOH HOH A . 
C 3 HOH 62  462 19  HOH HOH A . 
C 3 HOH 63  463 45  HOH HOH A . 
C 3 HOH 64  464 18  HOH HOH A . 
C 3 HOH 65  465 4   HOH HOH A . 
C 3 HOH 66  466 14  HOH HOH A . 
C 3 HOH 67  467 67  HOH HOH A . 
C 3 HOH 68  468 13  HOH HOH A . 
C 3 HOH 69  469 96  HOH HOH A . 
C 3 HOH 70  470 15  HOH HOH A . 
C 3 HOH 71  471 41  HOH HOH A . 
C 3 HOH 72  472 8   HOH HOH A . 
C 3 HOH 73  473 76  HOH HOH A . 
C 3 HOH 74  474 104 HOH HOH A . 
C 3 HOH 75  475 58  HOH HOH A . 
C 3 HOH 76  476 25  HOH HOH A . 
C 3 HOH 77  477 54  HOH HOH A . 
C 3 HOH 78  478 109 HOH HOH A . 
C 3 HOH 79  479 2   HOH HOH A . 
C 3 HOH 80  480 31  HOH HOH A . 
C 3 HOH 81  481 84  HOH HOH A . 
C 3 HOH 82  482 57  HOH HOH A . 
C 3 HOH 83  483 20  HOH HOH A . 
C 3 HOH 84  484 36  HOH HOH A . 
C 3 HOH 85  485 17  HOH HOH A . 
C 3 HOH 86  486 82  HOH HOH A . 
C 3 HOH 87  487 80  HOH HOH A . 
C 3 HOH 88  488 46  HOH HOH A . 
C 3 HOH 89  489 55  HOH HOH A . 
C 3 HOH 90  490 94  HOH HOH A . 
C 3 HOH 91  491 49  HOH HOH A . 
C 3 HOH 92  492 83  HOH HOH A . 
C 3 HOH 93  493 61  HOH HOH A . 
C 3 HOH 94  494 111 HOH HOH A . 
C 3 HOH 95  495 60  HOH HOH A . 
C 3 HOH 96  496 89  HOH HOH A . 
C 3 HOH 97  497 59  HOH HOH A . 
C 3 HOH 98  498 47  HOH HOH A . 
C 3 HOH 99  499 34  HOH HOH A . 
C 3 HOH 100 500 74  HOH HOH A . 
C 3 HOH 101 501 105 HOH HOH A . 
C 3 HOH 102 502 110 HOH HOH A . 
C 3 HOH 103 503 29  HOH HOH A . 
C 3 HOH 104 504 93  HOH HOH A . 
C 3 HOH 105 505 112 HOH HOH A . 
C 3 HOH 106 506 43  HOH HOH A . 
C 3 HOH 107 507 114 HOH HOH A . 
C 3 HOH 108 508 85  HOH HOH A . 
C 3 HOH 109 509 99  HOH HOH A . 
C 3 HOH 110 510 98  HOH HOH A . 
C 3 HOH 111 511 113 HOH HOH A . 
C 3 HOH 112 512 97  HOH HOH A . 
C 3 HOH 113 513 81  HOH HOH A . 
C 3 HOH 114 514 86  HOH HOH A . 
# 
loop_
_software.citation_id 
_software.classification 
_software.compiler_name 
_software.compiler_version 
_software.contact_author 
_software.contact_author_email 
_software.date 
_software.description 
_software.dependencies 
_software.hardware 
_software.language 
_software.location 
_software.mods 
_software.name 
_software.os 
_software.os_version 
_software.type 
_software.version 
_software.pdbx_ordinal 
? refinement       ? ? ? ? ? ? ? ? ? ? ? PHENIX   ? ? ? '(1.17.1_3660: ???)' 1 
? 'data reduction' ? ? ? ? ? ? ? ? ? ? ? autoPROC ? ? ? .                    2 
? 'data scaling'   ? ? ? ? ? ? ? ? ? ? ? Aimless  ? ? ? .                    3 
? phasing          ? ? ? ? ? ? ? ? ? ? ? PHASER   ? ? ? .                    4 
# 
_cell.angle_alpha                  90.00 
_cell.angle_alpha_esd              ? 
_cell.angle_beta                   90.00 
_cell.angle_beta_esd               ? 
_cell.angle_gamma                  90.00 
_cell.angle_gamma_esd              ? 
_cell.entry_id                     8PVW 
_cell.details                      ? 
_cell.formula_units_Z              ? 
_cell.length_a                     30.838 
_cell.length_a_esd                 ? 
_cell.length_b                     73.244 
_cell.length_b_esd                 ? 
_cell.length_c                     90.357 
_cell.length_c_esd                 ? 
_cell.volume                       ? 
_cell.volume_esd                   ? 
_cell.Z_PDB                        4 
_cell.reciprocal_angle_alpha       ? 
_cell.reciprocal_angle_beta        ? 
_cell.reciprocal_angle_gamma       ? 
_cell.reciprocal_angle_alpha_esd   ? 
_cell.reciprocal_angle_beta_esd    ? 
_cell.reciprocal_angle_gamma_esd   ? 
_cell.reciprocal_length_a          ? 
_cell.reciprocal_length_b          ? 
_cell.reciprocal_length_c          ? 
_cell.reciprocal_length_a_esd      ? 
_cell.reciprocal_length_b_esd      ? 
_cell.reciprocal_length_c_esd      ? 
_cell.pdbx_unique_axis             ? 
_cell.pdbx_esd_method              ? 
# 
_symmetry.entry_id                         8PVW 
_symmetry.cell_setting                     ? 
_symmetry.Int_Tables_number                18 
_symmetry.space_group_name_Hall            ? 
_symmetry.space_group_name_H-M             'P 2 21 21' 
_symmetry.pdbx_full_space_group_name_H-M   ? 
# 
_exptl.absorpt_coefficient_mu     ? 
_exptl.absorpt_correction_T_max   ? 
_exptl.absorpt_correction_T_min   ? 
_exptl.absorpt_correction_type    ? 
_exptl.absorpt_process_details    ? 
_exptl.entry_id                   8PVW 
_exptl.crystals_number            1 
_exptl.details                    ? 
_exptl.method                     'X-RAY DIFFRACTION' 
_exptl.method_details             ? 
# 
_exptl_crystal.colour                       ? 
_exptl_crystal.density_diffrn               ? 
_exptl_crystal.density_Matthews             2.49 
_exptl_crystal.density_method               ? 
_exptl_crystal.density_percent_sol          50 
_exptl_crystal.description                  Plate 
_exptl_crystal.F_000                        ? 
_exptl_crystal.id                           1 
_exptl_crystal.preparation                  ? 
_exptl_crystal.size_max                     ? 
_exptl_crystal.size_mid                     ? 
_exptl_crystal.size_min                     ? 
_exptl_crystal.size_rad                     ? 
_exptl_crystal.colour_lustre                ? 
_exptl_crystal.colour_modifier              ? 
_exptl_crystal.colour_primary               ? 
_exptl_crystal.density_meas                 ? 
_exptl_crystal.density_meas_esd             ? 
_exptl_crystal.density_meas_gt              ? 
_exptl_crystal.density_meas_lt              ? 
_exptl_crystal.density_meas_temp            ? 
_exptl_crystal.density_meas_temp_esd        ? 
_exptl_crystal.density_meas_temp_gt         ? 
_exptl_crystal.density_meas_temp_lt         ? 
_exptl_crystal.pdbx_crystal_image_url       ? 
_exptl_crystal.pdbx_crystal_image_format    ? 
_exptl_crystal.pdbx_mosaicity               ? 
_exptl_crystal.pdbx_mosaicity_esd           ? 
_exptl_crystal.pdbx_mosaic_method           ? 
_exptl_crystal.pdbx_mosaic_block_size       ? 
_exptl_crystal.pdbx_mosaic_block_size_esd   ? 
# 
_exptl_crystal_grow.apparatus       ? 
_exptl_crystal_grow.atmosphere      ? 
_exptl_crystal_grow.crystal_id      1 
_exptl_crystal_grow.details         ? 
_exptl_crystal_grow.method          'VAPOR DIFFUSION, SITTING DROP' 
_exptl_crystal_grow.method_ref      ? 
_exptl_crystal_grow.pH              8.0 
_exptl_crystal_grow.pressure        ? 
_exptl_crystal_grow.pressure_esd    ? 
_exptl_crystal_grow.seeding         ? 
_exptl_crystal_grow.seeding_ref     ? 
_exptl_crystal_grow.temp_details    ? 
_exptl_crystal_grow.temp_esd        ? 
_exptl_crystal_grow.time            ? 
_exptl_crystal_grow.pdbx_details    '30% PEG 4000, 0.2 M Ammonium sulfate' 
_exptl_crystal_grow.pdbx_pH_range   7.0-8.5 
_exptl_crystal_grow.temp            291 
# 
_diffrn.ambient_environment              ? 
_diffrn.ambient_temp                     100 
_diffrn.ambient_temp_details             ? 
_diffrn.ambient_temp_esd                 ? 
_diffrn.crystal_id                       1 
_diffrn.crystal_support                  ? 
_diffrn.crystal_treatment                ? 
_diffrn.details                          ? 
_diffrn.id                               1 
_diffrn.ambient_pressure                 ? 
_diffrn.ambient_pressure_esd             ? 
_diffrn.ambient_pressure_gt              ? 
_diffrn.ambient_pressure_lt              ? 
_diffrn.ambient_temp_gt                  ? 
_diffrn.ambient_temp_lt                  ? 
_diffrn.pdbx_serial_crystal_experiment   N 
# 
_diffrn_detector.details                      ? 
_diffrn_detector.detector                     PIXEL 
_diffrn_detector.diffrn_id                    1 
_diffrn_detector.type                         'DECTRIS EIGER X 4M' 
_diffrn_detector.area_resol_mean              ? 
_diffrn_detector.dtime                        ? 
_diffrn_detector.pdbx_frames_total            ? 
_diffrn_detector.pdbx_collection_time_total   ? 
_diffrn_detector.pdbx_collection_date         2023-07-08 
_diffrn_detector.pdbx_frequency               ? 
_diffrn_detector.id                           ? 
_diffrn_detector.number_of_axes               ? 
# 
_diffrn_radiation.collimation                      ? 
_diffrn_radiation.diffrn_id                        1 
_diffrn_radiation.filter_edge                      ? 
_diffrn_radiation.inhomogeneity                    ? 
_diffrn_radiation.monochromator                    ? 
_diffrn_radiation.polarisn_norm                    ? 
_diffrn_radiation.polarisn_ratio                   ? 
_diffrn_radiation.probe                            ? 
_diffrn_radiation.type                             ? 
_diffrn_radiation.xray_symbol                      ? 
_diffrn_radiation.wavelength_id                    1 
_diffrn_radiation.pdbx_monochromatic_or_laue_m_l   M 
_diffrn_radiation.pdbx_wavelength_list             ? 
_diffrn_radiation.pdbx_wavelength                  ? 
_diffrn_radiation.pdbx_diffrn_protocol             'SINGLE WAVELENGTH' 
_diffrn_radiation.pdbx_analyzer                    ? 
_diffrn_radiation.pdbx_scattering_type             x-ray 
# 
_diffrn_radiation_wavelength.id           1 
_diffrn_radiation_wavelength.wavelength   0.873 
_diffrn_radiation_wavelength.wt           1.0 
# 
_diffrn_source.current                     ? 
_diffrn_source.details                     ? 
_diffrn_source.diffrn_id                   1 
_diffrn_source.power                       ? 
_diffrn_source.size                        ? 
_diffrn_source.source                      SYNCHROTRON 
_diffrn_source.target                      ? 
_diffrn_source.type                        'ESRF BEAMLINE ID30B' 
_diffrn_source.voltage                     ? 
_diffrn_source.take-off_angle              ? 
_diffrn_source.pdbx_wavelength_list        0.873 
_diffrn_source.pdbx_wavelength             ? 
_diffrn_source.pdbx_synchrotron_beamline   ID30B 
_diffrn_source.pdbx_synchrotron_site       ESRF 
# 
_reflns.B_iso_Wilson_estimate                          18.36 
_reflns.entry_id                                       8PVW 
_reflns.data_reduction_details                         ? 
_reflns.data_reduction_method                          ? 
_reflns.d_resolution_high                              1.7 
_reflns.d_resolution_low                               58.45 
_reflns.details                                        ? 
_reflns.limit_h_max                                    ? 
_reflns.limit_h_min                                    ? 
_reflns.limit_k_max                                    ? 
_reflns.limit_k_min                                    ? 
_reflns.limit_l_max                                    ? 
_reflns.limit_l_min                                    ? 
_reflns.number_all                                     ? 
_reflns.number_obs                                     13571 
_reflns.observed_criterion                             ? 
_reflns.observed_criterion_F_max                       ? 
_reflns.observed_criterion_F_min                       ? 
_reflns.observed_criterion_I_max                       ? 
_reflns.observed_criterion_I_min                       ? 
_reflns.observed_criterion_sigma_F                     ? 
_reflns.observed_criterion_sigma_I                     ? 
_reflns.percent_possible_obs                           78.7 
_reflns.R_free_details                                 ? 
_reflns.Rmerge_F_all                                   ? 
_reflns.Rmerge_F_obs                                   ? 
_reflns.Friedel_coverage                               ? 
_reflns.number_gt                                      ? 
_reflns.threshold_expression                           ? 
_reflns.pdbx_redundancy                                10 
_reflns.pdbx_netI_over_av_sigmaI                       ? 
_reflns.pdbx_netI_over_sigmaI                          12.4 
_reflns.pdbx_res_netI_over_av_sigmaI_2                 ? 
_reflns.pdbx_res_netI_over_sigmaI_2                    ? 
_reflns.pdbx_chi_squared                               ? 
_reflns.pdbx_scaling_rejects                           ? 
_reflns.pdbx_d_res_high_opt                            ? 
_reflns.pdbx_d_res_low_opt                             ? 
_reflns.pdbx_d_res_opt_method                          ? 
_reflns.phase_calculation_details                      ? 
_reflns.pdbx_Rrim_I_all                                ? 
_reflns.pdbx_Rpim_I_all                                0.036 
_reflns.pdbx_d_opt                                     ? 
_reflns.pdbx_number_measured_all                       ? 
_reflns.pdbx_diffrn_id                                 1 
_reflns.pdbx_ordinal                                   1 
_reflns.pdbx_CC_half                                   0.988 
_reflns.pdbx_CC_star                                   0.988 
_reflns.pdbx_R_split                                   ? 
_reflns.pdbx_Rmerge_I_obs                              0.092 
_reflns.pdbx_Rmerge_I_all                              ? 
_reflns.pdbx_Rsym_value                                ? 
_reflns.pdbx_CC_split_method                           ? 
_reflns.pdbx_aniso_diffraction_limit_axis_1_ortho[1]   ? 
_reflns.pdbx_aniso_diffraction_limit_axis_1_ortho[2]   ? 
_reflns.pdbx_aniso_diffraction_limit_axis_1_ortho[3]   ? 
_reflns.pdbx_aniso_diffraction_limit_axis_2_ortho[1]   ? 
_reflns.pdbx_aniso_diffraction_limit_axis_2_ortho[2]   ? 
_reflns.pdbx_aniso_diffraction_limit_axis_2_ortho[3]   ? 
_reflns.pdbx_aniso_diffraction_limit_axis_3_ortho[1]   ? 
_reflns.pdbx_aniso_diffraction_limit_axis_3_ortho[2]   ? 
_reflns.pdbx_aniso_diffraction_limit_axis_3_ortho[3]   ? 
_reflns.pdbx_aniso_diffraction_limit_1                 ? 
_reflns.pdbx_aniso_diffraction_limit_2                 ? 
_reflns.pdbx_aniso_diffraction_limit_3                 ? 
_reflns.pdbx_aniso_B_tensor_eigenvector_1_ortho[1]     ? 
_reflns.pdbx_aniso_B_tensor_eigenvector_1_ortho[2]     ? 
_reflns.pdbx_aniso_B_tensor_eigenvector_1_ortho[3]     ? 
_reflns.pdbx_aniso_B_tensor_eigenvector_2_ortho[1]     ? 
_reflns.pdbx_aniso_B_tensor_eigenvector_2_ortho[2]     ? 
_reflns.pdbx_aniso_B_tensor_eigenvector_2_ortho[3]     ? 
_reflns.pdbx_aniso_B_tensor_eigenvector_3_ortho[1]     ? 
_reflns.pdbx_aniso_B_tensor_eigenvector_3_ortho[2]     ? 
_reflns.pdbx_aniso_B_tensor_eigenvector_3_ortho[3]     ? 
_reflns.pdbx_aniso_B_tensor_eigenvalue_1               ? 
_reflns.pdbx_aniso_B_tensor_eigenvalue_2               ? 
_reflns.pdbx_aniso_B_tensor_eigenvalue_3               ? 
_reflns.pdbx_orthogonalization_convention              ? 
_reflns.pdbx_percent_possible_ellipsoidal              ? 
_reflns.pdbx_percent_possible_spherical                ? 
_reflns.pdbx_percent_possible_ellipsoidal_anomalous    ? 
_reflns.pdbx_percent_possible_spherical_anomalous      ? 
_reflns.pdbx_redundancy_anomalous                      ? 
_reflns.pdbx_CC_half_anomalous                         ? 
_reflns.pdbx_absDiff_over_sigma_anomalous              ? 
_reflns.pdbx_percent_possible_anomalous                ? 
_reflns.pdbx_observed_signal_threshold                 ? 
_reflns.pdbx_signal_type                               ? 
_reflns.pdbx_signal_details                            ? 
_reflns.pdbx_signal_software_id                        ? 
# 
_reflns_shell.d_res_high                                    1.955 
_reflns_shell.d_res_low                                     2.5 
_reflns_shell.meanI_over_sigI_all                           ? 
_reflns_shell.meanI_over_sigI_obs                           ? 
_reflns_shell.number_measured_all                           ? 
_reflns_shell.number_measured_obs                           ? 
_reflns_shell.number_possible                               ? 
_reflns_shell.number_unique_all                             ? 
_reflns_shell.number_unique_obs                             13571 
_reflns_shell.percent_possible_obs                          ? 
_reflns_shell.Rmerge_F_all                                  ? 
_reflns_shell.Rmerge_F_obs                                  ? 
_reflns_shell.meanI_over_sigI_gt                            ? 
_reflns_shell.meanI_over_uI_all                             ? 
_reflns_shell.meanI_over_uI_gt                              ? 
_reflns_shell.number_measured_gt                            ? 
_reflns_shell.number_unique_gt                              ? 
_reflns_shell.percent_possible_gt                           ? 
_reflns_shell.Rmerge_F_gt                                   ? 
_reflns_shell.Rmerge_I_gt                                   ? 
_reflns_shell.pdbx_redundancy                               ? 
_reflns_shell.pdbx_chi_squared                              ? 
_reflns_shell.pdbx_netI_over_sigmaI_all                     ? 
_reflns_shell.pdbx_netI_over_sigmaI_obs                     ? 
_reflns_shell.pdbx_Rrim_I_all                               ? 
_reflns_shell.pdbx_Rpim_I_all                               ? 
_reflns_shell.pdbx_rejects                                  ? 
_reflns_shell.pdbx_ordinal                                  1 
_reflns_shell.pdbx_diffrn_id                                1 
_reflns_shell.pdbx_CC_half                                  0.988 
_reflns_shell.pdbx_CC_star                                  ? 
_reflns_shell.pdbx_R_split                                  ? 
_reflns_shell.percent_possible_all                          ? 
_reflns_shell.Rmerge_I_all                                  ? 
_reflns_shell.Rmerge_I_obs                                  ? 
_reflns_shell.pdbx_Rsym_value                               ? 
_reflns_shell.pdbx_percent_possible_ellipsoidal             ? 
_reflns_shell.pdbx_percent_possible_spherical               ? 
_reflns_shell.pdbx_percent_possible_ellipsoidal_anomalous   ? 
_reflns_shell.pdbx_percent_possible_spherical_anomalous     ? 
_reflns_shell.pdbx_redundancy_anomalous                     ? 
_reflns_shell.pdbx_CC_half_anomalous                        ? 
_reflns_shell.pdbx_absDiff_over_sigma_anomalous             ? 
_reflns_shell.pdbx_percent_possible_anomalous               ? 
# 
_refine.aniso_B[1][1]                            ? 
_refine.aniso_B[1][2]                            ? 
_refine.aniso_B[1][3]                            ? 
_refine.aniso_B[2][2]                            ? 
_refine.aniso_B[2][3]                            ? 
_refine.aniso_B[3][3]                            ? 
_refine.B_iso_max                                ? 
_refine.B_iso_mean                               ? 
_refine.B_iso_min                                ? 
_refine.correlation_coeff_Fo_to_Fc               ? 
_refine.correlation_coeff_Fo_to_Fc_free          ? 
_refine.details                                  ? 
_refine.diff_density_max                         ? 
_refine.diff_density_max_esd                     ? 
_refine.diff_density_min                         ? 
_refine.diff_density_min_esd                     ? 
_refine.diff_density_rms                         ? 
_refine.diff_density_rms_esd                     ? 
_refine.entry_id                                 8PVW 
_refine.pdbx_refine_id                           'X-RAY DIFFRACTION' 
_refine.ls_abs_structure_details                 ? 
_refine.ls_abs_structure_Flack                   ? 
_refine.ls_abs_structure_Flack_esd               ? 
_refine.ls_abs_structure_Rogers                  ? 
_refine.ls_abs_structure_Rogers_esd              ? 
_refine.ls_d_res_high                            2.00 
_refine.ls_d_res_low                             38.45 
_refine.ls_extinction_coef                       ? 
_refine.ls_extinction_coef_esd                   ? 
_refine.ls_extinction_expression                 ? 
_refine.ls_extinction_method                     ? 
_refine.ls_goodness_of_fit_all                   ? 
_refine.ls_goodness_of_fit_all_esd               ? 
_refine.ls_goodness_of_fit_obs                   ? 
_refine.ls_goodness_of_fit_obs_esd               ? 
_refine.ls_hydrogen_treatment                    ? 
_refine.ls_matrix_type                           ? 
_refine.ls_number_constraints                    ? 
_refine.ls_number_parameters                     ? 
_refine.ls_number_reflns_all                     ? 
_refine.ls_number_reflns_obs                     12390 
_refine.ls_number_reflns_R_free                  620 
_refine.ls_number_reflns_R_work                  ? 
_refine.ls_number_restraints                     ? 
_refine.ls_percent_reflns_obs                    85.50 
_refine.ls_percent_reflns_R_free                 5.00 
_refine.ls_R_factor_all                          ? 
_refine.ls_R_factor_obs                          0.1859 
_refine.ls_R_factor_R_free                       0.2344 
_refine.ls_R_factor_R_free_error                 ? 
_refine.ls_R_factor_R_free_error_details         ? 
_refine.ls_R_factor_R_work                       0.1834 
_refine.ls_R_Fsqd_factor_obs                     ? 
_refine.ls_R_I_factor_obs                        ? 
_refine.ls_redundancy_reflns_all                 ? 
_refine.ls_redundancy_reflns_obs                 ? 
_refine.ls_restrained_S_all                      ? 
_refine.ls_restrained_S_obs                      ? 
_refine.ls_shift_over_esd_max                    ? 
_refine.ls_shift_over_esd_mean                   ? 
_refine.ls_structure_factor_coef                 ? 
_refine.ls_weighting_details                     ? 
_refine.ls_weighting_scheme                      ? 
_refine.ls_wR_factor_all                         ? 
_refine.ls_wR_factor_obs                         ? 
_refine.ls_wR_factor_R_free                      ? 
_refine.ls_wR_factor_R_work                      ? 
_refine.occupancy_max                            ? 
_refine.occupancy_min                            ? 
_refine.solvent_model_details                    'FLAT BULK SOLVENT MODEL' 
_refine.solvent_model_param_bsol                 ? 
_refine.solvent_model_param_ksol                 ? 
_refine.pdbx_R_complete                          ? 
_refine.ls_R_factor_gt                           ? 
_refine.ls_goodness_of_fit_gt                    ? 
_refine.ls_goodness_of_fit_ref                   ? 
_refine.ls_shift_over_su_max                     ? 
_refine.ls_shift_over_su_max_lt                  ? 
_refine.ls_shift_over_su_mean                    ? 
_refine.ls_shift_over_su_mean_lt                 ? 
_refine.pdbx_ls_sigma_I                          ? 
_refine.pdbx_ls_sigma_F                          1.35 
_refine.pdbx_ls_sigma_Fsqd                       ? 
_refine.pdbx_data_cutoff_high_absF               ? 
_refine.pdbx_data_cutoff_high_rms_absF           ? 
_refine.pdbx_data_cutoff_low_absF                ? 
_refine.pdbx_isotropic_thermal_model             ? 
_refine.pdbx_ls_cross_valid_method               'FREE R-VALUE' 
_refine.pdbx_method_to_determine_struct          'MOLECULAR REPLACEMENT' 
_refine.pdbx_starting_model                      ? 
_refine.pdbx_stereochemistry_target_values       ML 
_refine.pdbx_R_Free_selection_details            ? 
_refine.pdbx_stereochem_target_val_spec_case     ? 
_refine.pdbx_overall_ESU_R                       ? 
_refine.pdbx_overall_ESU_R_Free                  ? 
_refine.pdbx_solvent_vdw_probe_radii             1.11 
_refine.pdbx_solvent_ion_probe_radii             ? 
_refine.pdbx_solvent_shrinkage_radii             0.90 
_refine.pdbx_real_space_R                        ? 
_refine.pdbx_density_correlation                 ? 
_refine.pdbx_pd_number_of_powder_patterns        ? 
_refine.pdbx_pd_number_of_points                 ? 
_refine.pdbx_pd_meas_number_of_points            ? 
_refine.pdbx_pd_proc_ls_prof_R_factor            ? 
_refine.pdbx_pd_proc_ls_prof_wR_factor           ? 
_refine.pdbx_pd_Marquardt_correlation_coeff      ? 
_refine.pdbx_pd_Fsqrd_R_factor                   ? 
_refine.pdbx_pd_ls_matrix_band_width             ? 
_refine.pdbx_overall_phase_error                 26.08 
_refine.pdbx_overall_SU_R_free_Cruickshank_DPI   ? 
_refine.pdbx_overall_SU_R_free_Blow_DPI          ? 
_refine.pdbx_overall_SU_R_Blow_DPI               ? 
_refine.pdbx_TLS_residual_ADP_flag               ? 
_refine.pdbx_diffrn_id                           1 
_refine.overall_SU_B                             ? 
_refine.overall_SU_ML                            0.27 
_refine.overall_SU_R_Cruickshank_DPI             ? 
_refine.overall_SU_R_free                        ? 
_refine.overall_FOM_free_R_set                   ? 
_refine.overall_FOM_work_R_set                   ? 
_refine.pdbx_average_fsc_overall                 ? 
_refine.pdbx_average_fsc_work                    ? 
_refine.pdbx_average_fsc_free                    ? 
# 
_refine_hist.pdbx_refine_id                   'X-RAY DIFFRACTION' 
_refine_hist.cycle_id                         LAST 
_refine_hist.details                          ? 
_refine_hist.d_res_high                       2.00 
_refine_hist.d_res_low                        38.45 
_refine_hist.number_atoms_solvent             114 
_refine_hist.number_atoms_total               1609 
_refine_hist.number_reflns_all                ? 
_refine_hist.number_reflns_obs                ? 
_refine_hist.number_reflns_R_free             ? 
_refine_hist.number_reflns_R_work             ? 
_refine_hist.R_factor_all                     ? 
_refine_hist.R_factor_obs                     ? 
_refine_hist.R_factor_R_free                  ? 
_refine_hist.R_factor_R_work                  ? 
_refine_hist.pdbx_number_residues_total       ? 
_refine_hist.pdbx_B_iso_mean_ligand           ? 
_refine_hist.pdbx_B_iso_mean_solvent          ? 
_refine_hist.pdbx_number_atoms_protein        1438 
_refine_hist.pdbx_number_atoms_nucleic_acid   0 
_refine_hist.pdbx_number_atoms_ligand         57 
_refine_hist.pdbx_number_atoms_lipid          ? 
_refine_hist.pdbx_number_atoms_carb           ? 
_refine_hist.pdbx_pseudo_atom_details         ? 
# 
loop_
_refine_ls_restr.pdbx_refine_id 
_refine_ls_restr.criterion 
_refine_ls_restr.dev_ideal 
_refine_ls_restr.dev_ideal_target 
_refine_ls_restr.number 
_refine_ls_restr.rejects 
_refine_ls_restr.type 
_refine_ls_restr.weight 
_refine_ls_restr.pdbx_restraint_function 
'X-RAY DIFFRACTION' ? 0.014  ? 1525 ? f_bond_d           ? ? 
'X-RAY DIFFRACTION' ? 1.725  ? 2069 ? f_angle_d          ? ? 
'X-RAY DIFFRACTION' ? 21.184 ? 238  ? f_dihedral_angle_d ? ? 
'X-RAY DIFFRACTION' ? 0.062  ? 232  ? f_chiral_restr     ? ? 
'X-RAY DIFFRACTION' ? 0.008  ? 262  ? f_plane_restr      ? ? 
# 
loop_
_refine_ls_shell.pdbx_refine_id 
_refine_ls_shell.d_res_high 
_refine_ls_shell.d_res_low 
_refine_ls_shell.number_reflns_all 
_refine_ls_shell.number_reflns_obs 
_refine_ls_shell.number_reflns_R_free 
_refine_ls_shell.number_reflns_R_work 
_refine_ls_shell.percent_reflns_obs 
_refine_ls_shell.percent_reflns_R_free 
_refine_ls_shell.R_factor_all 
_refine_ls_shell.R_factor_obs 
_refine_ls_shell.R_factor_R_free_error 
_refine_ls_shell.R_factor_R_work 
_refine_ls_shell.redundancy_reflns_all 
_refine_ls_shell.redundancy_reflns_obs 
_refine_ls_shell.wR_factor_all 
_refine_ls_shell.wR_factor_obs 
_refine_ls_shell.wR_factor_R_free 
_refine_ls_shell.wR_factor_R_work 
_refine_ls_shell.pdbx_R_complete 
_refine_ls_shell.pdbx_total_number_of_bins_used 
_refine_ls_shell.pdbx_phase_error 
_refine_ls_shell.pdbx_fsc_work 
_refine_ls_shell.pdbx_fsc_free 
_refine_ls_shell.R_factor_R_free 
'X-RAY DIFFRACTION' 2.00 2.20  . . 104 2031 60.00 . . . . 0.2413 . . . . . . . . . . . 0.2952 
'X-RAY DIFFRACTION' 2.20 2.52  . . 143 3087 91.00 . . . . 0.1986 . . . . . . . . . . . 0.2787 
'X-RAY DIFFRACTION' 2.52 3.17  . . 196 3288 97.00 . . . . 0.2003 . . . . . . . . . . . 0.2602 
'X-RAY DIFFRACTION' 3.17 38.45 . . 177 3365 94.00 . . . . 0.1641 . . . . . . . . . . . 0.2034 
# 
_struct.entry_id                     8PVW 
_struct.title                        'Structure of a short E. coli adenylate kinase in complex with Ap5A' 
_struct.pdbx_model_details           ? 
_struct.pdbx_formula_weight          ? 
_struct.pdbx_formula_weight_method   ? 
_struct.pdbx_model_type_details      ? 
_struct.pdbx_CASP_flag               N 
# 
_struct_keywords.entry_id        8PVW 
_struct_keywords.text            'P-loop nucleotide/nucleoside kinase-like, SIGNALING PROTEIN' 
_struct_keywords.pdbx_keywords   'SIGNALING PROTEIN' 
# 
loop_
_struct_asym.id 
_struct_asym.pdbx_blank_PDB_chainid_flag 
_struct_asym.pdbx_modified 
_struct_asym.entity_id 
_struct_asym.details 
A N N 1 ? 
B N N 2 ? 
C N N 3 ? 
# 
_struct_ref.id                         1 
_struct_ref.db_name                    PDB 
_struct_ref.db_code                    8PVW 
_struct_ref.pdbx_db_accession          8PVW 
_struct_ref.pdbx_db_isoform            ? 
_struct_ref.entity_id                  1 
_struct_ref.pdbx_seq_one_letter_code   ? 
_struct_ref.pdbx_align_begin           1 
# 
_struct_ref_seq.align_id                      1 
_struct_ref_seq.ref_id                        1 
_struct_ref_seq.pdbx_PDB_id_code              8PVW 
_struct_ref_seq.pdbx_strand_id                A 
_struct_ref_seq.seq_align_beg                 1 
_struct_ref_seq.pdbx_seq_align_beg_ins_code   ? 
_struct_ref_seq.seq_align_end                 187 
_struct_ref_seq.pdbx_seq_align_end_ins_code   ? 
_struct_ref_seq.pdbx_db_accession             8PVW 
_struct_ref_seq.db_align_beg                  1 
_struct_ref_seq.pdbx_db_align_beg_ins_code    ? 
_struct_ref_seq.db_align_end                  187 
_struct_ref_seq.pdbx_db_align_end_ins_code    ? 
_struct_ref_seq.pdbx_auth_seq_align_beg       1 
_struct_ref_seq.pdbx_auth_seq_align_end       187 
# 
_pdbx_struct_assembly.id                   1 
_pdbx_struct_assembly.details              author_and_software_defined_assembly 
_pdbx_struct_assembly.method_details       PISA 
_pdbx_struct_assembly.oligomeric_details   monomeric 
_pdbx_struct_assembly.oligomeric_count     1 
# 
loop_
_pdbx_struct_assembly_prop.biol_id 
_pdbx_struct_assembly_prop.type 
_pdbx_struct_assembly_prop.value 
_pdbx_struct_assembly_prop.details 
1 'ABSA (A^2)' 1390 ? 
1 MORE         -6   ? 
1 'SSA (A^2)'  9430 ? 
# 
_pdbx_struct_assembly_gen.assembly_id       1 
_pdbx_struct_assembly_gen.oper_expression   1 
_pdbx_struct_assembly_gen.asym_id_list      A,B,C 
# 
_pdbx_struct_assembly_auth_evidence.id                     1 
_pdbx_struct_assembly_auth_evidence.assembly_id            1 
_pdbx_struct_assembly_auth_evidence.experimental_support   'NMR Distance Restraints' 
_pdbx_struct_assembly_auth_evidence.details                ? 
# 
_pdbx_struct_oper_list.id                   1 
_pdbx_struct_oper_list.type                 'identity operation' 
_pdbx_struct_oper_list.name                 1_555 
_pdbx_struct_oper_list.symmetry_operation   x,y,z 
_pdbx_struct_oper_list.matrix[1][1]         1.0000000000 
_pdbx_struct_oper_list.matrix[1][2]         0.0000000000 
_pdbx_struct_oper_list.matrix[1][3]         0.0000000000 
_pdbx_struct_oper_list.vector[1]            0.0000000000 
_pdbx_struct_oper_list.matrix[2][1]         0.0000000000 
_pdbx_struct_oper_list.matrix[2][2]         1.0000000000 
_pdbx_struct_oper_list.matrix[2][3]         0.0000000000 
_pdbx_struct_oper_list.vector[2]            0.0000000000 
_pdbx_struct_oper_list.matrix[3][1]         0.0000000000 
_pdbx_struct_oper_list.matrix[3][2]         0.0000000000 
_pdbx_struct_oper_list.matrix[3][3]         1.0000000000 
_pdbx_struct_oper_list.vector[3]            0.0000000000 
# 
loop_
_struct_conf.conf_type_id 
_struct_conf.id 
_struct_conf.pdbx_PDB_helix_id 
_struct_conf.beg_label_comp_id 
_struct_conf.beg_label_asym_id 
_struct_conf.beg_label_seq_id 
_struct_conf.pdbx_beg_PDB_ins_code 
_struct_conf.end_label_comp_id 
_struct_conf.end_label_asym_id 
_struct_conf.end_label_seq_id 
_struct_conf.pdbx_end_PDB_ins_code 
_struct_conf.beg_auth_comp_id 
_struct_conf.beg_auth_asym_id 
_struct_conf.beg_auth_seq_id 
_struct_conf.end_auth_comp_id 
_struct_conf.end_auth_asym_id 
_struct_conf.end_auth_seq_id 
_struct_conf.pdbx_PDB_helix_class 
_struct_conf.details 
_struct_conf.pdbx_PDB_helix_length 
HELX_P HELX_P1  AA1 GLY A 12  ? GLY A 25  ? GLY A 12  GLY A 25  1 ? 14 
HELX_P HELX_P2  AA2 THR A 31  ? GLY A 42  ? THR A 31  GLY A 42  1 ? 12 
HELX_P HELX_P3  AA3 GLN A 48  ? ALA A 55  ? GLN A 48  ALA A 55  1 ? 8  
HELX_P HELX_P4  AA4 THR A 60  ? ALA A 73  ? THR A 60  ALA A 73  1 ? 14 
HELX_P HELX_P5  AA5 GLN A 74  ? ARG A 78  ? GLN A 74  ARG A 78  5 ? 5  
HELX_P HELX_P6  AA6 THR A 89  ? ALA A 99  ? THR A 89  ALA A 99  1 ? 11 
HELX_P HELX_P7  AA7 PRO A 112 ? GLY A 128 ? PRO A 112 GLY A 128 1 ? 17 
HELX_P HELX_P8  AA8 ARG A 129 ? ASP A 132 ? ARG A 129 ASP A 132 5 ? 4  
HELX_P HELX_P9  AA9 ASN A 133 ? THR A 148 ? ASN A 133 THR A 148 1 ? 16 
HELX_P HELX_P10 AB1 ALA A 149 ? ALA A 161 ? ALA A 149 ALA A 161 1 ? 13 
HELX_P HELX_P11 AB2 PRO A 174 ? GLY A 187 ? PRO A 174 GLY A 187 1 ? 14 
# 
_struct_conf_type.id          HELX_P 
_struct_conf_type.criteria    ? 
_struct_conf_type.reference   ? 
# 
_struct_mon_prot_cis.pdbx_id                1 
_struct_mon_prot_cis.label_comp_id          PHE 
_struct_mon_prot_cis.label_seq_id           86 
_struct_mon_prot_cis.label_asym_id          A 
_struct_mon_prot_cis.label_alt_id           . 
_struct_mon_prot_cis.pdbx_PDB_ins_code      ? 
_struct_mon_prot_cis.auth_comp_id           PHE 
_struct_mon_prot_cis.auth_seq_id            86 
_struct_mon_prot_cis.auth_asym_id           A 
_struct_mon_prot_cis.pdbx_label_comp_id_2   PRO 
_struct_mon_prot_cis.pdbx_label_seq_id_2    87 
_struct_mon_prot_cis.pdbx_label_asym_id_2   A 
_struct_mon_prot_cis.pdbx_PDB_ins_code_2    ? 
_struct_mon_prot_cis.pdbx_auth_comp_id_2    PRO 
_struct_mon_prot_cis.pdbx_auth_seq_id_2     87 
_struct_mon_prot_cis.pdbx_auth_asym_id_2    A 
_struct_mon_prot_cis.pdbx_PDB_model_num     1 
_struct_mon_prot_cis.pdbx_omega_angle       -7.98 
# 
_struct_sheet.id               AA1 
_struct_sheet.type             ? 
_struct_sheet.number_strands   5 
_struct_sheet.details          ? 
# 
loop_
_struct_sheet_order.sheet_id 
_struct_sheet_order.range_id_1 
_struct_sheet_order.range_id_2 
_struct_sheet_order.offset 
_struct_sheet_order.sense 
AA1 1 2 ? parallel 
AA1 2 3 ? parallel 
AA1 3 4 ? parallel 
AA1 4 5 ? parallel 
# 
loop_
_struct_sheet_range.sheet_id 
_struct_sheet_range.id 
_struct_sheet_range.beg_label_comp_id 
_struct_sheet_range.beg_label_asym_id 
_struct_sheet_range.beg_label_seq_id 
_struct_sheet_range.pdbx_beg_PDB_ins_code 
_struct_sheet_range.end_label_comp_id 
_struct_sheet_range.end_label_asym_id 
_struct_sheet_range.end_label_seq_id 
_struct_sheet_range.pdbx_end_PDB_ins_code 
_struct_sheet_range.beg_auth_comp_id 
_struct_sheet_range.beg_auth_asym_id 
_struct_sheet_range.beg_auth_seq_id 
_struct_sheet_range.end_auth_comp_id 
_struct_sheet_range.end_auth_asym_id 
_struct_sheet_range.end_auth_seq_id 
AA1 1 GLN A 28  ? SER A 30  ? GLN A 28  SER A 30  
AA1 2 PHE A 81  ? ASP A 84  ? PHE A 81  ASP A 84  
AA1 3 ARG A 2   ? GLY A 7   ? ARG A 2   GLY A 7   
AA1 4 TYR A 105 ? ASP A 110 ? TYR A 105 ASP A 110 
AA1 5 LYS A 165 ? ASP A 170 ? LYS A 165 ASP A 170 
# 
loop_
_pdbx_struct_sheet_hbond.sheet_id 
_pdbx_struct_sheet_hbond.range_id_1 
_pdbx_struct_sheet_hbond.range_id_2 
_pdbx_struct_sheet_hbond.range_1_label_atom_id 
_pdbx_struct_sheet_hbond.range_1_label_comp_id 
_pdbx_struct_sheet_hbond.range_1_label_asym_id 
_pdbx_struct_sheet_hbond.range_1_label_seq_id 
_pdbx_struct_sheet_hbond.range_1_PDB_ins_code 
_pdbx_struct_sheet_hbond.range_1_auth_atom_id 
_pdbx_struct_sheet_hbond.range_1_auth_comp_id 
_pdbx_struct_sheet_hbond.range_1_auth_asym_id 
_pdbx_struct_sheet_hbond.range_1_auth_seq_id 
_pdbx_struct_sheet_hbond.range_2_label_atom_id 
_pdbx_struct_sheet_hbond.range_2_label_comp_id 
_pdbx_struct_sheet_hbond.range_2_label_asym_id 
_pdbx_struct_sheet_hbond.range_2_label_seq_id 
_pdbx_struct_sheet_hbond.range_2_PDB_ins_code 
_pdbx_struct_sheet_hbond.range_2_auth_atom_id 
_pdbx_struct_sheet_hbond.range_2_auth_comp_id 
_pdbx_struct_sheet_hbond.range_2_auth_asym_id 
_pdbx_struct_sheet_hbond.range_2_auth_seq_id 
AA1 1 2 N ILE A 29  ? N ILE A 29  O LEU A 82  ? O LEU A 82  
AA1 2 3 O LEU A 83  ? O LEU A 83  N ILE A 3   ? N ILE A 3   
AA1 3 4 N LEU A 6   ? N LEU A 6   O LEU A 107 ? O LEU A 107 
AA1 4 5 N GLU A 108 ? N GLU A 108 O ALA A 167 ? O ALA A 167 
# 
_pdbx_entry_details.entry_id                   8PVW 
_pdbx_entry_details.nonpolymer_details         ? 
_pdbx_entry_details.sequence_details           ? 
_pdbx_entry_details.compound_details           ? 
_pdbx_entry_details.source_details             ? 
_pdbx_entry_details.has_ligand_of_interest     Y 
_pdbx_entry_details.has_protein_modification   N 
# 
loop_
_chem_comp_atom.comp_id 
_chem_comp_atom.atom_id 
_chem_comp_atom.type_symbol 
_chem_comp_atom.pdbx_aromatic_flag 
_chem_comp_atom.pdbx_stereo_config 
_chem_comp_atom.pdbx_ordinal 
ALA N    N N N 1   
ALA CA   C N S 2   
ALA C    C N N 3   
ALA O    O N N 4   
ALA CB   C N N 5   
ALA OXT  O N N 6   
ALA H    H N N 7   
ALA H2   H N N 8   
ALA HA   H N N 9   
ALA HB1  H N N 10  
ALA HB2  H N N 11  
ALA HB3  H N N 12  
ALA HXT  H N N 13  
AP5 PA   P N S 14  
AP5 O1A  O N N 15  
AP5 O2A  O N N 16  
AP5 O3A  O N N 17  
AP5 PB   P N S 18  
AP5 O1B  O N N 19  
AP5 O2B  O N N 20  
AP5 O3B  O N N 21  
AP5 PG   P N N 22  
AP5 O1G  O N N 23  
AP5 O2G  O N N 24  
AP5 O3G  O N N 25  
AP5 PD   P N S 26  
AP5 O1D  O N N 27  
AP5 O2D  O N N 28  
AP5 O3D  O N N 29  
AP5 PE   P N S 30  
AP5 O1E  O N N 31  
AP5 O2E  O N N 32  
AP5 O5F  O N N 33  
AP5 C5F  C N N 34  
AP5 C4F  C N R 35  
AP5 O4F  O N N 36  
AP5 C3F  C N S 37  
AP5 O3F  O N N 38  
AP5 C2F  C N R 39  
AP5 O2F  O N N 40  
AP5 C1F  C N R 41  
AP5 N9A  N Y N 42  
AP5 C8A  C Y N 43  
AP5 N7A  N Y N 44  
AP5 C5A  C Y N 45  
AP5 C6A  C Y N 46  
AP5 N6A  N N N 47  
AP5 N1A  N Y N 48  
AP5 C2A  C Y N 49  
AP5 N3A  N Y N 50  
AP5 C4A  C Y N 51  
AP5 O5J  O N N 52  
AP5 C5J  C N N 53  
AP5 C4J  C N R 54  
AP5 O4J  O N N 55  
AP5 C3J  C N S 56  
AP5 O3J  O N N 57  
AP5 C2J  C N R 58  
AP5 O2J  O N N 59  
AP5 C1J  C N R 60  
AP5 N9B  N Y N 61  
AP5 C8B  C Y N 62  
AP5 N7B  N Y N 63  
AP5 C5B  C Y N 64  
AP5 C6B  C Y N 65  
AP5 N6B  N N N 66  
AP5 N1B  N Y N 67  
AP5 C2B  C Y N 68  
AP5 N3B  N Y N 69  
AP5 C4B  C Y N 70  
AP5 HOA2 H N N 71  
AP5 HOB2 H N N 72  
AP5 HOG2 H N N 73  
AP5 HOD2 H N N 74  
AP5 HOE2 H N N 75  
AP5 H51A H N N 76  
AP5 H52A H N N 77  
AP5 H4F  H N N 78  
AP5 H3F  H N N 79  
AP5 HO3A H N N 80  
AP5 H2F  H N N 81  
AP5 HO2A H N N 82  
AP5 H1F  H N N 83  
AP5 H8A  H N N 84  
AP5 H61A H N N 85  
AP5 H62A H N N 86  
AP5 H2A  H N N 87  
AP5 H51B H N N 88  
AP5 H52B H N N 89  
AP5 H4J  H N N 90  
AP5 H3J  H N N 91  
AP5 HO3B H N N 92  
AP5 H2J  H N N 93  
AP5 HO2B H N N 94  
AP5 H1J  H N N 95  
AP5 H8B  H N N 96  
AP5 H61B H N N 97  
AP5 H62B H N N 98  
AP5 H2B  H N N 99  
ARG N    N N N 100 
ARG CA   C N S 101 
ARG C    C N N 102 
ARG O    O N N 103 
ARG CB   C N N 104 
ARG CG   C N N 105 
ARG CD   C N N 106 
ARG NE   N N N 107 
ARG CZ   C N N 108 
ARG NH1  N N N 109 
ARG NH2  N N N 110 
ARG OXT  O N N 111 
ARG H    H N N 112 
ARG H2   H N N 113 
ARG HA   H N N 114 
ARG HB2  H N N 115 
ARG HB3  H N N 116 
ARG HG2  H N N 117 
ARG HG3  H N N 118 
ARG HD2  H N N 119 
ARG HD3  H N N 120 
ARG HE   H N N 121 
ARG HH11 H N N 122 
ARG HH12 H N N 123 
ARG HH21 H N N 124 
ARG HH22 H N N 125 
ARG HXT  H N N 126 
ASN N    N N N 127 
ASN CA   C N S 128 
ASN C    C N N 129 
ASN O    O N N 130 
ASN CB   C N N 131 
ASN CG   C N N 132 
ASN OD1  O N N 133 
ASN ND2  N N N 134 
ASN OXT  O N N 135 
ASN H    H N N 136 
ASN H2   H N N 137 
ASN HA   H N N 138 
ASN HB2  H N N 139 
ASN HB3  H N N 140 
ASN HD21 H N N 141 
ASN HD22 H N N 142 
ASN HXT  H N N 143 
ASP N    N N N 144 
ASP CA   C N S 145 
ASP C    C N N 146 
ASP O    O N N 147 
ASP CB   C N N 148 
ASP CG   C N N 149 
ASP OD1  O N N 150 
ASP OD2  O N N 151 
ASP OXT  O N N 152 
ASP H    H N N 153 
ASP H2   H N N 154 
ASP HA   H N N 155 
ASP HB2  H N N 156 
ASP HB3  H N N 157 
ASP HD2  H N N 158 
ASP HXT  H N N 159 
CYS N    N N N 160 
CYS CA   C N R 161 
CYS C    C N N 162 
CYS O    O N N 163 
CYS CB   C N N 164 
CYS SG   S N N 165 
CYS OXT  O N N 166 
CYS H    H N N 167 
CYS H2   H N N 168 
CYS HA   H N N 169 
CYS HB2  H N N 170 
CYS HB3  H N N 171 
CYS HG   H N N 172 
CYS HXT  H N N 173 
GLN N    N N N 174 
GLN CA   C N S 175 
GLN C    C N N 176 
GLN O    O N N 177 
GLN CB   C N N 178 
GLN CG   C N N 179 
GLN CD   C N N 180 
GLN OE1  O N N 181 
GLN NE2  N N N 182 
GLN OXT  O N N 183 
GLN H    H N N 184 
GLN H2   H N N 185 
GLN HA   H N N 186 
GLN HB2  H N N 187 
GLN HB3  H N N 188 
GLN HG2  H N N 189 
GLN HG3  H N N 190 
GLN HE21 H N N 191 
GLN HE22 H N N 192 
GLN HXT  H N N 193 
GLU N    N N N 194 
GLU CA   C N S 195 
GLU C    C N N 196 
GLU O    O N N 197 
GLU CB   C N N 198 
GLU CG   C N N 199 
GLU CD   C N N 200 
GLU OE1  O N N 201 
GLU OE2  O N N 202 
GLU OXT  O N N 203 
GLU H    H N N 204 
GLU H2   H N N 205 
GLU HA   H N N 206 
GLU HB2  H N N 207 
GLU HB3  H N N 208 
GLU HG2  H N N 209 
GLU HG3  H N N 210 
GLU HE2  H N N 211 
GLU HXT  H N N 212 
GLY N    N N N 213 
GLY CA   C N N 214 
GLY C    C N N 215 
GLY O    O N N 216 
GLY OXT  O N N 217 
GLY H    H N N 218 
GLY H2   H N N 219 
GLY HA2  H N N 220 
GLY HA3  H N N 221 
GLY HXT  H N N 222 
HIS N    N N N 223 
HIS CA   C N S 224 
HIS C    C N N 225 
HIS O    O N N 226 
HIS CB   C N N 227 
HIS CG   C Y N 228 
HIS ND1  N Y N 229 
HIS CD2  C Y N 230 
HIS CE1  C Y N 231 
HIS NE2  N Y N 232 
HIS OXT  O N N 233 
HIS H    H N N 234 
HIS H2   H N N 235 
HIS HA   H N N 236 
HIS HB2  H N N 237 
HIS HB3  H N N 238 
HIS HD1  H N N 239 
HIS HD2  H N N 240 
HIS HE1  H N N 241 
HIS HE2  H N N 242 
HIS HXT  H N N 243 
HOH O    O N N 244 
HOH H1   H N N 245 
HOH H2   H N N 246 
ILE N    N N N 247 
ILE CA   C N S 248 
ILE C    C N N 249 
ILE O    O N N 250 
ILE CB   C N S 251 
ILE CG1  C N N 252 
ILE CG2  C N N 253 
ILE CD1  C N N 254 
ILE OXT  O N N 255 
ILE H    H N N 256 
ILE H2   H N N 257 
ILE HA   H N N 258 
ILE HB   H N N 259 
ILE HG12 H N N 260 
ILE HG13 H N N 261 
ILE HG21 H N N 262 
ILE HG22 H N N 263 
ILE HG23 H N N 264 
ILE HD11 H N N 265 
ILE HD12 H N N 266 
ILE HD13 H N N 267 
ILE HXT  H N N 268 
LEU N    N N N 269 
LEU CA   C N S 270 
LEU C    C N N 271 
LEU O    O N N 272 
LEU CB   C N N 273 
LEU CG   C N N 274 
LEU CD1  C N N 275 
LEU CD2  C N N 276 
LEU OXT  O N N 277 
LEU H    H N N 278 
LEU H2   H N N 279 
LEU HA   H N N 280 
LEU HB2  H N N 281 
LEU HB3  H N N 282 
LEU HG   H N N 283 
LEU HD11 H N N 284 
LEU HD12 H N N 285 
LEU HD13 H N N 286 
LEU HD21 H N N 287 
LEU HD22 H N N 288 
LEU HD23 H N N 289 
LEU HXT  H N N 290 
LYS N    N N N 291 
LYS CA   C N S 292 
LYS C    C N N 293 
LYS O    O N N 294 
LYS CB   C N N 295 
LYS CG   C N N 296 
LYS CD   C N N 297 
LYS CE   C N N 298 
LYS NZ   N N N 299 
LYS OXT  O N N 300 
LYS H    H N N 301 
LYS H2   H N N 302 
LYS HA   H N N 303 
LYS HB2  H N N 304 
LYS HB3  H N N 305 
LYS HG2  H N N 306 
LYS HG3  H N N 307 
LYS HD2  H N N 308 
LYS HD3  H N N 309 
LYS HE2  H N N 310 
LYS HE3  H N N 311 
LYS HZ1  H N N 312 
LYS HZ2  H N N 313 
LYS HZ3  H N N 314 
LYS HXT  H N N 315 
MET N    N N N 316 
MET CA   C N S 317 
MET C    C N N 318 
MET O    O N N 319 
MET CB   C N N 320 
MET CG   C N N 321 
MET SD   S N N 322 
MET CE   C N N 323 
MET OXT  O N N 324 
MET H    H N N 325 
MET H2   H N N 326 
MET HA   H N N 327 
MET HB2  H N N 328 
MET HB3  H N N 329 
MET HG2  H N N 330 
MET HG3  H N N 331 
MET HE1  H N N 332 
MET HE2  H N N 333 
MET HE3  H N N 334 
MET HXT  H N N 335 
PHE N    N N N 336 
PHE CA   C N S 337 
PHE C    C N N 338 
PHE O    O N N 339 
PHE CB   C N N 340 
PHE CG   C Y N 341 
PHE CD1  C Y N 342 
PHE CD2  C Y N 343 
PHE CE1  C Y N 344 
PHE CE2  C Y N 345 
PHE CZ   C Y N 346 
PHE OXT  O N N 347 
PHE H    H N N 348 
PHE H2   H N N 349 
PHE HA   H N N 350 
PHE HB2  H N N 351 
PHE HB3  H N N 352 
PHE HD1  H N N 353 
PHE HD2  H N N 354 
PHE HE1  H N N 355 
PHE HE2  H N N 356 
PHE HZ   H N N 357 
PHE HXT  H N N 358 
PRO N    N N N 359 
PRO CA   C N S 360 
PRO C    C N N 361 
PRO O    O N N 362 
PRO CB   C N N 363 
PRO CG   C N N 364 
PRO CD   C N N 365 
PRO OXT  O N N 366 
PRO H    H N N 367 
PRO HA   H N N 368 
PRO HB2  H N N 369 
PRO HB3  H N N 370 
PRO HG2  H N N 371 
PRO HG3  H N N 372 
PRO HD2  H N N 373 
PRO HD3  H N N 374 
PRO HXT  H N N 375 
SER N    N N N 376 
SER CA   C N S 377 
SER C    C N N 378 
SER O    O N N 379 
SER CB   C N N 380 
SER OG   O N N 381 
SER OXT  O N N 382 
SER H    H N N 383 
SER H2   H N N 384 
SER HA   H N N 385 
SER HB2  H N N 386 
SER HB3  H N N 387 
SER HG   H N N 388 
SER HXT  H N N 389 
THR N    N N N 390 
THR CA   C N S 391 
THR C    C N N 392 
THR O    O N N 393 
THR CB   C N R 394 
THR OG1  O N N 395 
THR CG2  C N N 396 
THR OXT  O N N 397 
THR H    H N N 398 
THR H2   H N N 399 
THR HA   H N N 400 
THR HB   H N N 401 
THR HG1  H N N 402 
THR HG21 H N N 403 
THR HG22 H N N 404 
THR HG23 H N N 405 
THR HXT  H N N 406 
TYR N    N N N 407 
TYR CA   C N S 408 
TYR C    C N N 409 
TYR O    O N N 410 
TYR CB   C N N 411 
TYR CG   C Y N 412 
TYR CD1  C Y N 413 
TYR CD2  C Y N 414 
TYR CE1  C Y N 415 
TYR CE2  C Y N 416 
TYR CZ   C Y N 417 
TYR OH   O N N 418 
TYR OXT  O N N 419 
TYR H    H N N 420 
TYR H2   H N N 421 
TYR HA   H N N 422 
TYR HB2  H N N 423 
TYR HB3  H N N 424 
TYR HD1  H N N 425 
TYR HD2  H N N 426 
TYR HE1  H N N 427 
TYR HE2  H N N 428 
TYR HH   H N N 429 
TYR HXT  H N N 430 
VAL N    N N N 431 
VAL CA   C N S 432 
VAL C    C N N 433 
VAL O    O N N 434 
VAL CB   C N N 435 
VAL CG1  C N N 436 
VAL CG2  C N N 437 
VAL OXT  O N N 438 
VAL H    H N N 439 
VAL H2   H N N 440 
VAL HA   H N N 441 
VAL HB   H N N 442 
VAL HG11 H N N 443 
VAL HG12 H N N 444 
VAL HG13 H N N 445 
VAL HG21 H N N 446 
VAL HG22 H N N 447 
VAL HG23 H N N 448 
VAL HXT  H N N 449 
# 
loop_
_chem_comp_bond.comp_id 
_chem_comp_bond.atom_id_1 
_chem_comp_bond.atom_id_2 
_chem_comp_bond.value_order 
_chem_comp_bond.pdbx_aromatic_flag 
_chem_comp_bond.pdbx_stereo_config 
_chem_comp_bond.pdbx_ordinal 
ALA N   CA   sing N N 1   
ALA N   H    sing N N 2   
ALA N   H2   sing N N 3   
ALA CA  C    sing N N 4   
ALA CA  CB   sing N N 5   
ALA CA  HA   sing N N 6   
ALA C   O    doub N N 7   
ALA C   OXT  sing N N 8   
ALA CB  HB1  sing N N 9   
ALA CB  HB2  sing N N 10  
ALA CB  HB3  sing N N 11  
ALA OXT HXT  sing N N 12  
AP5 PA  O1A  doub N N 13  
AP5 PA  O2A  sing N N 14  
AP5 PA  O3A  sing N N 15  
AP5 PA  O5F  sing N N 16  
AP5 O2A HOA2 sing N N 17  
AP5 O3A PB   sing N N 18  
AP5 PB  O1B  doub N N 19  
AP5 PB  O2B  sing N N 20  
AP5 PB  O3B  sing N N 21  
AP5 O2B HOB2 sing N N 22  
AP5 O3B PG   sing N N 23  
AP5 PG  O1G  doub N N 24  
AP5 PG  O2G  sing N N 25  
AP5 PG  O3G  sing N N 26  
AP5 O2G HOG2 sing N N 27  
AP5 O3G PD   sing N N 28  
AP5 PD  O1D  doub N N 29  
AP5 PD  O2D  sing N N 30  
AP5 PD  O3D  sing N N 31  
AP5 O2D HOD2 sing N N 32  
AP5 O3D PE   sing N N 33  
AP5 PE  O1E  doub N N 34  
AP5 PE  O2E  sing N N 35  
AP5 PE  O5J  sing N N 36  
AP5 O2E HOE2 sing N N 37  
AP5 O5F C5F  sing N N 38  
AP5 C5F C4F  sing N N 39  
AP5 C5F H51A sing N N 40  
AP5 C5F H52A sing N N 41  
AP5 C4F O4F  sing N N 42  
AP5 C4F C3F  sing N N 43  
AP5 C4F H4F  sing N N 44  
AP5 O4F C1F  sing N N 45  
AP5 C3F O3F  sing N N 46  
AP5 C3F C2F  sing N N 47  
AP5 C3F H3F  sing N N 48  
AP5 O3F HO3A sing N N 49  
AP5 C2F O2F  sing N N 50  
AP5 C2F C1F  sing N N 51  
AP5 C2F H2F  sing N N 52  
AP5 O2F HO2A sing N N 53  
AP5 C1F N9A  sing N N 54  
AP5 C1F H1F  sing N N 55  
AP5 N9A C8A  sing Y N 56  
AP5 N9A C4A  sing Y N 57  
AP5 C8A N7A  doub Y N 58  
AP5 C8A H8A  sing N N 59  
AP5 N7A C5A  sing Y N 60  
AP5 C5A C6A  sing Y N 61  
AP5 C5A C4A  doub Y N 62  
AP5 C6A N6A  sing N N 63  
AP5 C6A N1A  doub Y N 64  
AP5 N6A H61A sing N N 65  
AP5 N6A H62A sing N N 66  
AP5 N1A C2A  sing Y N 67  
AP5 C2A N3A  doub Y N 68  
AP5 C2A H2A  sing N N 69  
AP5 N3A C4A  sing Y N 70  
AP5 O5J C5J  sing N N 71  
AP5 C5J C4J  sing N N 72  
AP5 C5J H51B sing N N 73  
AP5 C5J H52B sing N N 74  
AP5 C4J O4J  sing N N 75  
AP5 C4J C3J  sing N N 76  
AP5 C4J H4J  sing N N 77  
AP5 O4J C1J  sing N N 78  
AP5 C3J O3J  sing N N 79  
AP5 C3J C2J  sing N N 80  
AP5 C3J H3J  sing N N 81  
AP5 O3J HO3B sing N N 82  
AP5 C2J O2J  sing N N 83  
AP5 C2J C1J  sing N N 84  
AP5 C2J H2J  sing N N 85  
AP5 O2J HO2B sing N N 86  
AP5 C1J N9B  sing N N 87  
AP5 C1J H1J  sing N N 88  
AP5 N9B C8B  sing Y N 89  
AP5 N9B C4B  sing Y N 90  
AP5 C8B N7B  doub Y N 91  
AP5 C8B H8B  sing N N 92  
AP5 N7B C5B  sing Y N 93  
AP5 C5B C6B  sing Y N 94  
AP5 C5B C4B  doub Y N 95  
AP5 C6B N6B  sing N N 96  
AP5 C6B N1B  doub Y N 97  
AP5 N6B H61B sing N N 98  
AP5 N6B H62B sing N N 99  
AP5 N1B C2B  sing Y N 100 
AP5 C2B N3B  doub Y N 101 
AP5 C2B H2B  sing N N 102 
AP5 N3B C4B  sing Y N 103 
ARG N   CA   sing N N 104 
ARG N   H    sing N N 105 
ARG N   H2   sing N N 106 
ARG CA  C    sing N N 107 
ARG CA  CB   sing N N 108 
ARG CA  HA   sing N N 109 
ARG C   O    doub N N 110 
ARG C   OXT  sing N N 111 
ARG CB  CG   sing N N 112 
ARG CB  HB2  sing N N 113 
ARG CB  HB3  sing N N 114 
ARG CG  CD   sing N N 115 
ARG CG  HG2  sing N N 116 
ARG CG  HG3  sing N N 117 
ARG CD  NE   sing N N 118 
ARG CD  HD2  sing N N 119 
ARG CD  HD3  sing N N 120 
ARG NE  CZ   sing N N 121 
ARG NE  HE   sing N N 122 
ARG CZ  NH1  sing N N 123 
ARG CZ  NH2  doub N N 124 
ARG NH1 HH11 sing N N 125 
ARG NH1 HH12 sing N N 126 
ARG NH2 HH21 sing N N 127 
ARG NH2 HH22 sing N N 128 
ARG OXT HXT  sing N N 129 
ASN N   CA   sing N N 130 
ASN N   H    sing N N 131 
ASN N   H2   sing N N 132 
ASN CA  C    sing N N 133 
ASN CA  CB   sing N N 134 
ASN CA  HA   sing N N 135 
ASN C   O    doub N N 136 
ASN C   OXT  sing N N 137 
ASN CB  CG   sing N N 138 
ASN CB  HB2  sing N N 139 
ASN CB  HB3  sing N N 140 
ASN CG  OD1  doub N N 141 
ASN CG  ND2  sing N N 142 
ASN ND2 HD21 sing N N 143 
ASN ND2 HD22 sing N N 144 
ASN OXT HXT  sing N N 145 
ASP N   CA   sing N N 146 
ASP N   H    sing N N 147 
ASP N   H2   sing N N 148 
ASP CA  C    sing N N 149 
ASP CA  CB   sing N N 150 
ASP CA  HA   sing N N 151 
ASP C   O    doub N N 152 
ASP C   OXT  sing N N 153 
ASP CB  CG   sing N N 154 
ASP CB  HB2  sing N N 155 
ASP CB  HB3  sing N N 156 
ASP CG  OD1  doub N N 157 
ASP CG  OD2  sing N N 158 
ASP OD2 HD2  sing N N 159 
ASP OXT HXT  sing N N 160 
CYS N   CA   sing N N 161 
CYS N   H    sing N N 162 
CYS N   H2   sing N N 163 
CYS CA  C    sing N N 164 
CYS CA  CB   sing N N 165 
CYS CA  HA   sing N N 166 
CYS C   O    doub N N 167 
CYS C   OXT  sing N N 168 
CYS CB  SG   sing N N 169 
CYS CB  HB2  sing N N 170 
CYS CB  HB3  sing N N 171 
CYS SG  HG   sing N N 172 
CYS OXT HXT  sing N N 173 
GLN N   CA   sing N N 174 
GLN N   H    sing N N 175 
GLN N   H2   sing N N 176 
GLN CA  C    sing N N 177 
GLN CA  CB   sing N N 178 
GLN CA  HA   sing N N 179 
GLN C   O    doub N N 180 
GLN C   OXT  sing N N 181 
GLN CB  CG   sing N N 182 
GLN CB  HB2  sing N N 183 
GLN CB  HB3  sing N N 184 
GLN CG  CD   sing N N 185 
GLN CG  HG2  sing N N 186 
GLN CG  HG3  sing N N 187 
GLN CD  OE1  doub N N 188 
GLN CD  NE2  sing N N 189 
GLN NE2 HE21 sing N N 190 
GLN NE2 HE22 sing N N 191 
GLN OXT HXT  sing N N 192 
GLU N   CA   sing N N 193 
GLU N   H    sing N N 194 
GLU N   H2   sing N N 195 
GLU CA  C    sing N N 196 
GLU CA  CB   sing N N 197 
GLU CA  HA   sing N N 198 
GLU C   O    doub N N 199 
GLU C   OXT  sing N N 200 
GLU CB  CG   sing N N 201 
GLU CB  HB2  sing N N 202 
GLU CB  HB3  sing N N 203 
GLU CG  CD   sing N N 204 
GLU CG  HG2  sing N N 205 
GLU CG  HG3  sing N N 206 
GLU CD  OE1  doub N N 207 
GLU CD  OE2  sing N N 208 
GLU OE2 HE2  sing N N 209 
GLU OXT HXT  sing N N 210 
GLY N   CA   sing N N 211 
GLY N   H    sing N N 212 
GLY N   H2   sing N N 213 
GLY CA  C    sing N N 214 
GLY CA  HA2  sing N N 215 
GLY CA  HA3  sing N N 216 
GLY C   O    doub N N 217 
GLY C   OXT  sing N N 218 
GLY OXT HXT  sing N N 219 
HIS N   CA   sing N N 220 
HIS N   H    sing N N 221 
HIS N   H2   sing N N 222 
HIS CA  C    sing N N 223 
HIS CA  CB   sing N N 224 
HIS CA  HA   sing N N 225 
HIS C   O    doub N N 226 
HIS C   OXT  sing N N 227 
HIS CB  CG   sing N N 228 
HIS CB  HB2  sing N N 229 
HIS CB  HB3  sing N N 230 
HIS CG  ND1  sing Y N 231 
HIS CG  CD2  doub Y N 232 
HIS ND1 CE1  doub Y N 233 
HIS ND1 HD1  sing N N 234 
HIS CD2 NE2  sing Y N 235 
HIS CD2 HD2  sing N N 236 
HIS CE1 NE2  sing Y N 237 
HIS CE1 HE1  sing N N 238 
HIS NE2 HE2  sing N N 239 
HIS OXT HXT  sing N N 240 
HOH O   H1   sing N N 241 
HOH O   H2   sing N N 242 
ILE N   CA   sing N N 243 
ILE N   H    sing N N 244 
ILE N   H2   sing N N 245 
ILE CA  C    sing N N 246 
ILE CA  CB   sing N N 247 
ILE CA  HA   sing N N 248 
ILE C   O    doub N N 249 
ILE C   OXT  sing N N 250 
ILE CB  CG1  sing N N 251 
ILE CB  CG2  sing N N 252 
ILE CB  HB   sing N N 253 
ILE CG1 CD1  sing N N 254 
ILE CG1 HG12 sing N N 255 
ILE CG1 HG13 sing N N 256 
ILE CG2 HG21 sing N N 257 
ILE CG2 HG22 sing N N 258 
ILE CG2 HG23 sing N N 259 
ILE CD1 HD11 sing N N 260 
ILE CD1 HD12 sing N N 261 
ILE CD1 HD13 sing N N 262 
ILE OXT HXT  sing N N 263 
LEU N   CA   sing N N 264 
LEU N   H    sing N N 265 
LEU N   H2   sing N N 266 
LEU CA  C    sing N N 267 
LEU CA  CB   sing N N 268 
LEU CA  HA   sing N N 269 
LEU C   O    doub N N 270 
LEU C   OXT  sing N N 271 
LEU CB  CG   sing N N 272 
LEU CB  HB2  sing N N 273 
LEU CB  HB3  sing N N 274 
LEU CG  CD1  sing N N 275 
LEU CG  CD2  sing N N 276 
LEU CG  HG   sing N N 277 
LEU CD1 HD11 sing N N 278 
LEU CD1 HD12 sing N N 279 
LEU CD1 HD13 sing N N 280 
LEU CD2 HD21 sing N N 281 
LEU CD2 HD22 sing N N 282 
LEU CD2 HD23 sing N N 283 
LEU OXT HXT  sing N N 284 
LYS N   CA   sing N N 285 
LYS N   H    sing N N 286 
LYS N   H2   sing N N 287 
LYS CA  C    sing N N 288 
LYS CA  CB   sing N N 289 
LYS CA  HA   sing N N 290 
LYS C   O    doub N N 291 
LYS C   OXT  sing N N 292 
LYS CB  CG   sing N N 293 
LYS CB  HB2  sing N N 294 
LYS CB  HB3  sing N N 295 
LYS CG  CD   sing N N 296 
LYS CG  HG2  sing N N 297 
LYS CG  HG3  sing N N 298 
LYS CD  CE   sing N N 299 
LYS CD  HD2  sing N N 300 
LYS CD  HD3  sing N N 301 
LYS CE  NZ   sing N N 302 
LYS CE  HE2  sing N N 303 
LYS CE  HE3  sing N N 304 
LYS NZ  HZ1  sing N N 305 
LYS NZ  HZ2  sing N N 306 
LYS NZ  HZ3  sing N N 307 
LYS OXT HXT  sing N N 308 
MET N   CA   sing N N 309 
MET N   H    sing N N 310 
MET N   H2   sing N N 311 
MET CA  C    sing N N 312 
MET CA  CB   sing N N 313 
MET CA  HA   sing N N 314 
MET C   O    doub N N 315 
MET C   OXT  sing N N 316 
MET CB  CG   sing N N 317 
MET CB  HB2  sing N N 318 
MET CB  HB3  sing N N 319 
MET CG  SD   sing N N 320 
MET CG  HG2  sing N N 321 
MET CG  HG3  sing N N 322 
MET SD  CE   sing N N 323 
MET CE  HE1  sing N N 324 
MET CE  HE2  sing N N 325 
MET CE  HE3  sing N N 326 
MET OXT HXT  sing N N 327 
PHE N   CA   sing N N 328 
PHE N   H    sing N N 329 
PHE N   H2   sing N N 330 
PHE CA  C    sing N N 331 
PHE CA  CB   sing N N 332 
PHE CA  HA   sing N N 333 
PHE C   O    doub N N 334 
PHE C   OXT  sing N N 335 
PHE CB  CG   sing N N 336 
PHE CB  HB2  sing N N 337 
PHE CB  HB3  sing N N 338 
PHE CG  CD1  doub Y N 339 
PHE CG  CD2  sing Y N 340 
PHE CD1 CE1  sing Y N 341 
PHE CD1 HD1  sing N N 342 
PHE CD2 CE2  doub Y N 343 
PHE CD2 HD2  sing N N 344 
PHE CE1 CZ   doub Y N 345 
PHE CE1 HE1  sing N N 346 
PHE CE2 CZ   sing Y N 347 
PHE CE2 HE2  sing N N 348 
PHE CZ  HZ   sing N N 349 
PHE OXT HXT  sing N N 350 
PRO N   CA   sing N N 351 
PRO N   CD   sing N N 352 
PRO N   H    sing N N 353 
PRO CA  C    sing N N 354 
PRO CA  CB   sing N N 355 
PRO CA  HA   sing N N 356 
PRO C   O    doub N N 357 
PRO C   OXT  sing N N 358 
PRO CB  CG   sing N N 359 
PRO CB  HB2  sing N N 360 
PRO CB  HB3  sing N N 361 
PRO CG  CD   sing N N 362 
PRO CG  HG2  sing N N 363 
PRO CG  HG3  sing N N 364 
PRO CD  HD2  sing N N 365 
PRO CD  HD3  sing N N 366 
PRO OXT HXT  sing N N 367 
SER N   CA   sing N N 368 
SER N   H    sing N N 369 
SER N   H2   sing N N 370 
SER CA  C    sing N N 371 
SER CA  CB   sing N N 372 
SER CA  HA   sing N N 373 
SER C   O    doub N N 374 
SER C   OXT  sing N N 375 
SER CB  OG   sing N N 376 
SER CB  HB2  sing N N 377 
SER CB  HB3  sing N N 378 
SER OG  HG   sing N N 379 
SER OXT HXT  sing N N 380 
THR N   CA   sing N N 381 
THR N   H    sing N N 382 
THR N   H2   sing N N 383 
THR CA  C    sing N N 384 
THR CA  CB   sing N N 385 
THR CA  HA   sing N N 386 
THR C   O    doub N N 387 
THR C   OXT  sing N N 388 
THR CB  OG1  sing N N 389 
THR CB  CG2  sing N N 390 
THR CB  HB   sing N N 391 
THR OG1 HG1  sing N N 392 
THR CG2 HG21 sing N N 393 
THR CG2 HG22 sing N N 394 
THR CG2 HG23 sing N N 395 
THR OXT HXT  sing N N 396 
TYR N   CA   sing N N 397 
TYR N   H    sing N N 398 
TYR N   H2   sing N N 399 
TYR CA  C    sing N N 400 
TYR CA  CB   sing N N 401 
TYR CA  HA   sing N N 402 
TYR C   O    doub N N 403 
TYR C   OXT  sing N N 404 
TYR CB  CG   sing N N 405 
TYR CB  HB2  sing N N 406 
TYR CB  HB3  sing N N 407 
TYR CG  CD1  doub Y N 408 
TYR CG  CD2  sing Y N 409 
TYR CD1 CE1  sing Y N 410 
TYR CD1 HD1  sing N N 411 
TYR CD2 CE2  doub Y N 412 
TYR CD2 HD2  sing N N 413 
TYR CE1 CZ   doub Y N 414 
TYR CE1 HE1  sing N N 415 
TYR CE2 CZ   sing Y N 416 
TYR CE2 HE2  sing N N 417 
TYR CZ  OH   sing N N 418 
TYR OH  HH   sing N N 419 
TYR OXT HXT  sing N N 420 
VAL N   CA   sing N N 421 
VAL N   H    sing N N 422 
VAL N   H2   sing N N 423 
VAL CA  C    sing N N 424 
VAL CA  CB   sing N N 425 
VAL CA  HA   sing N N 426 
VAL C   O    doub N N 427 
VAL C   OXT  sing N N 428 
VAL CB  CG1  sing N N 429 
VAL CB  CG2  sing N N 430 
VAL CB  HB   sing N N 431 
VAL CG1 HG11 sing N N 432 
VAL CG1 HG12 sing N N 433 
VAL CG1 HG13 sing N N 434 
VAL CG2 HG21 sing N N 435 
VAL CG2 HG22 sing N N 436 
VAL CG2 HG23 sing N N 437 
VAL OXT HXT  sing N N 438 
# 
_pdbx_audit_support.funding_organization   'Swedish Research Council' 
_pdbx_audit_support.country                Sweden 
_pdbx_audit_support.grant_number           2021-04513_VR 
_pdbx_audit_support.ordinal                1 
# 
_pdbx_initial_refinement_model.id               1 
_pdbx_initial_refinement_model.entity_id_list   83 
_pdbx_initial_refinement_model.type             'experimental model' 
_pdbx_initial_refinement_model.source_name      PDB 
_pdbx_initial_refinement_model.accession_code   4x8L 
_pdbx_initial_refinement_model.details          ? 
# 
_atom_sites.entry_id                    8PVW 
_atom_sites.Cartn_transf_matrix[1][1]   ? 
_atom_sites.Cartn_transf_matrix[1][2]   ? 
_atom_sites.Cartn_transf_matrix[1][3]   ? 
_atom_sites.Cartn_transf_matrix[2][1]   ? 
_atom_sites.Cartn_transf_matrix[2][2]   ? 
_atom_sites.Cartn_transf_matrix[2][3]   ? 
_atom_sites.Cartn_transf_matrix[3][1]   ? 
_atom_sites.Cartn_transf_matrix[3][2]   ? 
_atom_sites.Cartn_transf_matrix[3][3]   ? 
_atom_sites.Cartn_transf_vector[1]      ? 
_atom_sites.Cartn_transf_vector[2]      ? 
_atom_sites.Cartn_transf_vector[3]      ? 
_atom_sites.Cartn_transform_axes        ? 
_atom_sites.fract_transf_matrix[1][1]   -0.01949775 
_atom_sites.fract_transf_matrix[1][2]   -0.00349869 
_atom_sites.fract_transf_matrix[1][3]   -0.02567435 
_atom_sites.fract_transf_matrix[2][1]   -0.01040579 
_atom_sites.fract_transf_matrix[2][2]   -0.00300573 
_atom_sites.fract_transf_matrix[2][3]   0.00831201 
_atom_sites.fract_transf_matrix[3][1]   -0.00265593 
_atom_sites.fract_transf_matrix[3][2]   0.01072924 
_atom_sites.fract_transf_matrix[3][3]   0.00055488 
_atom_sites.fract_transf_vector[1]      -0.365674 
_atom_sites.fract_transf_vector[2]      -0.255846 
_atom_sites.fract_transf_vector[3]      0.193999 
_atom_sites.solution_primary            ? 
_atom_sites.solution_secondary          ? 
_atom_sites.solution_hydrogens          ? 
_atom_sites.special_details             ? 
# 
loop_
_atom_type.symbol 
_atom_type.pdbx_scat_Z 
_atom_type.pdbx_N_electrons 
_atom_type.scat_Cromer_Mann_a1 
_atom_type.scat_Cromer_Mann_b1 
_atom_type.scat_Cromer_Mann_a2 
_atom_type.scat_Cromer_Mann_b2 
_atom_type.scat_Cromer_Mann_a3 
_atom_type.scat_Cromer_Mann_b3 
_atom_type.scat_Cromer_Mann_a4 
_atom_type.scat_Cromer_Mann_b4 
_atom_type.scat_Cromer_Mann_c 
C  6  6  2.3103  20.8439 1.0201 10.2075 1.5888 0.5687  0.8651 51.6512 0.2156   
MG 12 12 5.4265  2.8275  2.1759 79.2611 1.2283 0.3808  2.3099 7.1937  0.9187   
N  7  7  12.2220 0.0057  3.1346 9.8933  2.0141 28.9975 1.1672 0.5826  -11.5379 
O  8  8  3.0487  13.2771 2.2870 5.7011  1.5464 0.3239  0.8671 32.9089 0.2508   
P  15 15 6.4348  1.9067  4.1793 27.1570 1.7801 0.5260  1.4909 68.1645 1.2401   
S  16 16 6.9054  1.4679  5.2035 22.2151 1.4379 0.2536  1.5863 56.1720 1.0182   
# 
loop_
_atom_site.group_PDB 
_atom_site.id 
_atom_site.type_symbol 
_atom_site.label_atom_id 
_atom_site.label_alt_id 
_atom_site.label_comp_id 
_atom_site.label_asym_id 
_atom_site.label_entity_id 
_atom_site.label_seq_id 
_atom_site.pdbx_PDB_ins_code 
_atom_site.Cartn_x 
_atom_site.Cartn_y 
_atom_site.Cartn_z 
_atom_site.occupancy 
_atom_site.B_iso_or_equiv 
_atom_site.pdbx_formal_charge 
_atom_site.auth_seq_id 
_atom_site.auth_comp_id 
_atom_site.auth_asym_id 
_atom_site.auth_atom_id 
_atom_site.pdbx_PDB_model_num 
_atom_site.calc_flag 
ATOM   1    N N   . MET A 1 1   ? -4.339  -15.446 -6.630  1.00 54.74  ? 1   MET A N   1 ? 
ATOM   2    C CA  . MET A 1 1   ? -3.168  -14.543 -6.762  1.00 32.27  ? 1   MET A CA  1 ? 
ATOM   3    C C   . MET A 1 1   ? -3.297  -13.310 -5.893  1.00 25.41  ? 1   MET A C   1 ? 
ATOM   4    O O   . MET A 1 1   ? -4.030  -12.371 -6.206  1.00 27.54  ? 1   MET A O   1 ? 
ATOM   5    C CB  . MET A 1 1   ? -2.997  -14.128 -8.181  1.00 34.49  ? 1   MET A CB  1 ? 
ATOM   6    C CG  . MET A 1 1   ? -1.815  -13.234 -8.422  1.00 40.18  ? 1   MET A CG  1 ? 
ATOM   7    S SD  . MET A 1 1   ? -0.257  -13.931 -7.850  1.00 55.65  ? 1   MET A SD  1 ? 
ATOM   8    C CE  . MET A 1 1   ? 0.767   -13.399 -9.218  1.00 51.45  ? 1   MET A CE  1 ? 
ATOM   9    N N   . ARG A 1 2   ? -2.542  -13.323 -4.820  1.00 25.14  ? 2   ARG A N   1 ? 
ATOM   10   C CA  . ARG A 1 2   ? -2.595  -12.289 -3.812  1.00 19.11  ? 2   ARG A CA  1 ? 
ATOM   11   C C   . ARG A 1 2   ? -1.217  -11.669 -3.683  1.00 23.35  ? 2   ARG A C   1 ? 
ATOM   12   O O   . ARG A 1 2   ? -0.219  -12.361 -3.469  1.00 23.00  ? 2   ARG A O   1 ? 
ATOM   13   C CB  . ARG A 1 2   ? -3.080  -12.867 -2.489  1.00 30.06  ? 2   ARG A CB  1 ? 
ATOM   14   C CG  . ARG A 1 2   ? -4.321  -13.775 -2.657  1.00 45.40  ? 2   ARG A CG  1 ? 
ATOM   15   C CD  . ARG A 1 2   ? -4.623  -14.589 -1.390  1.00 58.02  ? 2   ARG A CD  1 ? 
ATOM   16   N NE  . ARG A 1 2   ? -4.794  -16.047 -1.562  1.00 84.43  ? 2   ARG A NE  1 ? 
ATOM   17   C CZ  . ARG A 1 2   ? -3.826  -16.971 -1.470  1.00 90.24  ? 2   ARG A CZ  1 ? 
ATOM   18   N NH1 . ARG A 1 2   ? -2.563  -16.633 -1.253  1.00 82.12  ? 2   ARG A NH1 1 ? 
ATOM   19   N NH2 . ARG A 1 2   ? -4.125  -18.252 -1.612  1.00 68.99  ? 2   ARG A NH2 1 ? 
ATOM   20   N N   . ILE A 1 3   ? -1.177  -10.365 -3.800  1.00 15.98  ? 3   ILE A N   1 ? 
ATOM   21   C CA  . ILE A 1 3   ? 0.063   -9.602  -3.891  1.00 12.64  ? 3   ILE A CA  1 ? 
ATOM   22   C C   . ILE A 1 3   ? -0.008  -8.419  -2.943  1.00 15.06  ? 3   ILE A C   1 ? 
ATOM   23   O O   . ILE A 1 3   ? -1.037  -7.738  -2.855  1.00 22.77  ? 3   ILE A O   1 ? 
ATOM   24   C CB  . ILE A 1 3   ? 0.309   -9.110  -5.325  1.00 22.15  ? 3   ILE A CB  1 ? 
ATOM   25   C CG1 . ILE A 1 3   ? 0.670   -10.280 -6.265  1.00 19.00  ? 3   ILE A CG1 1 ? 
ATOM   26   C CG2 . ILE A 1 3   ? 1.360   -8.047  -5.318  1.00 19.22  ? 3   ILE A CG2 1 ? 
ATOM   27   C CD1 . ILE A 1 3   ? 0.468   -9.899  -7.673  1.00 29.07  ? 3   ILE A CD1 1 ? 
ATOM   28   N N   . ILE A 1 4   ? 1.081   -8.184  -2.236  1.00 14.46  ? 4   ILE A N   1 ? 
ATOM   29   C CA  . ILE A 1 4   ? 1.262   -7.010  -1.400  1.00 18.71  ? 4   ILE A CA  1 ? 
ATOM   30   C C   . ILE A 1 4   ? 2.322   -6.129  -2.054  1.00 22.48  ? 4   ILE A C   1 ? 
ATOM   31   O O   . ILE A 1 4   ? 3.419   -6.596  -2.384  1.00 18.32  ? 4   ILE A O   1 ? 
ATOM   32   C CB  . ILE A 1 4   ? 1.725   -7.399  0.015   1.00 18.16  ? 4   ILE A CB  1 ? 
ATOM   33   C CG1 . ILE A 1 4   ? 0.695   -8.223  0.759   1.00 19.30  ? 4   ILE A CG1 1 ? 
ATOM   34   C CG2 . ILE A 1 4   ? 2.074   -6.169  0.819   1.00 22.31  ? 4   ILE A CG2 1 ? 
ATOM   35   C CD1 . ILE A 1 4   ? 1.193   -8.656  2.166   1.00 20.17  ? 4   ILE A CD1 1 ? 
ATOM   36   N N   . LEU A 1 5   ? 2.079   -4.823  -2.155  1.00 22.00  ? 5   LEU A N   1 ? 
ATOM   37   C CA  . LEU A 1 5   ? 3.060   -3.835  -2.652  1.00 21.43  ? 5   LEU A CA  1 ? 
ATOM   38   C C   . LEU A 1 5   ? 3.562   -3.035  -1.438  1.00 22.98  ? 5   LEU A C   1 ? 
ATOM   39   O O   . LEU A 1 5   ? 2.741   -2.382  -0.817  1.00 24.19  ? 5   LEU A O   1 ? 
ATOM   40   C CB  . LEU A 1 5   ? 2.396   -2.894  -3.659  1.00 19.80  ? 5   LEU A CB  1 ? 
ATOM   41   C CG  . LEU A 1 5   ? 1.786   -3.522  -4.903  1.00 19.68  ? 5   LEU A CG  1 ? 
ATOM   42   C CD1 . LEU A 1 5   ? 1.320   -2.444  -5.857  1.00 24.05  ? 5   LEU A CD1 1 ? 
ATOM   43   C CD2 . LEU A 1 5   ? 2.771   -4.449  -5.578  1.00 25.16  ? 5   LEU A CD2 1 ? 
ATOM   44   N N   . LEU A 1 6   ? 4.833   -3.123  -1.076  1.00 19.07  ? 6   LEU A N   1 ? 
ATOM   45   C CA  . LEU A 1 6   ? 5.441   -2.363  0.038   1.00 21.49  ? 6   LEU A CA  1 ? 
ATOM   46   C C   . LEU A 1 6   ? 6.295   -1.220  -0.504  1.00 20.22  ? 6   LEU A C   1 ? 
ATOM   47   O O   . LEU A 1 6   ? 6.779   -1.323  -1.594  1.00 24.37  ? 6   LEU A O   1 ? 
ATOM   48   C CB  . LEU A 1 6   ? 6.354   -3.262  0.862   1.00 23.52  ? 6   LEU A CB  1 ? 
ATOM   49   C CG  . LEU A 1 6   ? 5.741   -4.482  1.521   1.00 23.35  ? 6   LEU A CG  1 ? 
ATOM   50   C CD1 . LEU A 1 6   ? 6.831   -5.264  2.209   1.00 24.32  ? 6   LEU A CD1 1 ? 
ATOM   51   C CD2 . LEU A 1 6   ? 4.663   -4.084  2.494   1.00 35.28  ? 6   LEU A CD2 1 ? 
ATOM   52   N N   . GLY A 1 7   ? 6.568   -0.242  0.339   1.00 26.74  ? 7   GLY A N   1 ? 
ATOM   53   C CA  . GLY A 1 7   ? 7.393   0.926   0.019   1.00 23.53  ? 7   GLY A CA  1 ? 
ATOM   54   C C   . GLY A 1 7   ? 6.878   2.193   0.649   1.00 21.00  ? 7   GLY A C   1 ? 
ATOM   55   O O   . GLY A 1 7   ? 5.775   2.247   1.100   1.00 24.46  ? 7   GLY A O   1 ? 
ATOM   56   N N   . ALA A 1 8   ? 7.647   3.235   0.554   1.00 25.09  ? 8   ALA A N   1 ? 
ATOM   57   C CA  . ALA A 1 8   ? 7.290   4.534   1.065   1.00 22.23  ? 8   ALA A CA  1 ? 
ATOM   58   C C   . ALA A 1 8   ? 6.167   5.119   0.228   1.00 26.19  ? 8   ALA A C   1 ? 
ATOM   59   O O   . ALA A 1 8   ? 6.039   4.816   -0.965  1.00 28.52  ? 8   ALA A O   1 ? 
ATOM   60   C CB  . ALA A 1 8   ? 8.492   5.474   1.044   1.00 29.24  ? 8   ALA A CB  1 ? 
ATOM   61   N N   . PRO A 1 9   ? 5.326   5.934   0.835   1.00 28.32  ? 9   PRO A N   1 ? 
ATOM   62   C CA  . PRO A 1 9   ? 4.408   6.764   0.059   1.00 27.35  ? 9   PRO A CA  1 ? 
ATOM   63   C C   . PRO A 1 9   ? 5.137   7.500   -1.052  1.00 26.37  ? 9   PRO A C   1 ? 
ATOM   64   O O   . PRO A 1 9   ? 6.231   8.016   -0.862  1.00 31.96  ? 9   PRO A O   1 ? 
ATOM   65   C CB  . PRO A 1 9   ? 3.846   7.732   1.105   1.00 52.22  ? 9   PRO A CB  1 ? 
ATOM   66   C CG  . PRO A 1 9   ? 4.835   7.649   2.275   1.00 44.41  ? 9   PRO A CG  1 ? 
ATOM   67   C CD  . PRO A 1 9   ? 5.310   6.268   2.263   1.00 42.59  ? 9   PRO A CD  1 ? 
ATOM   68   N N   . GLY A 1 10  ? 4.502   7.535   -2.223  1.00 32.12  ? 10  GLY A N   1 ? 
ATOM   69   C CA  . GLY A 1 10  ? 5.055   8.126   -3.426  1.00 29.08  ? 10  GLY A CA  1 ? 
ATOM   70   C C   . GLY A 1 10  ? 6.118   7.301   -4.109  1.00 29.26  ? 10  GLY A C   1 ? 
ATOM   71   O O   . GLY A 1 10  ? 6.805   7.820   -4.980  1.00 27.67  ? 10  GLY A O   1 ? 
ATOM   72   N N   . ALA A 1 11  ? 6.292   6.038   -3.724  1.00 20.26  ? 11  ALA A N   1 ? 
ATOM   73   C CA  . ALA A 1 11  ? 7.325   5.208   -4.311  1.00 21.17  ? 11  ALA A CA  1 ? 
ATOM   74   C C   . ALA A 1 11  ? 6.941   4.677   -5.680  1.00 25.11  ? 11  ALA A C   1 ? 
ATOM   75   O O   . ALA A 1 11  ? 7.780   4.064   -6.366  1.00 25.27  ? 11  ALA A O   1 ? 
ATOM   76   C CB  . ALA A 1 11  ? 7.658   4.019   -3.402  1.00 21.41  ? 11  ALA A CB  1 ? 
ATOM   77   N N   . GLY A 1 12  ? 5.703   4.884   -6.078  1.00 23.48  ? 12  GLY A N   1 ? 
ATOM   78   C CA  . GLY A 1 12  ? 5.227   4.437   -7.359  1.00 26.30  ? 12  GLY A CA  1 ? 
ATOM   79   C C   . GLY A 1 12  ? 4.341   3.222   -7.311  1.00 25.36  ? 12  GLY A C   1 ? 
ATOM   80   O O   . GLY A 1 12  ? 4.143   2.575   -8.340  1.00 22.09  ? 12  GLY A O   1 ? 
ATOM   81   N N   . LYS A 1 13  ? 3.795   2.891   -6.154  1.00 22.02  ? 13  LYS A N   1 ? 
ATOM   82   C CA  . LYS A 1 13  ? 3.080   1.621   -6.016  1.00 28.35  ? 13  LYS A CA  1 ? 
ATOM   83   C C   . LYS A 1 13  ? 1.736   1.652   -6.735  1.00 25.57  ? 13  LYS A C   1 ? 
ATOM   84   O O   . LYS A 1 13  ? 1.355   0.684   -7.401  1.00 26.53  ? 13  LYS A O   1 ? 
ATOM   85   C CB  . LYS A 1 13  ? 2.841   1.285   -4.539  1.00 28.85  ? 13  LYS A CB  1 ? 
ATOM   86   C CG  . LYS A 1 13  ? 4.035   1.183   -3.591  1.00 23.95  ? 13  LYS A CG  1 ? 
ATOM   87   C CD  . LYS A 1 13  ? 3.495   0.738   -2.215  1.00 30.28  ? 13  LYS A CD  1 ? 
ATOM   88   C CE  . LYS A 1 13  ? 3.564   1.827   -1.136  1.00 39.52  ? 13  LYS A CE  1 ? 
ATOM   89   N NZ  . LYS A 1 13  ? 3.202   3.193   -1.569  1.00 38.89  ? 13  LYS A NZ  1 ? 
ATOM   90   N N   . GLY A 1 14  ? 0.968   2.731   -6.550  1.00 25.62  ? 14  GLY A N   1 ? 
ATOM   91   C CA  . GLY A 1 14  ? -0.325  2.847   -7.217  1.00 30.06  ? 14  GLY A CA  1 ? 
ATOM   92   C C   . GLY A 1 14  ? -0.192  2.957   -8.726  1.00 32.43  ? 14  GLY A C   1 ? 
ATOM   93   O O   . GLY A 1 14  ? -1.018  2.412   -9.466  1.00 26.80  ? 14  GLY A O   1 ? 
ATOM   94   N N   . THR A 1 15  ? 0.842   3.663   -9.199  1.00 23.35  ? 15  THR A N   1 ? 
ATOM   95   C CA  . THR A 1 15  ? 1.162   3.670   -10.624 1.00 22.90  ? 15  THR A CA  1 ? 
ATOM   96   C C   . THR A 1 15  ? 1.307   2.254   -11.171 1.00 24.04  ? 15  THR A C   1 ? 
ATOM   97   O O   . THR A 1 15  ? 0.660   1.898   -12.162 1.00 27.73  ? 15  THR A O   1 ? 
ATOM   98   C CB  . THR A 1 15  ? 2.433   4.473   -10.840 1.00 32.26  ? 15  THR A CB  1 ? 
ATOM   99   O OG1 . THR A 1 15  ? 2.258   5.800   -10.302 1.00 25.88  ? 15  THR A OG1 1 ? 
ATOM   100  C CG2 . THR A 1 15  ? 2.731   4.594   -12.301 1.00 35.45  ? 15  THR A CG2 1 ? 
ATOM   101  N N   . GLN A 1 16  ? 2.099   1.405   -10.507 1.00 20.80  ? 16  GLN A N   1 ? 
ATOM   102  C CA  . GLN A 1 16  ? 2.328   0.063   -11.043 1.00 19.05  ? 16  GLN A CA  1 ? 
ATOM   103  C C   . GLN A 1 16  ? 1.178   -0.908  -10.833 1.00 25.62  ? 16  GLN A C   1 ? 
ATOM   104  O O   . GLN A 1 16  ? 1.085   -1.911  -11.558 1.00 19.61  ? 16  GLN A O   1 ? 
ATOM   105  C CB  . GLN A 1 16  ? 3.578   -0.560  -10.423 1.00 25.36  ? 16  GLN A CB  1 ? 
ATOM   106  C CG  . GLN A 1 16  ? 4.849   0.199   -10.718 1.00 26.12  ? 16  GLN A CG  1 ? 
ATOM   107  C CD  . GLN A 1 16  ? 5.221   0.212   -12.217 1.00 31.82  ? 16  GLN A CD  1 ? 
ATOM   108  O OE1 . GLN A 1 16  ? 4.943   -0.727  -12.973 1.00 27.30  ? 16  GLN A OE1 1 ? 
ATOM   109  N NE2 . GLN A 1 16  ? 5.849   1.292   -12.635 1.00 26.56  ? 16  GLN A NE2 1 ? 
ATOM   110  N N   . ALA A 1 17  ? 0.330   -0.657  -9.838  1.00 24.52  ? 17  ALA A N   1 ? 
ATOM   111  C CA  . ALA A 1 17  ? -0.818  -1.516  -9.559  1.00 25.52  ? 17  ALA A CA  1 ? 
ATOM   112  C C   . ALA A 1 17  ? -1.685  -1.759  -10.794 1.00 27.02  ? 17  ALA A C   1 ? 
ATOM   113  O O   . ALA A 1 17  ? -2.119  -2.896  -11.034 1.00 21.77  ? 17  ALA A O   1 ? 
ATOM   114  C CB  . ALA A 1 17  ? -1.636  -0.899  -8.419  1.00 28.11  ? 17  ALA A CB  1 ? 
ATOM   115  N N   . GLN A 1 18  ? -1.946  -0.717  -11.592 1.00 28.65  ? 18  GLN A N   1 ? 
ATOM   116  C CA  . GLN A 1 18  ? -2.826  -0.895  -12.748 1.00 30.54  ? 18  GLN A CA  1 ? 
ATOM   117  C C   . GLN A 1 18  ? -2.318  -1.979  -13.686 1.00 25.18  ? 18  GLN A C   1 ? 
ATOM   118  O O   . GLN A 1 18  ? -3.076  -2.836  -14.139 1.00 28.88  ? 18  GLN A O   1 ? 
ATOM   119  C CB  . GLN A 1 18  ? -2.968  0.427   -13.500 1.00 48.21  ? 18  GLN A CB  1 ? 
ATOM   120  C CG  . GLN A 1 18  ? -3.630  1.526   -12.654 1.00 52.10  ? 18  GLN A CG  1 ? 
ATOM   121  C CD  . GLN A 1 18  ? -4.318  2.578   -13.507 1.00 59.56  ? 18  GLN A CD  1 ? 
ATOM   122  O OE1 . GLN A 1 18  ? -5.368  3.110   -13.144 1.00 61.59  ? 18  GLN A OE1 1 ? 
ATOM   123  N NE2 . GLN A 1 18  ? -3.729  2.873   -14.658 1.00 38.63  ? 18  GLN A NE2 1 ? 
ATOM   124  N N   . PHE A 1 19  ? -1.033  -1.965  -13.991 1.00 25.97  ? 19  PHE A N   1 ? 
ATOM   125  C CA  . PHE A 1 19  ? -0.498  -3.013  -14.852 1.00 26.08  ? 19  PHE A CA  1 ? 
ATOM   126  C C   . PHE A 1 19  ? -0.707  -4.378  -14.230 1.00 25.67  ? 19  PHE A C   1 ? 
ATOM   127  O O   . PHE A 1 19  ? -1.107  -5.324  -14.919 1.00 21.60  ? 19  PHE A O   1 ? 
ATOM   128  C CB  . PHE A 1 19  ? 0.971   -2.729  -15.146 1.00 32.59  ? 19  PHE A CB  1 ? 
ATOM   129  C CG  . PHE A 1 19  ? 1.209   -1.296  -15.550 1.00 46.55  ? 19  PHE A CG  1 ? 
ATOM   130  C CD1 . PHE A 1 19  ? 0.488   -0.725  -16.594 1.00 47.55  ? 19  PHE A CD1 1 ? 
ATOM   131  C CD2 . PHE A 1 19  ? 2.164   -0.523  -14.895 1.00 49.68  ? 19  PHE A CD2 1 ? 
ATOM   132  C CE1 . PHE A 1 19  ? 0.697   0.590   -16.969 1.00 46.58  ? 19  PHE A CE1 1 ? 
ATOM   133  C CE2 . PHE A 1 19  ? 2.399   0.777   -15.266 1.00 41.02  ? 19  PHE A CE2 1 ? 
ATOM   134  C CZ  . PHE A 1 19  ? 1.663   1.345   -16.299 1.00 53.48  ? 19  PHE A CZ  1 ? 
ATOM   135  N N   . ILE A 1 20  ? -0.492  -4.496  -12.919 1.00 22.48  ? 20  ILE A N   1 ? 
ATOM   136  C CA  . ILE A 1 20  ? -0.596  -5.808  -12.295 1.00 18.21  ? 20  ILE A CA  1 ? 
ATOM   137  C C   . ILE A 1 20  ? -2.050  -6.277  -12.265 1.00 21.44  ? 20  ILE A C   1 ? 
ATOM   138  O O   . ILE A 1 20  ? -2.348  -7.428  -12.594 1.00 25.11  ? 20  ILE A O   1 ? 
ATOM   139  C CB  . ILE A 1 20  ? 0.001   -5.772  -10.893 1.00 23.39  ? 20  ILE A CB  1 ? 
ATOM   140  C CG1 . ILE A 1 20  ? 1.532   -5.663  -10.984 1.00 30.34  ? 20  ILE A CG1 1 ? 
ATOM   141  C CG2 . ILE A 1 20  ? -0.386  -7.023  -10.145 1.00 21.41  ? 20  ILE A CG2 1 ? 
ATOM   142  C CD1 . ILE A 1 20  ? 2.077   -5.253  -9.718  1.00 26.15  ? 20  ILE A CD1 1 ? 
ATOM   143  N N   . MET A 1 21  ? -2.978  -5.383  -11.918 1.00 24.87  ? 21  MET A N   1 ? 
ATOM   144  C CA  . MET A 1 21  ? -4.393  -5.740  -11.936 1.00 25.34  ? 21  MET A CA  1 ? 
ATOM   145  C C   . MET A 1 21  ? -4.822  -6.227  -13.313 1.00 30.08  ? 21  MET A C   1 ? 
ATOM   146  O O   . MET A 1 21  ? -5.518  -7.241  -13.452 1.00 26.77  ? 21  MET A O   1 ? 
ATOM   147  C CB  . MET A 1 21  ? -5.222  -4.527  -11.563 1.00 20.87  ? 21  MET A CB  1 ? 
ATOM   148  C CG  . MET A 1 21  ? -4.896  -3.981  -10.184 1.00 29.86  ? 21  MET A CG  1 ? 
ATOM   149  S SD  . MET A 1 21  ? -5.303  -2.213  -10.130 1.00 36.51  ? 21  MET A SD  1 ? 
ATOM   150  C CE  . MET A 1 21  ? -7.063  -2.318  -10.401 1.00 26.86  ? 21  MET A CE  1 ? 
ATOM   151  N N   . GLU A 1 22  ? -4.466  -5.469  -14.344 1.00 27.75  ? 22  GLU A N   1 ? 
ATOM   152  C CA  . GLU A 1 22  ? -4.833  -5.854  -15.695 1.00 28.79  ? 22  GLU A CA  1 ? 
ATOM   153  C C   . GLU A 1 22  ? -4.230  -7.204  -16.042 1.00 29.12  ? 22  GLU A C   1 ? 
ATOM   154  O O   . GLU A 1 22  ? -4.895  -8.038  -16.645 1.00 30.89  ? 22  GLU A O   1 ? 
ATOM   155  C CB  . GLU A 1 22  ? -4.390  -4.761  -16.665 1.00 28.53  ? 22  GLU A CB  1 ? 
ATOM   156  C CG  . GLU A 1 22  ? -4.337  -5.190  -18.108 1.00 37.95  ? 22  GLU A CG  1 ? 
ATOM   157  C CD  . GLU A 1 22  ? -3.996  -4.046  -19.031 1.00 43.80  ? 22  GLU A CD  1 ? 
ATOM   158  O OE1 . GLU A 1 22  ? -4.505  -2.917  -18.880 1.00 36.74  ? 22  GLU A OE1 1 ? 
ATOM   159  O OE2 . GLU A 1 22  ? -3.171  -4.252  -19.914 1.00 52.63  ? 22  GLU A OE2 1 ? 
ATOM   160  N N   . LYS A 1 23  ? -2.990  -7.496  -15.703 1.00 29.37  ? 23  LYS A N   1 ? 
ATOM   161  C CA  . LYS A 1 23  ? -2.405  -8.765  -16.192 1.00 31.52  ? 23  LYS A CA  1 ? 
ATOM   162  C C   . LYS A 1 23  ? -2.944  -9.996  -15.451 1.00 33.23  ? 23  LYS A C   1 ? 
ATOM   163  O O   . LYS A 1 23  ? -3.139  -10.975 -16.114 1.00 40.23  ? 23  LYS A O   1 ? 
ATOM   164  C CB  . LYS A 1 23  ? -0.882  -8.704  -16.206 1.00 44.85  ? 23  LYS A CB  1 ? 
ATOM   165  C CG  . LYS A 1 23  ? -0.212  -9.850  -16.949 1.00 65.89  ? 23  LYS A CG  1 ? 
ATOM   166  C CD  . LYS A 1 23  ? 1.063   -9.457  -17.657 1.00 73.85  ? 23  LYS A CD  1 ? 
ATOM   167  C CE  . LYS A 1 23  ? 1.638   -10.563 -18.518 1.00 65.01  ? 23  LYS A CE  1 ? 
ATOM   168  N NZ  . LYS A 1 23  ? 3.116   -10.573 -18.475 1.00 58.13  ? 23  LYS A NZ  1 ? 
ATOM   169  N N   . TYR A 1 24  ? -3.225  -9.937  -14.157 1.00 29.32  ? 24  TYR A N   1 ? 
ATOM   170  C CA  . TYR A 1 24  ? -3.644  -11.077 -13.344 1.00 28.19  ? 24  TYR A CA  1 ? 
ATOM   171  C C   . TYR A 1 24  ? -5.143  -11.070 -13.065 1.00 27.52  ? 24  TYR A C   1 ? 
ATOM   172  O O   . TYR A 1 24  ? -5.659  -11.997 -12.441 1.00 29.49  ? 24  TYR A O   1 ? 
ATOM   173  C CB  . TYR A 1 24  ? -2.791  -11.102 -12.048 1.00 35.15  ? 24  TYR A CB  1 ? 
ATOM   174  C CG  . TYR A 1 24  ? -1.324  -11.378 -12.399 1.00 48.73  ? 24  TYR A CG  1 ? 
ATOM   175  C CD1 . TYR A 1 24  ? -0.492  -10.376 -12.927 1.00 51.66  ? 24  TYR A CD1 1 ? 
ATOM   176  C CD2 . TYR A 1 24  ? -0.790  -12.652 -12.272 1.00 53.74  ? 24  TYR A CD2 1 ? 
ATOM   177  C CE1 . TYR A 1 24  ? 0.839   -10.648 -13.301 1.00 44.81  ? 24  TYR A CE1 1 ? 
ATOM   178  C CE2 . TYR A 1 24  ? 0.534   -12.930 -12.635 1.00 62.42  ? 24  TYR A CE2 1 ? 
ATOM   179  C CZ  . TYR A 1 24  ? 1.339   -11.929 -13.153 1.00 62.00  ? 24  TYR A CZ  1 ? 
ATOM   180  O OH  . TYR A 1 24  ? 2.640   -12.216 -13.512 1.00 75.34  ? 24  TYR A OH  1 ? 
ATOM   181  N N   . GLY A 1 25  ? -5.863  -10.076 -13.568 1.00 22.12  ? 25  GLY A N   1 ? 
ATOM   182  C CA  . GLY A 1 25  ? -7.304  -10.071 -13.472 1.00 22.77  ? 25  GLY A CA  1 ? 
ATOM   183  C C   . GLY A 1 25  ? -7.764  -9.968  -12.047 1.00 27.05  ? 25  GLY A C   1 ? 
ATOM   184  O O   . GLY A 1 25  ? -8.677  -10.685 -11.613 1.00 21.70  ? 25  GLY A O   1 ? 
ATOM   185  N N   . ILE A 1 26  ? -7.139  -9.071  -11.297 1.00 22.67  ? 26  ILE A N   1 ? 
ATOM   186  C CA  . ILE A 1 26  ? -7.538  -8.926  -9.906  1.00 18.27  ? 26  ILE A CA  1 ? 
ATOM   187  C C   . ILE A 1 26  ? -7.831  -7.468  -9.591  1.00 24.17  ? 26  ILE A C   1 ? 
ATOM   188  O O   . ILE A 1 26  ? -7.279  -6.565  -10.250 1.00 22.69  ? 26  ILE A O   1 ? 
ATOM   189  C CB  . ILE A 1 26  ? -6.449  -9.481  -8.969  1.00 21.04  ? 26  ILE A CB  1 ? 
ATOM   190  C CG1 . ILE A 1 26  ? -5.089  -8.852  -9.301  1.00 19.73  ? 26  ILE A CG1 1 ? 
ATOM   191  C CG2 . ILE A 1 26  ? -6.292  -11.006 -9.094  1.00 22.00  ? 26  ILE A CG2 1 ? 
ATOM   192  C CD1 . ILE A 1 26  ? -3.944  -9.495  -8.535  1.00 24.00  ? 26  ILE A CD1 1 ? 
ATOM   193  N N   . PRO A 1 27  ? -8.710  -7.198  -8.627  1.00 23.06  ? 27  PRO A N   1 ? 
ATOM   194  C CA  . PRO A 1 27  ? -8.929  -5.826  -8.170  1.00 21.07  ? 27  PRO A CA  1 ? 
ATOM   195  C C   . PRO A 1 27  ? -7.847  -5.398  -7.197  1.00 30.76  ? 27  PRO A C   1 ? 
ATOM   196  O O   . PRO A 1 27  ? -7.153  -6.216  -6.590  1.00 26.03  ? 27  PRO A O   1 ? 
ATOM   197  C CB  . PRO A 1 27  ? -10.287 -5.902  -7.474  1.00 28.86  ? 27  PRO A CB  1 ? 
ATOM   198  C CG  . PRO A 1 27  ? -10.323 -7.315  -6.899  1.00 31.91  ? 27  PRO A CG  1 ? 
ATOM   199  C CD  . PRO A 1 27  ? -9.518  -8.172  -7.869  1.00 30.69  ? 27  PRO A CD  1 ? 
ATOM   200  N N   . GLN A 1 28  ? -7.752  -4.090  -7.043  1.00 24.74  ? 28  GLN A N   1 ? 
ATOM   201  C CA  . GLN A 1 28  ? -6.771  -3.448  -6.175  1.00 29.51  ? 28  GLN A CA  1 ? 
ATOM   202  C C   . GLN A 1 28  ? -7.506  -3.064  -4.893  1.00 28.83  ? 28  GLN A C   1 ? 
ATOM   203  O O   . GLN A 1 28  ? -8.630  -2.588  -5.011  1.00 29.85  ? 28  GLN A O   1 ? 
ATOM   204  C CB  . GLN A 1 28  ? -6.219  -2.209  -6.866  1.00 39.09  ? 28  GLN A CB  1 ? 
ATOM   205  C CG  . GLN A 1 28  ? -5.760  -1.164  -5.883  1.00 42.20  ? 28  GLN A CG  1 ? 
ATOM   206  C CD  . GLN A 1 28  ? -5.069  -0.030  -6.578  1.00 37.46  ? 28  GLN A CD  1 ? 
ATOM   207  O OE1 . GLN A 1 28  ? -5.589  0.581   -7.490  1.00 51.47  ? 28  GLN A OE1 1 ? 
ATOM   208  N NE2 . GLN A 1 28  ? -3.878  0.258   -6.129  1.00 35.29  ? 28  GLN A NE2 1 ? 
ATOM   209  N N   . ILE A 1 29  ? -6.956  -3.371  -3.729  1.00 24.40  ? 29  ILE A N   1 ? 
ATOM   210  C CA  . ILE A 1 29  ? -7.486  -2.964  -2.421  1.00 28.35  ? 29  ILE A CA  1 ? 
ATOM   211  C C   . ILE A 1 29  ? -6.562  -1.867  -1.909  1.00 29.32  ? 29  ILE A C   1 ? 
ATOM   212  O O   . ILE A 1 29  ? -5.475  -2.148  -1.400  1.00 29.56  ? 29  ILE A O   1 ? 
ATOM   213  C CB  . ILE A 1 29  ? -7.553  -4.123  -1.420  1.00 27.53  ? 29  ILE A CB  1 ? 
ATOM   214  C CG1 . ILE A 1 29  ? -8.251  -5.365  -2.003  1.00 29.47  ? 29  ILE A CG1 1 ? 
ATOM   215  C CG2 . ILE A 1 29  ? -8.221  -3.691  -0.138  1.00 28.24  ? 29  ILE A CG2 1 ? 
ATOM   216  C CD1 . ILE A 1 29  ? -9.540  -5.081  -2.726  1.00 41.58  ? 29  ILE A CD1 1 ? 
ATOM   217  N N   . SER A 1 30  ? -6.962  -0.610  -2.062  1.00 23.62  ? 30  SER A N   1 ? 
ATOM   218  C CA  . SER A 1 30  ? -6.144  0.523   -1.673  1.00 32.18  ? 30  SER A CA  1 ? 
ATOM   219  C C   . SER A 1 30  ? -6.825  1.147   -0.467  1.00 30.30  ? 30  SER A C   1 ? 
ATOM   220  O O   . SER A 1 30  ? -7.880  1.770   -0.601  1.00 25.21  ? 30  SER A O   1 ? 
ATOM   221  C CB  . SER A 1 30  ? -5.991  1.530   -2.809  1.00 26.69  ? 30  SER A CB  1 ? 
ATOM   222  O OG  . SER A 1 30  ? -5.614  2.799   -2.284  1.00 31.30  ? 30  SER A OG  1 ? 
ATOM   223  N N   . THR A 1 31  ? -6.232  0.955   0.706   1.00 19.95  ? 31  THR A N   1 ? 
ATOM   224  C CA  . THR A 1 31  ? -6.798  1.530   1.918   1.00 26.59  ? 31  THR A CA  1 ? 
ATOM   225  C C   . THR A 1 31  ? -6.892  3.038   1.809   1.00 27.52  ? 31  THR A C   1 ? 
ATOM   226  O O   . THR A 1 31  ? -7.863  3.641   2.299   1.00 31.52  ? 31  THR A O   1 ? 
ATOM   227  C CB  . THR A 1 31  ? -5.968  1.099   3.138   1.00 23.89  ? 31  THR A CB  1 ? 
ATOM   228  O OG1 . THR A 1 31  ? -4.574  1.063   2.818   1.00 26.65  ? 31  THR A OG1 1 ? 
ATOM   229  C CG2 . THR A 1 31  ? -6.427  -0.289  3.540   1.00 22.86  ? 31  THR A CG2 1 ? 
ATOM   230  N N   . GLY A 1 32  ? -5.929  3.664   1.142   1.00 25.51  ? 32  GLY A N   1 ? 
ATOM   231  C CA  . GLY A 1 32  ? -6.008  5.103   0.967   1.00 28.90  ? 32  GLY A CA  1 ? 
ATOM   232  C C   . GLY A 1 32  ? -7.260  5.485   0.201   1.00 30.48  ? 32  GLY A C   1 ? 
ATOM   233  O O   . GLY A 1 32  ? -7.992  6.384   0.599   1.00 23.64  ? 32  GLY A O   1 ? 
ATOM   234  N N   . ASP A 1 33  ? -7.537  4.770   -0.894  1.00 25.81  ? 33  ASP A N   1 ? 
ATOM   235  C CA  . ASP A 1 33  ? -8.716  5.021   -1.709  1.00 28.71  ? 33  ASP A CA  1 ? 
ATOM   236  C C   . ASP A 1 33  ? -9.993  4.735   -0.929  1.00 31.12  ? 33  ASP A C   1 ? 
ATOM   237  O O   . ASP A 1 33  ? -10.946 5.515   -0.983  1.00 23.25  ? 33  ASP A O   1 ? 
ATOM   238  C CB  . ASP A 1 33  ? -8.672  4.158   -2.988  1.00 34.81  ? 33  ASP A CB  1 ? 
ATOM   239  C CG  . ASP A 1 33  ? -7.584  4.602   -4.048  1.00 47.87  ? 33  ASP A CG  1 ? 
ATOM   240  O OD1 . ASP A 1 33  ? -6.961  5.673   -3.945  1.00 45.09  ? 33  ASP A OD1 1 ? 
ATOM   241  O OD2 . ASP A 1 33  ? -7.370  3.830   -5.025  1.00 45.45  ? 33  ASP A OD2 1 ? 
ATOM   242  N N   . MET A 1 34  ? -10.033 3.611   -0.203  1.00 22.94  ? 34  MET A N   1 ? 
ATOM   243  C CA  . MET A 1 34  ? -11.247 3.238   0.512   1.00 25.23  ? 34  MET A CA  1 ? 
ATOM   244  C C   . MET A 1 34  ? -11.572 4.266   1.603   1.00 27.19  ? 34  MET A C   1 ? 
ATOM   245  O O   . MET A 1 34  ? -12.741 4.579   1.838   1.00 27.36  ? 34  MET A O   1 ? 
ATOM   246  C CB  . MET A 1 34  ? -11.021 1.857   1.099   1.00 26.01  ? 34  MET A CB  1 ? 
ATOM   247  C CG  . MET A 1 34  ? -10.947 0.781   0.032   1.00 31.05  ? 34  MET A CG  1 ? 
ATOM   248  S SD  . MET A 1 34  ? -11.341 -0.729  0.950   1.00 47.07  ? 34  MET A SD  1 ? 
ATOM   249  C CE  . MET A 1 34  ? -9.682  -1.113  1.605   1.00 36.55  ? 34  MET A CE  1 ? 
ATOM   250  N N   . LEU A 1 35  ? -10.539 4.812   2.261   1.00 25.19  ? 35  LEU A N   1 ? 
ATOM   251  C CA  . LEU A 1 35  ? -10.750 5.808   3.309   1.00 20.67  ? 35  LEU A CA  1 ? 
ATOM   252  C C   . LEU A 1 35  ? -11.194 7.131   2.703   1.00 25.64  ? 35  LEU A C   1 ? 
ATOM   253  O O   . LEU A 1 35  ? -12.079 7.788   3.234   1.00 25.72  ? 35  LEU A O   1 ? 
ATOM   254  C CB  . LEU A 1 35  ? -9.480  6.007   4.130   1.00 22.92  ? 35  LEU A CB  1 ? 
ATOM   255  C CG  . LEU A 1 35  ? -9.079  4.870   5.076   1.00 25.11  ? 35  LEU A CG  1 ? 
ATOM   256  C CD1 . LEU A 1 35  ? -7.584  5.012   5.451   1.00 24.79  ? 35  LEU A CD1 1 ? 
ATOM   257  C CD2 . LEU A 1 35  ? -9.968  4.803   6.326   1.00 27.20  ? 35  LEU A CD2 1 ? 
ATOM   258  N N   . ARG A 1 36  ? -10.583 7.557   1.602   1.00 30.95  ? 36  ARG A N   1 ? 
ATOM   259  C CA  . ARG A 1 36  ? -11.021 8.814   0.992   1.00 30.65  ? 36  ARG A CA  1 ? 
ATOM   260  C C   . ARG A 1 36  ? -12.442 8.672   0.471   1.00 32.89  ? 36  ARG A C   1 ? 
ATOM   261  O O   . ARG A 1 36  ? -13.247 9.592   0.617   1.00 27.01  ? 36  ARG A O   1 ? 
ATOM   262  C CB  . ARG A 1 36  ? -10.056 9.257   -0.101  1.00 31.37  ? 36  ARG A CB  1 ? 
ATOM   263  C CG  . ARG A 1 36  ? -8.723  9.752   0.438   1.00 29.17  ? 36  ARG A CG  1 ? 
ATOM   264  C CD  . ARG A 1 36  ? -7.822  10.229  -0.677  1.00 40.40  ? 36  ARG A CD  1 ? 
ATOM   265  N NE  . ARG A 1 36  ? -7.292  9.158   -1.531  1.00 39.90  ? 36  ARG A NE  1 ? 
ATOM   266  C CZ  . ARG A 1 36  ? -6.135  8.512   -1.329  1.00 37.30  ? 36  ARG A CZ  1 ? 
ATOM   267  N NH1 . ARG A 1 36  ? -5.377  8.798   -0.283  1.00 29.77  ? 36  ARG A NH1 1 ? 
ATOM   268  N NH2 . ARG A 1 36  ? -5.733  7.573   -2.182  1.00 33.33  ? 36  ARG A NH2 1 ? 
ATOM   269  N N   . ALA A 1 37  ? -12.792 7.498   -0.070  1.00 30.04  ? 37  ALA A N   1 ? 
ATOM   270  C CA  . ALA A 1 37  ? -14.173 7.267   -0.461  1.00 31.03  ? 37  ALA A CA  1 ? 
ATOM   271  C C   . ALA A 1 37  ? -15.109 7.272   0.743   1.00 36.84  ? 37  ALA A C   1 ? 
ATOM   272  O O   . ALA A 1 37  ? -16.267 7.695   0.624   1.00 31.68  ? 37  ALA A O   1 ? 
ATOM   273  C CB  . ALA A 1 37  ? -14.337 5.937   -1.199  1.00 34.48  ? 37  ALA A CB  1 ? 
ATOM   274  N N   . ALA A 1 38  ? -14.658 6.748   1.894   1.00 29.62  ? 38  ALA A N   1 ? 
ATOM   275  C CA  . ALA A 1 38  ? -15.524 6.708   3.069   1.00 32.30  ? 38  ALA A CA  1 ? 
ATOM   276  C C   . ALA A 1 38  ? -15.864 8.122   3.513   1.00 35.30  ? 38  ALA A C   1 ? 
ATOM   277  O O   . ALA A 1 38  ? -17.015 8.443   3.802   1.00 38.67  ? 38  ALA A O   1 ? 
ATOM   278  C CB  . ALA A 1 38  ? -14.852 5.944   4.216   1.00 31.82  ? 38  ALA A CB  1 ? 
ATOM   279  N N   . VAL A 1 39  ? -14.864 8.985   3.529   1.00 31.77  ? 39  VAL A N   1 ? 
ATOM   280  C CA  . VAL A 1 39  ? -15.055 10.387  3.866   1.00 31.24  ? 39  VAL A CA  1 ? 
ATOM   281  C C   . VAL A 1 39  ? -16.062 11.036  2.936   1.00 35.80  ? 39  VAL A C   1 ? 
ATOM   282  O O   . VAL A 1 39  ? -16.994 11.716  3.372   1.00 39.09  ? 39  VAL A O   1 ? 
ATOM   283  C CB  . VAL A 1 39  ? -13.700 11.095  3.796   1.00 30.94  ? 39  VAL A CB  1 ? 
ATOM   284  C CG1 . VAL A 1 39  ? -13.860 12.577  4.075   1.00 38.82  ? 39  VAL A CG1 1 ? 
ATOM   285  C CG2 . VAL A 1 39  ? -12.745 10.370  4.757   1.00 36.35  ? 39  VAL A CG2 1 ? 
ATOM   286  N N   . LYS A 1 40  ? -15.836 10.905  1.635   1.00 42.15  ? 40  LYS A N   1 ? 
ATOM   287  C CA  . LYS A 1 40  ? -16.704 11.551  0.664   1.00 41.86  ? 40  LYS A CA  1 ? 
ATOM   288  C C   . LYS A 1 40  ? -18.146 11.094  0.825   1.00 46.41  ? 40  LYS A C   1 ? 
ATOM   289  O O   . LYS A 1 40  ? -19.078 11.897  0.770   1.00 50.83  ? 40  LYS A O   1 ? 
ATOM   290  C CB  . LYS A 1 40  ? -16.214 11.241  -0.753  1.00 41.78  ? 40  LYS A CB  1 ? 
ATOM   291  C CG  . LYS A 1 40  ? -16.475 12.364  -1.764  1.00 48.34  ? 40  LYS A CG  1 ? 
ATOM   292  C CD  . LYS A 1 40  ? -16.170 11.930  -3.194  1.00 46.33  ? 40  LYS A CD  1 ? 
ATOM   293  C CE  . LYS A 1 40  ? -16.356 13.087  -4.182  1.00 72.80  ? 40  LYS A CE  1 ? 
ATOM   294  N NZ  . LYS A 1 40  ? -15.709 14.376  -3.720  1.00 72.52  ? 40  LYS A NZ  1 ? 
ATOM   295  N N   . SER A 1 41  ? -18.360 9.798   0.978   1.00 37.78  ? 41  SER A N   1 ? 
ATOM   296  C CA  . SER A 1 41  ? -19.727 9.318   0.965   1.00 40.77  ? 41  SER A CA  1 ? 
ATOM   297  C C   . SER A 1 41  ? -20.401 9.395   2.322   1.00 36.59  ? 41  SER A C   1 ? 
ATOM   298  O O   . SER A 1 41  ? -21.591 9.064   2.422   1.00 41.33  ? 41  SER A O   1 ? 
ATOM   299  C CB  . SER A 1 41  ? -19.744 7.879   0.474   1.00 43.43  ? 41  SER A CB  1 ? 
ATOM   300  O OG  . SER A 1 41  ? -19.433 7.032   1.555   1.00 46.58  ? 41  SER A OG  1 ? 
ATOM   301  N N   . GLY A 1 42  ? -19.665 9.812   3.350   1.00 44.58  ? 42  GLY A N   1 ? 
ATOM   302  C CA  . GLY A 1 42  ? -20.122 9.765   4.732   1.00 37.85  ? 42  GLY A CA  1 ? 
ATOM   303  C C   . GLY A 1 42  ? -20.361 8.382   5.281   1.00 32.35  ? 42  GLY A C   1 ? 
ATOM   304  O O   . GLY A 1 42  ? -21.250 8.210   6.101   1.00 41.80  ? 42  GLY A O   1 ? 
ATOM   305  N N   . SER A 1 43  ? -19.593 7.379   4.856   1.00 40.63  ? 43  SER A N   1 ? 
ATOM   306  C CA  . SER A 1 43  ? -19.823 6.036   5.384   1.00 39.28  ? 43  SER A CA  1 ? 
ATOM   307  C C   . SER A 1 43  ? -19.393 5.936   6.846   1.00 32.22  ? 43  SER A C   1 ? 
ATOM   308  O O   . SER A 1 43  ? -18.376 6.506   7.266   1.00 42.62  ? 43  SER A O   1 ? 
ATOM   309  C CB  . SER A 1 43  ? -19.109 4.962   4.562   1.00 40.02  ? 43  SER A CB  1 ? 
ATOM   310  O OG  . SER A 1 43  ? -19.757 4.764   3.308   1.00 53.33  ? 43  SER A OG  1 ? 
ATOM   311  N N   . GLU A 1 44  ? -20.190 5.207   7.632   1.00 37.23  ? 44  GLU A N   1 ? 
ATOM   312  C CA  . GLU A 1 44  ? -19.921 5.136   9.061   1.00 35.81  ? 44  GLU A CA  1 ? 
ATOM   313  C C   . GLU A 1 44  ? -18.545 4.545   9.306   1.00 34.62  ? 44  GLU A C   1 ? 
ATOM   314  O O   . GLU A 1 44  ? -17.822 5.007   10.194  1.00 32.40  ? 44  GLU A O   1 ? 
ATOM   315  C CB  . GLU A 1 44  ? -20.989 4.323   9.793   1.00 37.04  ? 44  GLU A CB  1 ? 
ATOM   316  C CG  . GLU A 1 44  ? -20.711 4.165   11.316  1.00 42.58  ? 44  GLU A CG  1 ? 
ATOM   317  C CD  . GLU A 1 44  ? -20.542 5.492   12.089  1.00 63.16  ? 44  GLU A CD  1 ? 
ATOM   318  O OE1 . GLU A 1 44  ? -21.106 6.539   11.686  1.00 58.17  ? 44  GLU A OE1 1 ? 
ATOM   319  O OE2 . GLU A 1 44  ? -19.856 5.462   13.141  1.00 52.35  ? 44  GLU A OE2 1 ? 
ATOM   320  N N   . LEU A 1 45  ? -18.153 3.553   8.502   1.00 33.40  ? 45  LEU A N   1 ? 
ATOM   321  C CA  . LEU A 1 45  ? -16.825 2.930   8.600   1.00 32.14  ? 45  LEU A CA  1 ? 
ATOM   322  C C   . LEU A 1 45  ? -15.825 3.688   7.729   1.00 33.88  ? 45  LEU A C   1 ? 
ATOM   323  O O   . LEU A 1 45  ? -15.640 3.395   6.541   1.00 29.51  ? 45  LEU A O   1 ? 
ATOM   324  C CB  . LEU A 1 45  ? -16.894 1.469   8.194   1.00 34.32  ? 45  LEU A CB  1 ? 
ATOM   325  C CG  . LEU A 1 45  ? -15.643 0.636   8.507   1.00 38.62  ? 45  LEU A CG  1 ? 
ATOM   326  C CD1 . LEU A 1 45  ? -15.434 0.516   10.007  1.00 40.77  ? 45  LEU A CD1 1 ? 
ATOM   327  C CD2 . LEU A 1 45  ? -15.776 -0.706  7.822   1.00 35.54  ? 45  LEU A CD2 1 ? 
ATOM   328  N N   . GLY A 1 46  ? -15.133 4.646   8.351   1.00 34.20  ? 46  GLY A N   1 ? 
ATOM   329  C CA  . GLY A 1 46  ? -14.055 5.365   7.704   1.00 37.22  ? 46  GLY A CA  1 ? 
ATOM   330  C C   . GLY A 1 46  ? -14.155 6.871   7.614   1.00 30.92  ? 46  GLY A C   1 ? 
ATOM   331  O O   . GLY A 1 46  ? -13.128 7.534   7.427   1.00 31.89  ? 46  GLY A O   1 ? 
ATOM   332  N N   . LYS A 1 47  ? -15.351 7.449   7.708   1.00 33.33  ? 47  LYS A N   1 ? 
ATOM   333  C CA  . LYS A 1 47  ? -15.444 8.910   7.720   1.00 33.75  ? 47  LYS A CA  1 ? 
ATOM   334  C C   . LYS A 1 47  ? -14.529 9.529   8.776   1.00 31.13  ? 47  LYS A C   1 ? 
ATOM   335  O O   . LYS A 1 47  ? -14.120 10.683  8.636   1.00 38.42  ? 47  LYS A O   1 ? 
ATOM   336  C CB  . LYS A 1 47  ? -16.899 9.318   7.962   1.00 44.85  ? 47  LYS A CB  1 ? 
ATOM   337  C CG  . LYS A 1 47  ? -17.437 9.170   9.404   1.00 42.85  ? 47  LYS A CG  1 ? 
ATOM   338  C CD  . LYS A 1 47  ? -18.581 10.163  9.645   1.00 55.20  ? 47  LYS A CD  1 ? 
ATOM   339  C CE  . LYS A 1 47  ? -19.681 9.602   10.545  1.00 65.99  ? 47  LYS A CE  1 ? 
ATOM   340  N NZ  . LYS A 1 47  ? -21.011 10.172  10.182  1.00 63.36  ? 47  LYS A NZ  1 ? 
ATOM   341  N N   . GLN A 1 48  ? -14.216 8.777   9.845   1.00 31.88  ? 48  GLN A N   1 ? 
ATOM   342  C CA  . GLN A 1 48  ? -13.429 9.269   10.965  1.00 33.86  ? 48  GLN A CA  1 ? 
ATOM   343  C C   . GLN A 1 48  ? -12.004 9.579   10.579  1.00 28.96  ? 48  GLN A C   1 ? 
ATOM   344  O O   . GLN A 1 48  ? -11.309 10.292  11.313  1.00 36.95  ? 48  GLN A O   1 ? 
ATOM   345  C CB  . GLN A 1 48  ? -13.420 8.221   12.091  1.00 39.07  ? 48  GLN A CB  1 ? 
ATOM   346  C CG  . GLN A 1 48  ? -14.814 7.819   12.550  1.00 26.76  ? 48  GLN A CG  1 ? 
ATOM   347  C CD  . GLN A 1 48  ? -15.396 6.633   11.814  1.00 37.18  ? 48  GLN A CD  1 ? 
ATOM   348  O OE1 . GLN A 1 48  ? -14.823 6.149   10.827  1.00 30.41  ? 48  GLN A OE1 1 ? 
ATOM   349  N NE2 . GLN A 1 48  ? -16.560 6.176   12.263  1.00 38.46  ? 48  GLN A NE2 1 ? 
ATOM   350  N N   . ALA A 1 49  ? -11.566 9.075   9.425   1.00 36.83  ? 49  ALA A N   1 ? 
ATOM   351  C CA  . ALA A 1 49  ? -10.188 9.230   8.988   1.00 30.59  ? 49  ALA A CA  1 ? 
ATOM   352  C C   . ALA A 1 49  ? -9.847  10.640  8.555   1.00 33.22  ? 49  ALA A C   1 ? 
ATOM   353  O O   . ALA A 1 49  ? -8.665  10.979  8.512   1.00 26.78  ? 49  ALA A O   1 ? 
ATOM   354  C CB  . ALA A 1 49  ? -9.872  8.313   7.796   1.00 30.71  ? 49  ALA A CB  1 ? 
ATOM   355  N N   . LYS A 1 50  ? -10.840 11.446  8.184   1.00 31.51  ? 50  LYS A N   1 ? 
ATOM   356  C CA  . LYS A 1 50  ? -10.553 12.684  7.463   1.00 35.61  ? 50  LYS A CA  1 ? 
ATOM   357  C C   . LYS A 1 50  ? -9.416  13.463  8.120   1.00 41.22  ? 50  LYS A C   1 ? 
ATOM   358  O O   . LYS A 1 50  ? -8.427  13.818  7.464   1.00 35.43  ? 50  LYS A O   1 ? 
ATOM   359  C CB  . LYS A 1 50  ? -11.828 13.529  7.380   1.00 40.32  ? 50  LYS A CB  1 ? 
ATOM   360  C CG  . LYS A 1 50  ? -11.704 14.779  6.541   1.00 51.49  ? 50  LYS A CG  1 ? 
ATOM   361  C CD  . LYS A 1 50  ? -11.047 15.903  7.319   1.00 63.32  ? 50  LYS A CD  1 ? 
ATOM   362  C CE  . LYS A 1 50  ? -11.527 17.280  6.866   1.00 67.56  ? 50  LYS A CE  1 ? 
ATOM   363  N NZ  . LYS A 1 50  ? -10.862 17.766  5.611   1.00 68.66  ? 50  LYS A NZ  1 ? 
ATOM   364  N N   . ASP A 1 51  ? -9.528  13.705  9.434   1.00 37.80  ? 51  ASP A N   1 ? 
ATOM   365  C CA  . ASP A 1 51  ? -8.615  14.606  10.135  1.00 35.22  ? 51  ASP A CA  1 ? 
ATOM   366  C C   . ASP A 1 51  ? -7.235  13.980  10.305  1.00 32.57  ? 51  ASP A C   1 ? 
ATOM   367  O O   . ASP A 1 51  ? -6.215  14.654  10.148  1.00 32.22  ? 51  ASP A O   1 ? 
ATOM   368  C CB  . ASP A 1 51  ? -9.180  14.978  11.521  1.00 51.55  ? 51  ASP A CB  1 ? 
ATOM   369  C CG  . ASP A 1 51  ? -10.435 15.869  11.468  1.00 63.35  ? 51  ASP A CG  1 ? 
ATOM   370  O OD1 . ASP A 1 51  ? -10.723 16.463  10.406  1.00 51.97  ? 51  ASP A OD1 1 ? 
ATOM   371  O OD2 . ASP A 1 51  ? -11.121 15.997  12.513  1.00 72.30  ? 51  ASP A OD2 1 ? 
ATOM   372  N N   . ILE A 1 52  ? -7.205  12.697  10.657  1.00 26.95  ? 52  ILE A N   1 ? 
ATOM   373  C CA  . ILE A 1 52  ? -5.973  11.919  10.737  1.00 30.12  ? 52  ILE A CA  1 ? 
ATOM   374  C C   . ILE A 1 52  ? -5.193  12.014  9.430   1.00 28.52  ? 52  ILE A C   1 ? 
ATOM   375  O O   . ILE A 1 52  ? -3.985  12.282  9.427   1.00 30.81  ? 52  ILE A O   1 ? 
ATOM   376  C CB  . ILE A 1 52  ? -6.328  10.458  11.080  1.00 25.80  ? 52  ILE A CB  1 ? 
ATOM   377  C CG1 . ILE A 1 52  ? -7.248  10.393  12.326  1.00 36.00  ? 52  ILE A CG1 1 ? 
ATOM   378  C CG2 . ILE A 1 52  ? -5.072  9.633   11.293  1.00 29.48  ? 52  ILE A CG2 1 ? 
ATOM   379  C CD1 . ILE A 1 52  ? -8.059  9.083   12.439  1.00 41.22  ? 52  ILE A CD1 1 ? 
ATOM   380  N N   . MET A 1 53  ? -5.877  11.814  8.296   1.00 29.95  ? 53  MET A N   1 ? 
ATOM   381  C CA  . MET A 1 53  ? -5.191  11.803  7.006   1.00 28.81  ? 53  MET A CA  1 ? 
ATOM   382  C C   . MET A 1 53  ? -4.590  13.167  6.698   1.00 37.40  ? 53  MET A C   1 ? 
ATOM   383  O O   . MET A 1 53  ? -3.414  13.267  6.338   1.00 33.51  ? 53  MET A O   1 ? 
ATOM   384  C CB  . MET A 1 53  ? -6.138  11.363  5.889   1.00 28.13  ? 53  MET A CB  1 ? 
ATOM   385  C CG  . MET A 1 53  ? -6.327  9.864   5.873   1.00 25.96  ? 53  MET A CG  1 ? 
ATOM   386  S SD  . MET A 1 53  ? -7.091  9.191   4.404   1.00 34.42  ? 53  MET A SD  1 ? 
ATOM   387  C CE  . MET A 1 53  ? -8.768  9.723   4.664   1.00 29.84  ? 53  MET A CE  1 ? 
ATOM   388  N N   . ASP A 1 54  ? -5.365  14.233  6.846   1.00 31.79  ? 54  ASP A N   1 ? 
ATOM   389  C CA  . ASP A 1 54  ? -4.799  15.556  6.592   1.00 32.08  ? 54  ASP A CA  1 ? 
ATOM   390  C C   . ASP A 1 54  ? -3.624  15.900  7.491   1.00 28.11  ? 54  ASP A C   1 ? 
ATOM   391  O O   . ASP A 1 54  ? -2.826  16.765  7.120   1.00 47.14  ? 54  ASP A O   1 ? 
ATOM   392  C CB  . ASP A 1 54  ? -5.893  16.594  6.731   1.00 33.56  ? 54  ASP A CB  1 ? 
ATOM   393  C CG  . ASP A 1 54  ? -6.920  16.438  5.685   1.00 50.83  ? 54  ASP A CG  1 ? 
ATOM   394  O OD1 . ASP A 1 54  ? -8.023  16.983  5.861   1.00 61.63  ? 54  ASP A OD1 1 ? 
ATOM   395  O OD2 . ASP A 1 54  ? -6.618  15.748  4.679   1.00 59.68  ? 54  ASP A OD2 1 ? 
ATOM   396  N N   . ALA A 1 55  ? -3.504  15.260  8.650   1.00 32.31  ? 55  ALA A N   1 ? 
ATOM   397  C CA  . ALA A 1 55  ? -2.392  15.460  9.569   1.00 34.47  ? 55  ALA A CA  1 ? 
ATOM   398  C C   . ALA A 1 55  ? -1.180  14.635  9.190   1.00 36.61  ? 55  ALA A C   1 ? 
ATOM   399  O O   . ALA A 1 55  ? -0.135  14.732  9.857   1.00 30.84  ? 55  ALA A O   1 ? 
ATOM   400  C CB  . ALA A 1 55  ? -2.814  15.087  10.988  1.00 39.59  ? 55  ALA A CB  1 ? 
ATOM   401  N N   . GLY A 1 56  ? -1.296  13.824  8.144   1.00 28.83  ? 56  GLY A N   1 ? 
ATOM   402  C CA  . GLY A 1 56  ? -0.236  12.895  7.831   1.00 39.56  ? 56  GLY A CA  1 ? 
ATOM   403  C C   . GLY A 1 56  ? 0.017   11.876  8.904   1.00 31.50  ? 56  GLY A C   1 ? 
ATOM   404  O O   . GLY A 1 56  ? 1.155   11.448  9.078   1.00 44.46  ? 56  GLY A O   1 ? 
ATOM   405  N N   . LYS A 1 57  ? -0.997  11.461  9.634   1.00 32.09  ? 57  LYS A N   1 ? 
ATOM   406  C CA  . LYS A 1 57  ? -0.789  10.388  10.587  1.00 34.94  ? 57  LYS A CA  1 ? 
ATOM   407  C C   . LYS A 1 57  ? -1.396  9.120   10.032  1.00 23.71  ? 57  LYS A C   1 ? 
ATOM   408  O O   . LYS A 1 57  ? -2.177  9.138   9.087   1.00 26.44  ? 57  LYS A O   1 ? 
ATOM   409  C CB  . LYS A 1 57  ? -1.424  10.753  11.935  1.00 43.70  ? 57  LYS A CB  1 ? 
ATOM   410  C CG  . LYS A 1 57  ? -0.592  11.627  12.862  1.00 43.61  ? 57  LYS A CG  1 ? 
ATOM   411  C CD  . LYS A 1 57  ? -1.404  11.959  14.113  1.00 54.31  ? 57  LYS A CD  1 ? 
ATOM   412  C CE  . LYS A 1 57  ? -1.074  13.348  14.672  1.00 67.35  ? 57  LYS A CE  1 ? 
ATOM   413  N NZ  . LYS A 1 57  ? 0.335   13.318  15.150  1.00 77.78  ? 57  LYS A NZ  1 ? 
ATOM   414  N N   . LEU A 1 58  ? -1.039  7.998   10.626  1.00 23.04  ? 58  LEU A N   1 ? 
ATOM   415  C CA  . LEU A 1 58  ? -1.707  6.764   10.268  1.00 23.02  ? 58  LEU A CA  1 ? 
ATOM   416  C C   . LEU A 1 58  ? -3.080  6.687   10.939  1.00 31.84  ? 58  LEU A C   1 ? 
ATOM   417  O O   . LEU A 1 58  ? -3.298  7.228   12.025  1.00 30.32  ? 58  LEU A O   1 ? 
ATOM   418  C CB  . LEU A 1 58  ? -0.862  5.567   10.670  1.00 23.24  ? 58  LEU A CB  1 ? 
ATOM   419  C CG  . LEU A 1 58  ? 0.355   5.365   9.785   1.00 30.21  ? 58  LEU A CG  1 ? 
ATOM   420  C CD1 . LEU A 1 58  ? 1.048   4.048   10.097  1.00 34.88  ? 58  LEU A CD1 1 ? 
ATOM   421  C CD2 . LEU A 1 58  ? 0.029   5.408   8.305   1.00 32.85  ? 58  LEU A CD2 1 ? 
ATOM   422  N N   . VAL A 1 59  ? -4.007  5.992   10.280  1.00 22.50  ? 59  VAL A N   1 ? 
ATOM   423  C CA  . VAL A 1 59  ? -5.313  5.721   10.858  1.00 23.50  ? 59  VAL A CA  1 ? 
ATOM   424  C C   . VAL A 1 59  ? -5.199  4.525   11.793  1.00 26.37  ? 59  VAL A C   1 ? 
ATOM   425  O O   . VAL A 1 59  ? -4.283  3.721   11.684  1.00 21.98  ? 59  VAL A O   1 ? 
ATOM   426  C CB  . VAL A 1 59  ? -6.349  5.483   9.745   1.00 31.61  ? 59  VAL A CB  1 ? 
ATOM   427  C CG1 . VAL A 1 59  ? -7.646  4.954   10.306  1.00 30.70  ? 59  VAL A CG1 1 ? 
ATOM   428  C CG2 . VAL A 1 59  ? -6.592  6.777   9.022   1.00 24.86  ? 59  VAL A CG2 1 ? 
ATOM   429  N N   . THR A 1 60  ? -6.120  4.409   12.746  1.00 19.01  ? 60  THR A N   1 ? 
ATOM   430  C CA  . THR A 1 60  ? -5.960  3.306   13.695  1.00 23.16  ? 60  THR A CA  1 ? 
ATOM   431  C C   . THR A 1 60  ? -6.013  1.949   12.995  1.00 21.90  ? 60  THR A C   1 ? 
ATOM   432  O O   . THR A 1 60  ? -6.779  1.748   12.057  1.00 23.11  ? 60  THR A O   1 ? 
ATOM   433  C CB  . THR A 1 60  ? -7.031  3.299   14.769  1.00 28.38  ? 60  THR A CB  1 ? 
ATOM   434  O OG1 . THR A 1 60  ? -8.288  3.079   14.098  1.00 35.11  ? 60  THR A OG1 1 ? 
ATOM   435  C CG2 . THR A 1 60  ? -7.048  4.587   15.604  1.00 28.35  ? 60  THR A CG2 1 ? 
ATOM   436  N N   . ASP A 1 61  ? -5.256  0.978   13.530  1.00 24.09  ? 61  ASP A N   1 ? 
ATOM   437  C CA  . ASP A 1 61  ? -5.168  -0.354  12.936  1.00 23.51  ? 61  ASP A CA  1 ? 
ATOM   438  C C   . ASP A 1 61  ? -6.546  -1.007  12.877  1.00 31.49  ? 61  ASP A C   1 ? 
ATOM   439  O O   . ASP A 1 61  ? -6.932  -1.607  11.859  1.00 25.24  ? 61  ASP A O   1 ? 
ATOM   440  C CB  . ASP A 1 61  ? -4.215  -1.264  13.747  1.00 28.11  ? 61  ASP A CB  1 ? 
ATOM   441  C CG  . ASP A 1 61  ? -2.735  -0.839  13.720  1.00 37.31  ? 61  ASP A CG  1 ? 
ATOM   442  O OD1 . ASP A 1 61  ? -2.225  -0.337  12.695  1.00 23.44  ? 61  ASP A OD1 1 ? 
ATOM   443  O OD2 . ASP A 1 61  ? -2.032  -1.094  14.738  1.00 35.12  ? 61  ASP A OD2 1 ? 
ATOM   444  N N   . GLU A 1 62  ? -7.296  -0.899  13.980  1.00 23.83  ? 62  GLU A N   1 ? 
ATOM   445  C CA  . GLU A 1 62  ? -8.638  -1.470  14.073  1.00 24.69  ? 62  GLU A CA  1 ? 
ATOM   446  C C   . GLU A 1 62  ? -9.546  -0.977  12.937  1.00 26.91  ? 62  GLU A C   1 ? 
ATOM   447  O O   . GLU A 1 62  ? -10.262 -1.761  12.322  1.00 23.04  ? 62  GLU A O   1 ? 
ATOM   448  C CB  . GLU A 1 62  ? -9.168  -1.123  15.476  1.00 32.10  ? 62  GLU A CB  1 ? 
ATOM   449  C CG  . GLU A 1 62  ? -10.651 -0.909  15.612  1.00 58.37  ? 62  GLU A CG  1 ? 
ATOM   450  C CD  . GLU A 1 62  ? -11.160 -0.800  17.062  1.00 48.18  ? 62  GLU A CD  1 ? 
ATOM   451  O OE1 . GLU A 1 62  ? -10.749 0.123   17.810  1.00 42.45  ? 62  GLU A OE1 1 ? 
ATOM   452  O OE2 . GLU A 1 62  ? -12.011 -1.636  17.410  1.00 35.41  ? 62  GLU A OE2 1 ? 
ATOM   453  N N   . LEU A 1 63  ? -9.501  0.306   12.605  1.00 23.08  ? 63  LEU A N   1 ? 
ATOM   454  C CA  . LEU A 1 63  ? -10.393 0.803   11.558  1.00 23.75  ? 63  LEU A CA  1 ? 
ATOM   455  C C   . LEU A 1 63  ? -9.970  0.281   10.191  1.00 25.03  ? 63  LEU A C   1 ? 
ATOM   456  O O   . LEU A 1 63  ? -10.800 -0.213  9.424   1.00 25.80  ? 63  LEU A O   1 ? 
ATOM   457  C CB  . LEU A 1 63  ? -10.399 2.320   11.528  1.00 25.34  ? 63  LEU A CB  1 ? 
ATOM   458  C CG  . LEU A 1 63  ? -11.275 3.037   10.518  1.00 35.11  ? 63  LEU A CG  1 ? 
ATOM   459  C CD1 . LEU A 1 63  ? -12.628 2.433   10.564  1.00 32.96  ? 63  LEU A CD1 1 ? 
ATOM   460  C CD2 . LEU A 1 63  ? -11.263 4.497   10.925  1.00 35.71  ? 63  LEU A CD2 1 ? 
ATOM   461  N N   A VAL A 1 64  ? -8.685  0.394   9.861   0.46 21.42  ? 64  VAL A N   1 ? 
ATOM   462  N N   B VAL A 1 64  ? -8.678  0.380   9.870   0.54 23.45  ? 64  VAL A N   1 ? 
ATOM   463  C CA  A VAL A 1 64  ? -8.243  -0.046  8.542   0.46 23.11  ? 64  VAL A CA  1 ? 
ATOM   464  C CA  B VAL A 1 64  ? -8.226  -0.044  8.546   0.54 22.18  ? 64  VAL A CA  1 ? 
ATOM   465  C C   A VAL A 1 64  ? -8.396  -1.554  8.417   0.46 22.77  ? 64  VAL A C   1 ? 
ATOM   466  C C   B VAL A 1 64  ? -8.358  -1.549  8.413   0.54 21.50  ? 64  VAL A C   1 ? 
ATOM   467  O O   A VAL A 1 64  ? -8.799  -2.061  7.363   0.46 24.31  ? 64  VAL A O   1 ? 
ATOM   468  O O   B VAL A 1 64  ? -8.737  -2.050  7.350   0.54 24.35  ? 64  VAL A O   1 ? 
ATOM   469  C CB  A VAL A 1 64  ? -6.806  0.429   8.266   0.46 24.93  ? 64  VAL A CB  1 ? 
ATOM   470  C CB  B VAL A 1 64  ? -6.798  0.475   8.273   0.54 25.03  ? 64  VAL A CB  1 ? 
ATOM   471  C CG1 A VAL A 1 64  ? -6.266  -0.289  7.062   0.46 24.68  ? 64  VAL A CG1 1 ? 
ATOM   472  C CG1 B VAL A 1 64  ? -5.738  -0.275  9.060   0.54 17.73  ? 64  VAL A CG1 1 ? 
ATOM   473  C CG2 A VAL A 1 64  ? -6.795  1.951   8.044   0.46 24.25  ? 64  VAL A CG2 1 ? 
ATOM   474  C CG2 B VAL A 1 64  ? -6.523  0.420   6.795   0.54 25.23  ? 64  VAL A CG2 1 ? 
ATOM   475  N N   . ILE A 1 65  ? -8.126  -2.294  9.498   1.00 21.36  ? 65  ILE A N   1 ? 
ATOM   476  C CA  . ILE A 1 65  ? -8.285  -3.749  9.435   1.00 17.97  ? 65  ILE A CA  1 ? 
ATOM   477  C C   . ILE A 1 65  ? -9.727  -4.136  9.093   1.00 26.75  ? 65  ILE A C   1 ? 
ATOM   478  O O   . ILE A 1 65  ? -9.984  -5.047  8.284   1.00 19.44  ? 65  ILE A O   1 ? 
ATOM   479  C CB  . ILE A 1 65  ? -7.835  -4.397  10.746  1.00 23.41  ? 65  ILE A CB  1 ? 
ATOM   480  C CG1 . ILE A 1 65  ? -6.304  -4.386  10.867  1.00 23.17  ? 65  ILE A CG1 1 ? 
ATOM   481  C CG2 . ILE A 1 65  ? -8.340  -5.808  10.815  1.00 31.06  ? 65  ILE A CG2 1 ? 
ATOM   482  C CD1 . ILE A 1 65  ? -5.750  -4.786  12.260  1.00 23.59  ? 65  ILE A CD1 1 ? 
ATOM   483  N N   . ALA A 1 66  ? -10.688 -3.489  9.732   1.00 22.39  ? 66  ALA A N   1 ? 
ATOM   484  C CA  . ALA A 1 66  ? -12.085 -3.765  9.442   1.00 27.43  ? 66  ALA A CA  1 ? 
ATOM   485  C C   . ALA A 1 66  ? -12.439 -3.420  8.006   1.00 24.97  ? 66  ALA A C   1 ? 
ATOM   486  O O   . ALA A 1 66  ? -13.161 -4.177  7.335   1.00 26.76  ? 66  ALA A O   1 ? 
ATOM   487  C CB  . ALA A 1 66  ? -12.987 -2.980  10.399  1.00 30.01  ? 66  ALA A CB  1 ? 
ATOM   488  N N   . LEU A 1 67  ? -11.997 -2.263  7.522   1.00 24.25  ? 67  LEU A N   1 ? 
ATOM   489  C CA  . LEU A 1 67  ? -12.357 -1.903  6.155   1.00 26.00  ? 67  LEU A CA  1 ? 
ATOM   490  C C   . LEU A 1 67  ? -11.859 -2.954  5.191   1.00 27.89  ? 67  LEU A C   1 ? 
ATOM   491  O O   . LEU A 1 67  ? -12.508 -3.264  4.185   1.00 26.82  ? 67  LEU A O   1 ? 
ATOM   492  C CB  . LEU A 1 67  ? -11.747 -0.559  5.774   1.00 23.59  ? 67  LEU A CB  1 ? 
ATOM   493  C CG  . LEU A 1 67  ? -12.492 0.773   5.710   1.00 34.90  ? 67  LEU A CG  1 ? 
ATOM   494  C CD1 . LEU A 1 67  ? -11.372 1.783   5.409   1.00 35.18  ? 67  LEU A CD1 1 ? 
ATOM   495  C CD2 . LEU A 1 67  ? -13.554 0.814   4.655   1.00 40.02  ? 67  LEU A CD2 1 ? 
ATOM   496  N N   . VAL A 1 68  ? -10.649 -3.441  5.437   1.00 23.60  ? 68  VAL A N   1 ? 
ATOM   497  C CA  . VAL A 1 68  ? -10.061 -4.407  4.538   1.00 20.10  ? 68  VAL A CA  1 ? 
ATOM   498  C C   . VAL A 1 68  ? -10.772 -5.740  4.638   1.00 23.74  ? 68  VAL A C   1 ? 
ATOM   499  O O   . VAL A 1 68  ? -10.953 -6.437  3.635   1.00 25.13  ? 68  VAL A O   1 ? 
ATOM   500  C CB  . VAL A 1 68  ? -8.560  -4.576  4.829   1.00 21.31  ? 68  VAL A CB  1 ? 
ATOM   501  C CG1 . VAL A 1 68  ? -8.068  -5.740  4.038   1.00 19.49  ? 68  VAL A CG1 1 ? 
ATOM   502  C CG2 . VAL A 1 68  ? -7.727  -3.365  4.456   1.00 20.23  ? 68  VAL A CG2 1 ? 
ATOM   503  N N   . LYS A 1 69  ? -11.129 -6.157  5.847   1.00 20.97  ? 69  LYS A N   1 ? 
ATOM   504  C CA  . LYS A 1 69  ? -11.768 -7.467  5.983   1.00 21.78  ? 69  LYS A CA  1 ? 
ATOM   505  C C   . LYS A 1 69  ? -13.087 -7.494  5.233   1.00 26.58  ? 69  LYS A C   1 ? 
ATOM   506  O O   . LYS A 1 69  ? -13.445 -8.503  4.609   1.00 25.29  ? 69  LYS A O   1 ? 
ATOM   507  C CB  . LYS A 1 69  ? -11.990 -7.803  7.445   1.00 21.11  ? 69  LYS A CB  1 ? 
ATOM   508  C CG  . LYS A 1 69  ? -10.840 -8.549  8.078   1.00 37.80  ? 69  LYS A CG  1 ? 
ATOM   509  C CD  . LYS A 1 69  ? -11.267 -9.280  9.363   1.00 44.11  ? 69  LYS A CD  1 ? 
ATOM   510  C CE  . LYS A 1 69  ? -10.050 -9.686  10.235  1.00 47.08  ? 69  LYS A CE  1 ? 
ATOM   511  N NZ  . LYS A 1 69  ? -10.307 -10.816 11.212  1.00 64.39  ? 69  LYS A NZ  1 ? 
ATOM   512  N N   . GLU A 1 70  ? -13.804 -6.375  5.266   1.00 23.39  ? 70  GLU A N   1 ? 
ATOM   513  C CA  . GLU A 1 70  ? -15.072 -6.243  4.560   1.00 29.37  ? 70  GLU A CA  1 ? 
ATOM   514  C C   . GLU A 1 70  ? -14.858 -6.238  3.054   1.00 37.65  ? 70  GLU A C   1 ? 
ATOM   515  O O   . GLU A 1 70  ? -15.580 -6.923  2.320   1.00 37.98  ? 70  GLU A O   1 ? 
ATOM   516  C CB  . GLU A 1 70  ? -15.748 -4.965  5.011   1.00 29.96  ? 70  GLU A CB  1 ? 
ATOM   517  C CG  . GLU A 1 70  ? -17.184 -4.779  4.578   1.00 49.30  ? 70  GLU A CG  1 ? 
ATOM   518  C CD  . GLU A 1 70  ? -17.716 -3.440  5.039   1.00 82.60  ? 70  GLU A CD  1 ? 
ATOM   519  O OE1 . GLU A 1 70  ? -17.300 -2.400  4.464   1.00 63.35  ? 70  GLU A OE1 1 ? 
ATOM   520  O OE2 . GLU A 1 70  ? -18.506 -3.429  6.008   1.00 90.98  ? 70  GLU A OE2 1 ? 
ATOM   521  N N   . ARG A 1 71  ? -13.845 -5.499  2.572   1.00 29.81  ? 71  ARG A N   1 ? 
ATOM   522  C CA  . ARG A 1 71  ? -13.595 -5.471  1.135   1.00 24.00  ? 71  ARG A CA  1 ? 
ATOM   523  C C   . ARG A 1 71  ? -13.247 -6.840  0.596   1.00 31.33  ? 71  ARG A C   1 ? 
ATOM   524  O O   . ARG A 1 71  ? -13.665 -7.202  -0.503  1.00 35.53  ? 71  ARG A O   1 ? 
ATOM   525  C CB  . ARG A 1 71  ? -12.486 -4.496  0.783   1.00 30.10  ? 71  ARG A CB  1 ? 
ATOM   526  C CG  . ARG A 1 71  ? -12.227 -4.465  -0.702  1.00 35.92  ? 71  ARG A CG  1 ? 
ATOM   527  C CD  . ARG A 1 71  ? -13.438 -3.945  -1.470  1.00 36.06  ? 71  ARG A CD  1 ? 
ATOM   528  N NE  . ARG A 1 71  ? -13.107 -3.824  -2.877  1.00 34.90  ? 71  ARG A NE  1 ? 
ATOM   529  C CZ  . ARG A 1 71  ? -13.222 -4.796  -3.771  1.00 33.98  ? 71  ARG A CZ  1 ? 
ATOM   530  N NH1 . ARG A 1 71  ? -13.700 -5.977  -3.413  1.00 43.07  ? 71  ARG A NH1 1 ? 
ATOM   531  N NH2 . ARG A 1 71  ? -12.855 -4.595  -5.029  1.00 46.25  ? 71  ARG A NH2 1 ? 
ATOM   532  N N   . ILE A 1 72  ? -12.431 -7.608  1.308   1.00 31.07  ? 72  ILE A N   1 ? 
ATOM   533  C CA  . ILE A 1 72  ? -11.944 -8.823  0.668   1.00 28.94  ? 72  ILE A CA  1 ? 
ATOM   534  C C   . ILE A 1 72  ? -12.890 -9.999  0.790   1.00 34.86  ? 72  ILE A C   1 ? 
ATOM   535  O O   . ILE A 1 72  ? -12.605 -11.065 0.227   1.00 29.52  ? 72  ILE A O   1 ? 
ATOM   536  C CB  . ILE A 1 72  ? -10.605 -9.331  1.227   1.00 33.81  ? 72  ILE A CB  1 ? 
ATOM   537  C CG1 . ILE A 1 72  ? -10.752 -9.562  2.728   1.00 38.42  ? 72  ILE A CG1 1 ? 
ATOM   538  C CG2 . ILE A 1 72  ? -9.543  -8.359  0.932   1.00 41.73  ? 72  ILE A CG2 1 ? 
ATOM   539  C CD1 . ILE A 1 72  ? -9.669  -10.385 3.369   1.00 48.74  ? 72  ILE A CD1 1 ? 
ATOM   540  N N   . ALA A 1 73  ? -13.951 -9.866  1.583   1.00 34.81  ? 73  ALA A N   1 ? 
ATOM   541  C CA  . ALA A 1 73  ? -14.950 -10.917 1.669   1.00 38.84  ? 73  ALA A CA  1 ? 
ATOM   542  C C   . ALA A 1 73  ? -15.884 -10.897 0.472   1.00 45.35  ? 73  ALA A C   1 ? 
ATOM   543  O O   . ALA A 1 73  ? -16.642 -11.859 0.290   1.00 41.48  ? 73  ALA A O   1 ? 
ATOM   544  C CB  . ALA A 1 73  ? -15.772 -10.799 2.955   1.00 37.06  ? 73  ALA A CB  1 ? 
ATOM   545  N N   . GLN A 1 74  ? -15.846 -9.832  -0.335  1.00 33.99  ? 74  GLN A N   1 ? 
ATOM   546  C CA  . GLN A 1 74  ? -16.709 -9.741  -1.504  1.00 44.25  ? 74  GLN A CA  1 ? 
ATOM   547  C C   . GLN A 1 74  ? -16.275 -10.747 -2.564  1.00 33.18  ? 74  GLN A C   1 ? 
ATOM   548  O O   . GLN A 1 74  ? -15.115 -11.166 -2.604  1.00 30.97  ? 74  GLN A O   1 ? 
ATOM   549  C CB  . GLN A 1 74  ? -16.687 -8.328  -2.065  1.00 37.08  ? 74  GLN A CB  1 ? 
ATOM   550  C CG  . GLN A 1 74  ? -17.089 -7.270  -1.065  1.00 42.42  ? 74  GLN A CG  1 ? 
ATOM   551  C CD  . GLN A 1 74  ? -17.054 -5.905  -1.677  1.00 62.75  ? 74  GLN A CD  1 ? 
ATOM   552  O OE1 . GLN A 1 74  ? -17.367 -5.745  -2.856  1.00 78.05  ? 74  GLN A OE1 1 ? 
ATOM   553  N NE2 . GLN A 1 74  ? -16.672 -4.904  -0.891  1.00 58.15  ? 74  GLN A NE2 1 ? 
ATOM   554  N N   . GLU A 1 75  ? -17.225 -11.149 -3.426  1.00 39.46  ? 75  GLU A N   1 ? 
ATOM   555  C CA  . GLU A 1 75  ? -16.961 -12.271 -4.337  1.00 44.05  ? 75  GLU A CA  1 ? 
ATOM   556  C C   . GLU A 1 75  ? -15.871 -11.947 -5.365  1.00 41.31  ? 75  GLU A C   1 ? 
ATOM   557  O O   . GLU A 1 75  ? -15.143 -12.858 -5.795  1.00 39.68  ? 75  GLU A O   1 ? 
ATOM   558  C CB  . GLU A 1 75  ? -18.239 -12.703 -5.064  1.00 55.50  ? 75  GLU A CB  1 ? 
ATOM   559  C CG  . GLU A 1 75  ? -18.016 -13.784 -6.166  1.00 62.53  ? 75  GLU A CG  1 ? 
ATOM   560  C CD  . GLU A 1 75  ? -17.514 -15.130 -5.634  1.00 73.38  ? 75  GLU A CD  1 ? 
ATOM   561  O OE1 . GLU A 1 75  ? -17.629 -15.376 -4.409  1.00 65.55  ? 75  GLU A OE1 1 ? 
ATOM   562  O OE2 . GLU A 1 75  ? -17.021 -15.950 -6.451  1.00 70.52  ? 75  GLU A OE2 1 ? 
ATOM   563  N N   . ASP A 1 76  ? -15.744 -10.674 -5.778  1.00 30.96  ? 76  ASP A N   1 ? 
ATOM   564  C CA  . ASP A 1 76  ? -14.740 -10.295 -6.779  1.00 39.77  ? 76  ASP A CA  1 ? 
ATOM   565  C C   . ASP A 1 76  ? -13.300 -10.392 -6.267  1.00 41.74  ? 76  ASP A C   1 ? 
ATOM   566  O O   . ASP A 1 76  ? -12.375 -10.248 -7.074  1.00 30.94  ? 76  ASP A O   1 ? 
ATOM   567  C CB  . ASP A 1 76  ? -15.025 -8.879  -7.291  1.00 39.03  ? 76  ASP A CB  1 ? 
ATOM   568  C CG  . ASP A 1 76  ? -14.619 -7.793  -6.313  1.00 50.55  ? 76  ASP A CG  1 ? 
ATOM   569  O OD1 . ASP A 1 76  ? -14.686 -8.035  -5.087  1.00 50.50  ? 76  ASP A OD1 1 ? 
ATOM   570  O OD2 . ASP A 1 76  ? -14.233 -6.686  -6.777  1.00 41.27  ? 76  ASP A OD2 1 ? 
ATOM   571  N N   . CYS A 1 77  ? -13.082 -10.660 -4.968  1.00 40.25  ? 77  CYS A N   1 ? 
ATOM   572  C CA  . CYS A 1 77  ? -11.755 -11.004 -4.443  1.00 35.62  ? 77  CYS A CA  1 ? 
ATOM   573  C C   . CYS A 1 77  ? -11.517 -12.496 -4.298  1.00 36.78  ? 77  CYS A C   1 ? 
ATOM   574  O O   . CYS A 1 77  ? -10.489 -12.888 -3.728  1.00 28.56  ? 77  CYS A O   1 ? 
ATOM   575  C CB  . CYS A 1 77  ? -11.517 -10.386 -3.066  1.00 31.56  ? 77  CYS A CB  1 ? 
ATOM   576  S SG  . CYS A 1 77  ? -11.522 -8.600  -3.157  1.00 38.14  ? 77  CYS A SG  1 ? 
ATOM   577  N N   . ARG A 1 78  ? -12.477 -13.324 -4.712  1.00 37.89  ? 78  ARG A N   1 ? 
ATOM   578  C CA  . ARG A 1 78  ? -12.335 -14.775 -4.607  1.00 47.57  ? 78  ARG A CA  1 ? 
ATOM   579  C C   . ARG A 1 78  ? -11.023 -15.265 -5.220  1.00 39.22  ? 78  ARG A C   1 ? 
ATOM   580  O O   . ARG A 1 78  ? -10.295 -16.053 -4.602  1.00 36.98  ? 78  ARG A O   1 ? 
ATOM   581  C CB  . ARG A 1 78  ? -13.550 -15.443 -5.276  1.00 60.28  ? 78  ARG A CB  1 ? 
ATOM   582  C CG  . ARG A 1 78  ? -13.776 -16.932 -4.962  1.00 91.66  ? 78  ARG A CG  1 ? 
ATOM   583  C CD  . ARG A 1 78  ? -13.220 -17.867 -6.058  1.00 112.34 ? 78  ARG A CD  1 ? 
ATOM   584  N NE  . ARG A 1 78  ? -14.175 -18.195 -7.126  1.00 92.21  ? 78  ARG A NE  1 ? 
ATOM   585  C CZ  . ARG A 1 78  ? -13.973 -19.131 -8.058  1.00 89.35  ? 78  ARG A CZ  1 ? 
ATOM   586  N NH1 . ARG A 1 78  ? -12.853 -19.850 -8.072  1.00 77.27  ? 78  ARG A NH1 1 ? 
ATOM   587  N NH2 . ARG A 1 78  ? -14.899 -19.354 -8.985  1.00 71.23  ? 78  ARG A NH2 1 ? 
ATOM   588  N N   . ASN A 1 79  ? -10.684 -14.809 -6.424  1.00 33.32  ? 79  ASN A N   1 ? 
ATOM   589  C CA  . ASN A 1 79  ? -9.509  -15.340 -7.110  1.00 35.07  ? 79  ASN A CA  1 ? 
ATOM   590  C C   . ASN A 1 79  ? -8.280  -14.444 -6.992  1.00 31.19  ? 79  ASN A C   1 ? 
ATOM   591  O O   . ASN A 1 79  ? -7.410  -14.476 -7.860  1.00 39.17  ? 79  ASN A O   1 ? 
ATOM   592  C CB  . ASN A 1 79  ? -9.870  -15.606 -8.559  1.00 43.05  ? 79  ASN A CB  1 ? 
ATOM   593  C CG  . ASN A 1 79  ? -10.965 -16.624 -8.661  1.00 61.89  ? 79  ASN A CG  1 ? 
ATOM   594  O OD1 . ASN A 1 79  ? -10.826 -17.736 -8.152  1.00 50.37  ? 79  ASN A OD1 1 ? 
ATOM   595  N ND2 . ASN A 1 79  ? -12.102 -16.222 -9.211  1.00 60.44  ? 79  ASN A ND2 1 ? 
ATOM   596  N N   . GLY A 1 80  ? -8.161  -13.694 -5.911  1.00 30.79  ? 80  GLY A N   1 ? 
ATOM   597  C CA  . GLY A 1 80  ? -6.970  -12.912 -5.643  1.00 31.20  ? 80  GLY A CA  1 ? 
ATOM   598  C C   . GLY A 1 80  ? -7.254  -11.427 -5.633  1.00 24.67  ? 80  GLY A C   1 ? 
ATOM   599  O O   . GLY A 1 80  ? -8.351  -10.969 -5.934  1.00 22.17  ? 80  GLY A O   1 ? 
ATOM   600  N N   . PHE A 1 81  ? -6.232  -10.677 -5.235  1.00 24.00  ? 81  PHE A N   1 ? 
ATOM   601  C CA  . PHE A 1 81  ? -6.375  -9.237  -5.082  1.00 19.86  ? 81  PHE A CA  1 ? 
ATOM   602  C C   . PHE A 1 81  ? -4.981  -8.660  -4.854  1.00 21.84  ? 81  PHE A C   1 ? 
ATOM   603  O O   . PHE A 1 81  ? -4.026  -9.380  -4.562  1.00 21.93  ? 81  PHE A O   1 ? 
ATOM   604  C CB  . PHE A 1 81  ? -7.327  -8.858  -3.945  1.00 24.64  ? 81  PHE A CB  1 ? 
ATOM   605  C CG  . PHE A 1 81  ? -7.079  -9.637  -2.677  1.00 33.35  ? 81  PHE A CG  1 ? 
ATOM   606  C CD1 . PHE A 1 81  ? -6.028  -9.295  -1.851  1.00 28.25  ? 81  PHE A CD1 1 ? 
ATOM   607  C CD2 . PHE A 1 81  ? -7.865  -10.741 -2.332  1.00 37.93  ? 81  PHE A CD2 1 ? 
ATOM   608  C CE1 . PHE A 1 81  ? -5.743  -10.036 -0.695  1.00 39.57  ? 81  PHE A CE1 1 ? 
ATOM   609  C CE2 . PHE A 1 81  ? -7.589  -11.484 -1.164  1.00 33.58  ? 81  PHE A CE2 1 ? 
ATOM   610  C CZ  . PHE A 1 81  ? -6.530  -11.122 -0.355  1.00 33.11  ? 81  PHE A CZ  1 ? 
ATOM   611  N N   . LEU A 1 82  ? -4.867  -7.362  -5.047  1.00 19.31  ? 82  LEU A N   1 ? 
ATOM   612  C CA  . LEU A 1 82  ? -3.596  -6.641  -4.890  1.00 16.43  ? 82  LEU A CA  1 ? 
ATOM   613  C C   . LEU A 1 82  ? -3.734  -5.672  -3.725  1.00 23.03  ? 82  LEU A C   1 ? 
ATOM   614  O O   . LEU A 1 82  ? -4.517  -4.792  -3.863  1.00 19.42  ? 82  LEU A O   1 ? 
ATOM   615  C CB  . LEU A 1 82  ? -3.281  -5.898  -6.181  1.00 21.85  ? 82  LEU A CB  1 ? 
ATOM   616  C CG  . LEU A 1 82  ? -1.898  -5.274  -6.200  1.00 32.27  ? 82  LEU A CG  1 ? 
ATOM   617  C CD1 . LEU A 1 82  ? -1.215  -5.504  -7.527  1.00 30.51  ? 82  LEU A CD1 1 ? 
ATOM   618  C CD2 . LEU A 1 82  ? -1.980  -3.803  -5.875  1.00 38.05  ? 82  LEU A CD2 1 ? 
ATOM   619  N N   . LEU A 1 83  ? -3.044  -5.876  -2.615  1.00 16.78  ? 83  LEU A N   1 ? 
ATOM   620  C CA  . LEU A 1 83  ? -3.058  -4.947  -1.463  1.00 22.30  ? 83  LEU A CA  1 ? 
ATOM   621  C C   . LEU A 1 83  ? -2.095  -3.779  -1.733  1.00 20.22  ? 83  LEU A C   1 ? 
ATOM   622  O O   . LEU A 1 83  ? -0.930  -4.030  -1.925  1.00 20.37  ? 83  LEU A O   1 ? 
ATOM   623  C CB  . LEU A 1 83  ? -2.667  -5.727  -0.214  1.00 16.23  ? 83  LEU A CB  1 ? 
ATOM   624  C CG  . LEU A 1 83  ? -3.711  -6.729  0.228   1.00 18.27  ? 83  LEU A CG  1 ? 
ATOM   625  C CD1 . LEU A 1 83  ? -3.201  -7.588  1.356   1.00 25.84  ? 83  LEU A CD1 1 ? 
ATOM   626  C CD2 . LEU A 1 83  ? -4.966  -6.003  0.621   1.00 25.54  ? 83  LEU A CD2 1 ? 
ATOM   627  N N   . ASP A 1 84  ? -2.570  -2.539  -1.711  1.00 24.33  ? 84  ASP A N   1 ? 
ATOM   628  C CA  . ASP A 1 84  ? -1.769  -1.331  -2.011  1.00 24.43  ? 84  ASP A CA  1 ? 
ATOM   629  C C   . ASP A 1 84  ? -1.953  -0.328  -0.871  1.00 26.14  ? 84  ASP A C   1 ? 
ATOM   630  O O   . ASP A 1 84  ? -2.944  0.375   -0.902  1.00 26.23  ? 84  ASP A O   1 ? 
ATOM   631  C CB  . ASP A 1 84  ? -2.228  -0.767  -3.349  1.00 27.86  ? 84  ASP A CB  1 ? 
ATOM   632  C CG  . ASP A 1 84  ? -1.448  0.440   -3.806  1.00 37.69  ? 84  ASP A CG  1 ? 
ATOM   633  O OD1 . ASP A 1 84  ? -0.489  0.783   -3.130  1.00 40.63  ? 84  ASP A OD1 1 ? 
ATOM   634  O OD2 . ASP A 1 84  ? -1.802  0.994   -4.841  1.00 32.39  ? 84  ASP A OD2 1 ? 
ATOM   635  N N   . GLY A 1 85  ? -1.028  -0.248  0.077   1.00 25.59  ? 85  GLY A N   1 ? 
ATOM   636  C CA  . GLY A 1 85  ? -1.187  0.630   1.224   1.00 28.70  ? 85  GLY A CA  1 ? 
ATOM   637  C C   . GLY A 1 85  ? -1.589  -0.064  2.505   1.00 24.92  ? 85  GLY A C   1 ? 
ATOM   638  O O   . GLY A 1 85  ? -1.762  0.609   3.534   1.00 28.75  ? 85  GLY A O   1 ? 
ATOM   639  N N   . PHE A 1 86  ? -1.751  -1.384  2.472   1.00 20.79  ? 86  PHE A N   1 ? 
ATOM   640  C CA  . PHE A 1 86  ? -2.062  -2.254  3.605   1.00 23.12  ? 86  PHE A CA  1 ? 
ATOM   641  C C   . PHE A 1 86  ? -1.301  -3.549  3.377   1.00 19.48  ? 86  PHE A C   1 ? 
ATOM   642  O O   . PHE A 1 86  ? -1.233  -4.018  2.230   1.00 20.90  ? 86  PHE A O   1 ? 
ATOM   643  C CB  . PHE A 1 86  ? -3.554  -2.558  3.658   1.00 21.66  ? 86  PHE A CB  1 ? 
ATOM   644  C CG  . PHE A 1 86  ? -3.975  -3.436  4.805   1.00 20.80  ? 86  PHE A CG  1 ? 
ATOM   645  C CD1 . PHE A 1 86  ? -4.515  -2.866  5.946   1.00 22.79  ? 86  PHE A CD1 1 ? 
ATOM   646  C CD2 . PHE A 1 86  ? -3.882  -4.828  4.738   1.00 18.51  ? 86  PHE A CD2 1 ? 
ATOM   647  C CE1 . PHE A 1 86  ? -4.945  -3.663  7.022   1.00 25.88  ? 86  PHE A CE1 1 ? 
ATOM   648  C CE2 . PHE A 1 86  ? -4.306  -5.608  5.803   1.00 23.23  ? 86  PHE A CE2 1 ? 
ATOM   649  C CZ  . PHE A 1 86  ? -4.839  -5.015  6.940   1.00 23.04  ? 86  PHE A CZ  1 ? 
ATOM   650  N N   . PRO A 1 87  ? -0.697  -4.150  4.419   1.00 17.53  ? 87  PRO A N   1 ? 
ATOM   651  C CA  . PRO A 1 87  ? -0.481  -3.726  5.792   1.00 15.30  ? 87  PRO A CA  1 ? 
ATOM   652  C C   . PRO A 1 87  ? 0.482   -2.565  5.793   1.00 20.01  ? 87  PRO A C   1 ? 
ATOM   653  O O   . PRO A 1 87  ? 1.371   -2.459  4.939   1.00 20.49  ? 87  PRO A O   1 ? 
ATOM   654  C CB  . PRO A 1 87  ? 0.119   -4.977  6.463   1.00 18.62  ? 87  PRO A CB  1 ? 
ATOM   655  C CG  . PRO A 1 87  ? 0.886   -5.640  5.343   1.00 23.51  ? 87  PRO A CG  1 ? 
ATOM   656  C CD  . PRO A 1 87  ? 0.051   -5.388  4.111   1.00 21.89  ? 87  PRO A CD  1 ? 
ATOM   657  N N   . ARG A 1 88  ? 0.267   -1.661  6.725   1.00 19.75  ? 88  ARG A N   1 ? 
ATOM   658  C CA  . ARG A 1 88  ? 1.142   -0.521  6.917   1.00 23.80  ? 88  ARG A CA  1 ? 
ATOM   659  C C   . ARG A 1 88  ? 1.754   -0.501  8.303   1.00 21.20  ? 88  ARG A C   1 ? 
ATOM   660  O O   . ARG A 1 88  ? 2.549   0.385   8.602   1.00 18.08  ? 88  ARG A O   1 ? 
ATOM   661  C CB  . ARG A 1 88  ? 0.375   0.780   6.685   1.00 24.78  ? 88  ARG A CB  1 ? 
ATOM   662  C CG  . ARG A 1 88  ? 0.988   1.614   5.578   1.00 33.72  ? 88  ARG A CG  1 ? 
ATOM   663  C CD  . ARG A 1 88  ? 0.173   2.796   5.608   1.00 36.26  ? 88  ARG A CD  1 ? 
ATOM   664  N NE  . ARG A 1 88  ? 0.639   3.991   4.943   1.00 37.29  ? 88  ARG A NE  1 ? 
ATOM   665  C CZ  . ARG A 1 88  ? 0.223   4.362   3.746   1.00 37.34  ? 88  ARG A CZ  1 ? 
ATOM   666  N NH1 . ARG A 1 88  ? 0.619   5.520   3.253   1.00 48.05  ? 88  ARG A NH1 1 ? 
ATOM   667  N NH2 . ARG A 1 88  ? -0.600  3.562   3.054   1.00 24.45  ? 88  ARG A NH2 1 ? 
ATOM   668  N N   . THR A 1 89  ? 1.426   -1.472  9.152   1.00 20.30  ? 89  THR A N   1 ? 
ATOM   669  C CA  . THR A 1 89  ? 2.124   -1.647  10.411  1.00 20.03  ? 89  THR A CA  1 ? 
ATOM   670  C C   . THR A 1 89  ? 2.249   -3.139  10.718  1.00 15.88  ? 89  THR A C   1 ? 
ATOM   671  O O   . THR A 1 89  ? 1.608   -3.988  10.102  1.00 17.21  ? 89  THR A O   1 ? 
ATOM   672  C CB  . THR A 1 89  ? 1.395   -0.952  11.569  1.00 20.73  ? 89  THR A CB  1 ? 
ATOM   673  O OG1 . THR A 1 89  ? 0.172   -1.643  11.830  1.00 24.94  ? 89  THR A OG1 1 ? 
ATOM   674  C CG2 . THR A 1 89  ? 1.049   0.461   11.240  1.00 24.44  ? 89  THR A CG2 1 ? 
ATOM   675  N N   . ILE A 1 90  ? 3.090   -3.462  11.676  1.00 22.11  ? 90  ILE A N   1 ? 
ATOM   676  C CA  . ILE A 1 90  ? 3.221   -4.855  12.092  1.00 21.78  ? 90  ILE A CA  1 ? 
ATOM   677  C C   . ILE A 1 90  ? 1.892   -5.426  12.591  1.00 21.78  ? 90  ILE A C   1 ? 
ATOM   678  O O   . ILE A 1 90  ? 1.532   -6.540  12.172  1.00 21.93  ? 90  ILE A O   1 ? 
ATOM   679  C CB  . ILE A 1 90  ? 4.347   -5.000  13.126  1.00 26.59  ? 90  ILE A CB  1 ? 
ATOM   680  C CG1 . ILE A 1 90  ? 5.712   -4.621  12.544  1.00 32.20  ? 90  ILE A CG1 1 ? 
ATOM   681  C CG2 . ILE A 1 90  ? 4.304   -6.420  13.687  1.00 25.77  ? 90  ILE A CG2 1 ? 
ATOM   682  C CD1 . ILE A 1 90  ? 6.324   -5.668  11.735  1.00 48.56  ? 90  ILE A CD1 1 ? 
ATOM   683  N N   . PRO A 1 91  ? 1.146   -4.752  13.478  1.00 24.29  ? 91  PRO A N   1 ? 
ATOM   684  C CA  . PRO A 1 91  ? -0.182  -5.259  13.870  1.00 23.85  ? 91  PRO A CA  1 ? 
ATOM   685  C C   . PRO A 1 91  ? -1.127  -5.544  12.712  1.00 22.10  ? 91  PRO A C   1 ? 
ATOM   686  O O   . PRO A 1 91  ? -1.923  -6.490  12.780  1.00 25.85  ? 91  PRO A O   1 ? 
ATOM   687  C CB  . PRO A 1 91  ? -0.738  -4.128  14.757  1.00 24.74  ? 91  PRO A CB  1 ? 
ATOM   688  C CG  . PRO A 1 91  ? 0.426   -3.435  15.268  1.00 25.33  ? 91  PRO A CG  1 ? 
ATOM   689  C CD  . PRO A 1 91  ? 1.520   -3.556  14.245  1.00 26.83  ? 91  PRO A CD  1 ? 
ATOM   690  N N   . GLN A 1 92  ? -1.091  -4.728  11.666  1.00 17.98  ? 92  GLN A N   1 ? 
ATOM   691  C CA  . GLN A 1 92  ? -1.922  -4.992  10.497  1.00 22.44  ? 92  GLN A CA  1 ? 
ATOM   692  C C   . GLN A 1 92  ? -1.485  -6.258  9.769   1.00 18.69  ? 92  GLN A C   1 ? 
ATOM   693  O O   . GLN A 1 92  ? -2.326  -7.021  9.274   1.00 19.01  ? 92  GLN A O   1 ? 
ATOM   694  C CB  . GLN A 1 92  ? -1.871  -3.789  9.578   1.00 20.97  ? 92  GLN A CB  1 ? 
ATOM   695  C CG  . GLN A 1 92  ? -2.649  -2.602  10.091  1.00 20.45  ? 92  GLN A CG  1 ? 
ATOM   696  C CD  . GLN A 1 92  ? -2.515  -1.442  9.139   1.00 18.65  ? 92  GLN A CD  1 ? 
ATOM   697  O OE1 . GLN A 1 92  ? -2.363  -1.624  7.953   1.00 19.04  ? 92  GLN A OE1 1 ? 
ATOM   698  N NE2 . GLN A 1 92  ? -2.558  -0.227  9.679   1.00 17.55  ? 92  GLN A NE2 1 ? 
ATOM   699  N N   . ALA A 1 93  ? -0.182  -6.492  9.675   1.00 23.16  ? 93  ALA A N   1 ? 
ATOM   700  C CA  . ALA A 1 93  ? 0.301   -7.731  9.073   1.00 24.21  ? 93  ALA A CA  1 ? 
ATOM   701  C C   . ALA A 1 93  ? -0.054  -8.929  9.951   1.00 24.83  ? 93  ALA A C   1 ? 
ATOM   702  O O   . ALA A 1 93  ? -0.435  -9.996  9.438   1.00 22.49  ? 93  ALA A O   1 ? 
ATOM   703  C CB  . ALA A 1 93  ? 1.812   -7.646  8.845   1.00 18.35  ? 93  ALA A CB  1 ? 
ATOM   704  N N   . ASP A 1 94  ? 0.041   -8.767  11.275  1.00 22.46  ? 94  ASP A N   1 ? 
ATOM   705  C CA  . ASP A 1 94  ? -0.327  -9.854  12.181  1.00 26.07  ? 94  ASP A CA  1 ? 
ATOM   706  C C   . ASP A 1 94  ? -1.800  -10.233 12.023  1.00 25.11  ? 94  ASP A C   1 ? 
ATOM   707  O O   . ASP A 1 94  ? -2.156  -11.417 12.067  1.00 23.47  ? 94  ASP A O   1 ? 
ATOM   708  C CB  . ASP A 1 94  ? 0.001   -9.449  13.628  1.00 27.58  ? 94  ASP A CB  1 ? 
ATOM   709  C CG  . ASP A 1 94  ? 1.535   -9.457  13.929  1.00 30.99  ? 94  ASP A CG  1 ? 
ATOM   710  O OD1 . ASP A 1 94  ? 2.304   -10.041 13.141  1.00 38.17  ? 94  ASP A OD1 1 ? 
ATOM   711  O OD2 . ASP A 1 94  ? 1.974   -8.878  14.946  1.00 35.59  ? 94  ASP A OD2 1 ? 
ATOM   712  N N   . ALA A 1 95  ? -2.674  -9.237  11.807  1.00 22.26  ? 95  ALA A N   1 ? 
ATOM   713  C CA  . ALA A 1 95  ? -4.081  -9.549  11.635  1.00 25.83  ? 95  ALA A CA  1 ? 
ATOM   714  C C   . ALA A 1 95  ? -4.294  -10.404 10.399  1.00 28.24  ? 95  ALA A C   1 ? 
ATOM   715  O O   . ALA A 1 95  ? -5.092  -11.350 10.413  1.00 31.80  ? 95  ALA A O   1 ? 
ATOM   716  C CB  . ALA A 1 95  ? -4.904  -8.272  11.573  1.00 21.02  ? 95  ALA A CB  1 ? 
ATOM   717  N N   . MET A 1 96  ? -3.578  -10.105 9.318   1.00 28.82  ? 96  MET A N   1 ? 
ATOM   718  C CA  . MET A 1 96  ? -3.723  -10.915 8.114   1.00 26.21  ? 96  MET A CA  1 ? 
ATOM   719  C C   . MET A 1 96  ? -3.333  -12.355 8.403   1.00 31.97  ? 96  MET A C   1 ? 
ATOM   720  O O   . MET A 1 96  ? -4.059  -13.287 8.058   1.00 29.73  ? 96  MET A O   1 ? 
ATOM   721  C CB  . MET A 1 96  ? -2.855  -10.361 6.981   1.00 29.55  ? 96  MET A CB  1 ? 
ATOM   722  C CG  . MET A 1 96  ? -3.213  -8.954  6.493   1.00 32.95  ? 96  MET A CG  1 ? 
ATOM   723  S SD  . MET A 1 96  ? -2.127  -8.439  5.149   1.00 36.26  ? 96  MET A SD  1 ? 
ATOM   724  C CE  . MET A 1 96  ? -2.336  -9.847  4.046   1.00 27.57  ? 96  MET A CE  1 ? 
ATOM   725  N N   . LYS A 1 97  ? -2.161  -12.544 9.016   1.00 31.96  ? 97  LYS A N   1 ? 
ATOM   726  C CA  . LYS A 1 97  ? -1.681  -13.878 9.382   1.00 41.28  ? 97  LYS A CA  1 ? 
ATOM   727  C C   . LYS A 1 97  ? -2.735  -14.610 10.209  1.00 38.18  ? 97  LYS A C   1 ? 
ATOM   728  O O   . LYS A 1 97  ? -3.196  -15.696 9.836   1.00 31.27  ? 97  LYS A O   1 ? 
ATOM   729  C CB  . LYS A 1 97  ? -0.334  -13.743 10.131  1.00 45.44  ? 97  LYS A CB  1 ? 
ATOM   730  C CG  . LYS A 1 97  ? 0.519   -15.044 10.235  1.00 57.41  ? 97  LYS A CG  1 ? 
ATOM   731  C CD  . LYS A 1 97  ? 0.489   -15.620 11.672  1.00 85.67  ? 97  LYS A CD  1 ? 
ATOM   732  C CE  . LYS A 1 97  ? 0.811   -17.149 11.794  1.00 91.55  ? 97  LYS A CE  1 ? 
ATOM   733  N NZ  . LYS A 1 97  ? -0.260  -18.141 11.378  1.00 57.32  ? 97  LYS A NZ  1 ? 
ATOM   734  N N   . GLU A 1 98  ? -3.191  -13.982 11.301  1.00 33.59  ? 98  GLU A N   1 ? 
ATOM   735  C CA  . GLU A 1 98  ? -4.201  -14.614 12.147  1.00 41.12  ? 98  GLU A CA  1 ? 
ATOM   736  C C   . GLU A 1 98  ? -5.489  -14.939 11.379  1.00 38.54  ? 98  GLU A C   1 ? 
ATOM   737  O O   . GLU A 1 98  ? -6.134  -15.948 11.659  1.00 39.76  ? 98  GLU A O   1 ? 
ATOM   738  C CB  . GLU A 1 98  ? -4.509  -13.712 13.340  1.00 42.92  ? 98  GLU A CB  1 ? 
ATOM   739  C CG  . GLU A 1 98  ? -5.407  -14.354 14.399  1.00 68.34  ? 98  GLU A CG  1 ? 
ATOM   740  C CD  . GLU A 1 98  ? -5.923  -13.353 15.420  1.00 93.84  ? 98  GLU A CD  1 ? 
ATOM   741  O OE1 . GLU A 1 98  ? -5.620  -12.145 15.283  1.00 85.94  ? 98  GLU A OE1 1 ? 
ATOM   742  O OE2 . GLU A 1 98  ? -6.583  -13.786 16.389  1.00 104.41 ? 98  GLU A OE2 1 ? 
ATOM   743  N N   . ALA A 1 99  ? -5.911  -14.096 10.437  1.00 30.77  ? 99  ALA A N   1 ? 
ATOM   744  C CA  . ALA A 1 99  ? -7.113  -14.424 9.679   1.00 32.08  ? 99  ALA A CA  1 ? 
ATOM   745  C C   . ALA A 1 99  ? -6.846  -15.380 8.512   1.00 29.86  ? 99  ALA A C   1 ? 
ATOM   746  O O   . ALA A 1 99  ? -7.723  -15.560 7.667   1.00 35.50  ? 99  ALA A O   1 ? 
ATOM   747  C CB  . ALA A 1 99  ? -7.781  -13.157 9.139   1.00 39.50  ? 99  ALA A CB  1 ? 
ATOM   748  N N   . GLY A 1 100 ? -5.665  -15.982 8.437   1.00 32.16  ? 100 GLY A N   1 ? 
ATOM   749  C CA  . GLY A 1 100 ? -5.403  -16.904 7.346   1.00 37.81  ? 100 GLY A CA  1 ? 
ATOM   750  C C   . GLY A 1 100 ? -5.325  -16.279 5.972   1.00 40.42  ? 100 GLY A C   1 ? 
ATOM   751  O O   . GLY A 1 100 ? -5.528  -16.962 4.982   1.00 43.11  ? 100 GLY A O   1 ? 
ATOM   752  N N   . ILE A 1 101 ? -5.003  -14.998 5.866   1.00 37.24  ? 101 ILE A N   1 ? 
ATOM   753  C CA  . ILE A 1 101 ? -4.838  -14.383 4.562   1.00 31.51  ? 101 ILE A CA  1 ? 
ATOM   754  C C   . ILE A 1 101 ? -3.386  -14.586 4.138   1.00 35.47  ? 101 ILE A C   1 ? 
ATOM   755  O O   . ILE A 1 101 ? -2.518  -13.815 4.513   1.00 38.76  ? 101 ILE A O   1 ? 
ATOM   756  C CB  . ILE A 1 101 ? -5.230  -12.914 4.598   1.00 29.90  ? 101 ILE A CB  1 ? 
ATOM   757  C CG1 . ILE A 1 101 ? -6.712  -12.761 4.888   1.00 38.10  ? 101 ILE A CG1 1 ? 
ATOM   758  C CG2 . ILE A 1 101 ? -4.918  -12.320 3.295   1.00 49.35  ? 101 ILE A CG2 1 ? 
ATOM   759  C CD1 . ILE A 1 101 ? -7.042  -11.407 5.463   1.00 43.51  ? 101 ILE A CD1 1 ? 
ATOM   760  N N   . ASN A 1 102 ? -3.115  -15.616 3.338   1.00 35.65  ? 102 ASN A N   1 ? 
ATOM   761  C CA  . ASN A 1 102 ? -1.764  -15.833 2.824   1.00 38.71  ? 102 ASN A CA  1 ? 
ATOM   762  C C   . ASN A 1 102 ? -1.576  -14.956 1.597   1.00 39.16  ? 102 ASN A C   1 ? 
ATOM   763  O O   . ASN A 1 102 ? -2.541  -14.543 0.973   1.00 40.94  ? 102 ASN A O   1 ? 
ATOM   764  C CB  . ASN A 1 102 ? -1.534  -17.298 2.443   1.00 51.14  ? 102 ASN A CB  1 ? 
ATOM   765  C CG  . ASN A 1 102 ? -2.286  -18.249 3.335   1.00 71.53  ? 102 ASN A CG  1 ? 
ATOM   766  O OD1 . ASN A 1 102 ? -2.083  -18.263 4.546   1.00 72.76  ? 102 ASN A OD1 1 ? 
ATOM   767  N ND2 . ASN A 1 102 ? -3.181  -19.041 2.739   1.00 86.53  ? 102 ASN A ND2 1 ? 
ATOM   768  N N   . VAL A 1 103 ? -0.345  -14.682 1.217   1.00 26.63  ? 103 VAL A N   1 ? 
ATOM   769  C CA  . VAL A 1 103 ? -0.108  -13.929 -0.009  1.00 28.69  ? 103 VAL A CA  1 ? 
ATOM   770  C C   . VAL A 1 103 ? 0.959   -14.658 -0.801  1.00 25.76  ? 103 VAL A C   1 ? 
ATOM   771  O O   . VAL A 1 103 ? 1.842   -15.315 -0.232  1.00 24.15  ? 103 VAL A O   1 ? 
ATOM   772  C CB  . VAL A 1 103 ? 0.331   -12.478 0.273   1.00 29.13  ? 103 VAL A CB  1 ? 
ATOM   773  C CG1 . VAL A 1 103 ? -0.704  -11.706 1.059   1.00 31.83  ? 103 VAL A CG1 1 ? 
ATOM   774  C CG2 . VAL A 1 103 ? 1.573   -12.561 1.052   1.00 33.87  ? 103 VAL A CG2 1 ? 
ATOM   775  N N   . ASP A 1 104 ? 0.873   -14.537 -2.121  1.00 28.30  ? 104 ASP A N   1 ? 
ATOM   776  C CA  . ASP A 1 104 ? 1.815   -15.237 -2.996  1.00 27.12  ? 104 ASP A CA  1 ? 
ATOM   777  C C   . ASP A 1 104 ? 3.082   -14.411 -3.230  1.00 25.53  ? 104 ASP A C   1 ? 
ATOM   778  O O   . ASP A 1 104 ? 4.177   -14.964 -3.270  1.00 20.55  ? 104 ASP A O   1 ? 
ATOM   779  C CB  . ASP A 1 104 ? 1.137   -15.583 -4.321  1.00 31.10  ? 104 ASP A CB  1 ? 
ATOM   780  C CG  . ASP A 1 104 ? -0.216  -16.315 -4.135  1.00 33.46  ? 104 ASP A CG  1 ? 
ATOM   781  O OD1 . ASP A 1 104 ? -0.204  -17.497 -3.770  1.00 40.52  ? 104 ASP A OD1 1 ? 
ATOM   782  O OD2 . ASP A 1 104 ? -1.287  -15.694 -4.358  1.00 37.70  ? 104 ASP A OD2 1 ? 
ATOM   783  N N   . TYR A 1 105 ? 2.960   -13.084 -3.339  1.00 23.74  ? 105 TYR A N   1 ? 
ATOM   784  C CA  . TYR A 1 105 ? 4.090   -12.203 -3.593  1.00 19.01  ? 105 TYR A CA  1 ? 
ATOM   785  C C   . TYR A 1 105 ? 4.036   -10.943 -2.734  1.00 20.09  ? 105 TYR A C   1 ? 
ATOM   786  O O   . TYR A 1 105 ? 2.988   -10.297 -2.612  1.00 19.90  ? 105 TYR A O   1 ? 
ATOM   787  C CB  . TYR A 1 105 ? 4.139   -11.761 -5.066  1.00 22.58  ? 105 TYR A CB  1 ? 
ATOM   788  C CG  . TYR A 1 105 ? 4.521   -12.844 -6.054  1.00 21.57  ? 105 TYR A CG  1 ? 
ATOM   789  C CD1 . TYR A 1 105 ? 5.820   -13.019 -6.456  1.00 22.65  ? 105 TYR A CD1 1 ? 
ATOM   790  C CD2 . TYR A 1 105 ? 3.547   -13.699 -6.581  1.00 40.97  ? 105 TYR A CD2 1 ? 
ATOM   791  C CE1 . TYR A 1 105 ? 6.174   -14.018 -7.354  1.00 35.01  ? 105 TYR A CE1 1 ? 
ATOM   792  C CE2 . TYR A 1 105 ? 3.882   -14.700 -7.486  1.00 38.60  ? 105 TYR A CE2 1 ? 
ATOM   793  C CZ  . TYR A 1 105 ? 5.195   -14.856 -7.871  1.00 43.99  ? 105 TYR A CZ  1 ? 
ATOM   794  O OH  . TYR A 1 105 ? 5.507   -15.861 -8.774  1.00 57.33  ? 105 TYR A OH  1 ? 
ATOM   795  N N   . VAL A 1 106 ? 5.186   -10.574 -2.192  1.00 14.37  ? 106 VAL A N   1 ? 
ATOM   796  C CA  . VAL A 1 106 ? 5.403   -9.272  -1.556  1.00 17.71  ? 106 VAL A CA  1 ? 
ATOM   797  C C   . VAL A 1 106 ? 6.482   -8.569  -2.366  1.00 20.52  ? 106 VAL A C   1 ? 
ATOM   798  O O   . VAL A 1 106 ? 7.572   -9.109  -2.558  1.00 24.79  ? 106 VAL A O   1 ? 
ATOM   799  C CB  . VAL A 1 106 ? 5.801   -9.376  -0.070  1.00 15.76  ? 106 VAL A CB  1 ? 
ATOM   800  C CG1 . VAL A 1 106 ? 5.988   -7.939  0.503   1.00 20.79  ? 106 VAL A CG1 1 ? 
ATOM   801  C CG2 . VAL A 1 106 ? 4.789   -10.265 0.747   1.00 14.40  ? 106 VAL A CG2 1 ? 
ATOM   802  N N   . LEU A 1 107 ? 6.176   -7.366  -2.836  1.00 17.85  ? 107 LEU A N   1 ? 
ATOM   803  C CA  . LEU A 1 107 ? 6.996   -6.615  -3.774  1.00 18.06  ? 107 LEU A CA  1 ? 
ATOM   804  C C   . LEU A 1 107 ? 7.328   -5.263  -3.165  1.00 17.78  ? 107 LEU A C   1 ? 
ATOM   805  O O   . LEU A 1 107 ? 6.437   -4.463  -2.913  1.00 20.71  ? 107 LEU A O   1 ? 
ATOM   806  C CB  . LEU A 1 107 ? 6.272   -6.462  -5.106  1.00 18.34  ? 107 LEU A CB  1 ? 
ATOM   807  C CG  . LEU A 1 107 ? 5.892   -7.819  -5.763  1.00 21.28  ? 107 LEU A CG  1 ? 
ATOM   808  C CD1 . LEU A 1 107 ? 4.958   -7.489  -6.923  1.00 22.87  ? 107 LEU A CD1 1 ? 
ATOM   809  C CD2 . LEU A 1 107 ? 7.097   -8.631  -6.216  1.00 24.11  ? 107 LEU A CD2 1 ? 
ATOM   810  N N   . GLU A 1 108 ? 8.608   -5.023  -2.913  1.00 16.34  ? 108 GLU A N   1 ? 
ATOM   811  C CA  . GLU A 1 108 ? 9.085   -3.804  -2.255  1.00 23.87  ? 108 GLU A CA  1 ? 
ATOM   812  C C   . GLU A 1 108 ? 9.606   -2.806  -3.291  1.00 25.29  ? 108 GLU A C   1 ? 
ATOM   813  O O   . GLU A 1 108 ? 10.518  -3.114  -4.052  1.00 26.16  ? 108 GLU A O   1 ? 
ATOM   814  C CB  . GLU A 1 108 ? 10.198  -4.136  -1.250  1.00 20.13  ? 108 GLU A CB  1 ? 
ATOM   815  C CG  . GLU A 1 108 ? 10.833  -2.949  -0.441  1.00 31.86  ? 108 GLU A CG  1 ? 
ATOM   816  C CD  . GLU A 1 108 ? 12.319  -3.186  -0.054  1.00 49.87  ? 108 GLU A CD  1 ? 
ATOM   817  O OE1 . GLU A 1 108 ? 12.756  -4.366  0.046   1.00 42.44  ? 108 GLU A OE1 1 ? 
ATOM   818  O OE2 . GLU A 1 108 ? 13.066  -2.189  0.139   1.00 53.10  ? 108 GLU A OE2 1 ? 
ATOM   819  N N   . PHE A 1 109 ? 9.062   -1.597  -3.270  1.00 22.50  ? 109 PHE A N   1 ? 
ATOM   820  C CA  . PHE A 1 109 ? 9.526   -0.505  -4.124  1.00 21.91  ? 109 PHE A CA  1 ? 
ATOM   821  C C   . PHE A 1 109 ? 10.536  0.312   -3.315  1.00 32.90  ? 109 PHE A C   1 ? 
ATOM   822  O O   . PHE A 1 109 ? 10.144  1.033   -2.394  1.00 29.62  ? 109 PHE A O   1 ? 
ATOM   823  C CB  . PHE A 1 109 ? 8.361   0.379   -4.561  1.00 26.60  ? 109 PHE A CB  1 ? 
ATOM   824  C CG  . PHE A 1 109 ? 7.373   -0.319  -5.456  1.00 28.91  ? 109 PHE A CG  1 ? 
ATOM   825  C CD1 . PHE A 1 109 ? 6.758   -1.487  -5.054  1.00 26.41  ? 109 PHE A CD1 1 ? 
ATOM   826  C CD2 . PHE A 1 109 ? 7.059   0.195   -6.699  1.00 30.05  ? 109 PHE A CD2 1 ? 
ATOM   827  C CE1 . PHE A 1 109 ? 5.862   -2.150  -5.867  1.00 25.83  ? 109 PHE A CE1 1 ? 
ATOM   828  C CE2 . PHE A 1 109 ? 6.149   -0.462  -7.511  1.00 30.56  ? 109 PHE A CE2 1 ? 
ATOM   829  C CZ  . PHE A 1 109 ? 5.554   -1.636  -7.095  1.00 27.94  ? 109 PHE A CZ  1 ? 
ATOM   830  N N   . ASP A 1 110 ? 11.829  0.231   -3.654  1.00 28.74  ? 110 ASP A N   1 ? 
ATOM   831  C CA  . ASP A 1 110 ? 12.828  1.055   -2.977  1.00 24.33  ? 110 ASP A CA  1 ? 
ATOM   832  C C   . ASP A 1 110 ? 12.984  2.387   -3.701  1.00 32.71  ? 110 ASP A C   1 ? 
ATOM   833  O O   . ASP A 1 110 ? 13.409  2.400   -4.855  1.00 24.28  ? 110 ASP A O   1 ? 
ATOM   834  C CB  . ASP A 1 110 ? 14.172  0.344   -2.920  1.00 34.77  ? 110 ASP A CB  1 ? 
ATOM   835  C CG  . ASP A 1 110 ? 15.259  1.171   -2.214  1.00 58.39  ? 110 ASP A CG  1 ? 
ATOM   836  O OD1 . ASP A 1 110 ? 15.094  1.498   -1.012  1.00 49.79  ? 110 ASP A OD1 1 ? 
ATOM   837  O OD2 . ASP A 1 110 ? 16.304  1.433   -2.858  1.00 65.02  ? 110 ASP A OD2 1 ? 
ATOM   838  N N   . VAL A 1 111 ? 12.705  3.505   -3.017  1.00 26.46  ? 111 VAL A N   1 ? 
ATOM   839  C CA  . VAL A 1 111 ? 12.929  4.841   -3.597  1.00 26.02  ? 111 VAL A CA  1 ? 
ATOM   840  C C   . VAL A 1 111 ? 13.533  5.722   -2.500  1.00 37.25  ? 111 VAL A C   1 ? 
ATOM   841  O O   . VAL A 1 111 ? 13.021  5.696   -1.376  1.00 27.58  ? 111 VAL A O   1 ? 
ATOM   842  C CB  . VAL A 1 111 ? 11.626  5.465   -4.142  1.00 26.35  ? 111 VAL A CB  1 ? 
ATOM   843  C CG1 . VAL A 1 111 ? 11.859  6.845   -4.764  1.00 25.90  ? 111 VAL A CG1 1 ? 
ATOM   844  C CG2 . VAL A 1 111 ? 10.953  4.605   -5.204  1.00 22.30  ? 111 VAL A CG2 1 ? 
ATOM   845  N N   . PRO A 1 112 ? 14.609  6.494   -2.741  1.00 31.32  ? 112 PRO A N   1 ? 
ATOM   846  C CA  . PRO A 1 112 ? 15.154  7.336   -1.669  1.00 32.51  ? 112 PRO A CA  1 ? 
ATOM   847  C C   . PRO A 1 112 ? 14.170  8.369   -1.147  1.00 28.33  ? 112 PRO A C   1 ? 
ATOM   848  O O   . PRO A 1 112 ? 13.299  8.858   -1.871  1.00 27.04  ? 112 PRO A O   1 ? 
ATOM   849  C CB  . PRO A 1 112 ? 16.351  8.027   -2.335  1.00 31.69  ? 112 PRO A CB  1 ? 
ATOM   850  C CG  . PRO A 1 112 ? 16.805  7.069   -3.337  1.00 38.24  ? 112 PRO A CG  1 ? 
ATOM   851  C CD  . PRO A 1 112 ? 15.560  6.378   -3.860  1.00 35.97  ? 112 PRO A CD  1 ? 
ATOM   852  N N   . ASP A 1 113 ? 14.372  8.756   0.113   1.00 27.66  ? 113 ASP A N   1 ? 
ATOM   853  C CA  . ASP A 1 113 ? 13.489  9.737   0.736   1.00 33.93  ? 113 ASP A CA  1 ? 
ATOM   854  C C   . ASP A 1 113 ? 13.469  11.055  -0.031  1.00 35.06  ? 113 ASP A C   1 ? 
ATOM   855  O O   . ASP A 1 113 ? 12.416  11.701  -0.126  1.00 30.23  ? 113 ASP A O   1 ? 
ATOM   856  C CB  . ASP A 1 113 ? 13.897  9.974   2.200   1.00 48.75  ? 113 ASP A CB  1 ? 
ATOM   857  C CG  . ASP A 1 113 ? 13.138  9.071   3.189   1.00 57.34  ? 113 ASP A CG  1 ? 
ATOM   858  O OD1 . ASP A 1 113 ? 12.757  7.949   2.790   1.00 61.08  ? 113 ASP A OD1 1 ? 
ATOM   859  O OD2 . ASP A 1 113 ? 12.914  9.480   4.364   1.00 58.39  ? 113 ASP A OD2 1 ? 
ATOM   860  N N   . GLU A 1 114 ? 14.621  11.486  -0.571  1.00 39.34  ? 114 GLU A N   1 ? 
ATOM   861  C CA  . GLU A 1 114 ? 14.692  12.802  -1.222  1.00 30.83  ? 114 GLU A CA  1 ? 
ATOM   862  C C   . GLU A 1 114 ? 13.883  12.820  -2.512  1.00 29.17  ? 114 GLU A C   1 ? 
ATOM   863  O O   . GLU A 1 114 ? 13.372  13.870  -2.927  1.00 37.61  ? 114 GLU A O   1 ? 
ATOM   864  C CB  . GLU A 1 114 ? 16.150  13.156  -1.494  1.00 31.91  ? 114 GLU A CB  1 ? 
ATOM   865  C CG  . GLU A 1 114 ? 17.022  13.289  -0.222  1.00 46.16  ? 114 GLU A CG  1 ? 
ATOM   866  C CD  . GLU A 1 114 ? 17.621  11.953  0.313   1.00 58.43  ? 114 GLU A CD  1 ? 
ATOM   867  O OE1 . GLU A 1 114 ? 16.973  10.891  0.244   1.00 46.35  ? 114 GLU A OE1 1 ? 
ATOM   868  O OE2 . GLU A 1 114 ? 18.767  11.966  0.812   1.00 58.08  ? 114 GLU A OE2 1 ? 
ATOM   869  N N   . LEU A 1 115 ? 13.722  11.656  -3.139  1.00 27.83  ? 115 LEU A N   1 ? 
ATOM   870  C CA  . LEU A 1 115 ? 12.934  11.585  -4.362  1.00 30.46  ? 115 LEU A CA  1 ? 
ATOM   871  C C   . LEU A 1 115 ? 11.436  11.616  -4.094  1.00 36.11  ? 115 LEU A C   1 ? 
ATOM   872  O O   . LEU A 1 115 ? 10.682  12.192  -4.892  1.00 34.09  ? 115 LEU A O   1 ? 
ATOM   873  C CB  . LEU A 1 115 ? 13.305  10.322  -5.158  1.00 31.27  ? 115 LEU A CB  1 ? 
ATOM   874  C CG  . LEU A 1 115 ? 14.752  10.182  -5.655  1.00 36.33  ? 115 LEU A CG  1 ? 
ATOM   875  C CD1 . LEU A 1 115 ? 14.800  9.391   -6.981  1.00 36.70  ? 115 LEU A CD1 1 ? 
ATOM   876  C CD2 . LEU A 1 115 ? 15.430  11.555  -5.762  1.00 30.93  ? 115 LEU A CD2 1 ? 
ATOM   877  N N   . ILE A 1 116 ? 10.998  11.026  -2.979  1.00 41.84  ? 116 ILE A N   1 ? 
ATOM   878  C CA  . ILE A 1 116 ? 9.577   11.003  -2.632  1.00 38.45  ? 116 ILE A CA  1 ? 
ATOM   879  C C   . ILE A 1 116 ? 9.011   12.410  -2.566  1.00 38.20  ? 116 ILE A C   1 ? 
ATOM   880  O O   . ILE A 1 116 ? 7.934   12.701  -3.114  1.00 30.55  ? 116 ILE A O   1 ? 
ATOM   881  C CB  . ILE A 1 116 ? 9.363   10.300  -1.283  1.00 33.48  ? 116 ILE A CB  1 ? 
ATOM   882  C CG1 . ILE A 1 116 ? 9.921   8.879   -1.314  1.00 36.44  ? 116 ILE A CG1 1 ? 
ATOM   883  C CG2 . ILE A 1 116 ? 7.904   10.399  -0.913  1.00 39.60  ? 116 ILE A CG2 1 ? 
ATOM   884  C CD1 . ILE A 1 116 ? 9.148   7.915   -2.150  1.00 37.75  ? 116 ILE A CD1 1 ? 
ATOM   885  N N   . VAL A 1 117 ? 9.674   13.276  -1.800  1.00 41.24  ? 117 VAL A N   1 ? 
ATOM   886  C CA  . VAL A 1 117 ? 9.156   14.619  -1.590  1.00 32.77  ? 117 VAL A CA  1 ? 
ATOM   887  C C   . VAL A 1 117 ? 8.856   15.272  -2.927  1.00 40.87  ? 117 VAL A C   1 ? 
ATOM   888  O O   . VAL A 1 117 ? 7.761   15.800  -3.149  1.00 37.70  ? 117 VAL A O   1 ? 
ATOM   889  C CB  . VAL A 1 117 ? 10.148  15.462  -0.769  1.00 54.20  ? 117 VAL A CB  1 ? 
ATOM   890  C CG1 . VAL A 1 117 ? 9.440   16.722  -0.281  1.00 53.01  ? 117 VAL A CG1 1 ? 
ATOM   891  C CG2 . VAL A 1 117 ? 10.735  14.635  0.400   1.00 49.34  ? 117 VAL A CG2 1 ? 
ATOM   892  N N   . ASP A 1 118 ? 9.825   15.230  -3.853  1.00 45.82  ? 118 ASP A N   1 ? 
ATOM   893  C CA  . ASP A 1 118 ? 9.598   15.918  -5.117  1.00 48.53  ? 118 ASP A CA  1 ? 
ATOM   894  C C   . ASP A 1 118 ? 8.550   15.208  -5.949  1.00 46.34  ? 118 ASP A C   1 ? 
ATOM   895  O O   . ASP A 1 118 ? 7.815   15.861  -6.699  1.00 44.32  ? 118 ASP A O   1 ? 
ATOM   896  C CB  . ASP A 1 118 ? 10.883  16.055  -5.905  1.00 60.15  ? 118 ASP A CB  1 ? 
ATOM   897  C CG  . ASP A 1 118 ? 11.409  17.461  -5.874  1.00 74.61  ? 118 ASP A CG  1 ? 
ATOM   898  O OD1 . ASP A 1 118 ? 10.593  18.400  -5.762  1.00 58.69  ? 118 ASP A OD1 1 ? 
ATOM   899  O OD2 . ASP A 1 118 ? 12.640  17.627  -5.968  1.00 82.77  ? 118 ASP A OD2 1 ? 
ATOM   900  N N   . ARG A 1 119 ? 8.438   13.885  -5.820  1.00 36.54  ? 119 ARG A N   1 ? 
ATOM   901  C CA  . ARG A 1 119 ? 7.425   13.192  -6.604  1.00 36.52  ? 119 ARG A CA  1 ? 
ATOM   902  C C   . ARG A 1 119 ? 6.028   13.568  -6.146  1.00 36.75  ? 119 ARG A C   1 ? 
ATOM   903  O O   . ARG A 1 119 ? 5.122   13.736  -6.969  1.00 44.77  ? 119 ARG A O   1 ? 
ATOM   904  C CB  . ARG A 1 119 ? 7.615   11.686  -6.510  1.00 36.50  ? 119 ARG A CB  1 ? 
ATOM   905  C CG  . ARG A 1 119 ? 8.533   11.110  -7.539  1.00 35.82  ? 119 ARG A CG  1 ? 
ATOM   906  C CD  . ARG A 1 119 ? 8.555   9.637   -7.406  1.00 31.05  ? 119 ARG A CD  1 ? 
ATOM   907  N NE  . ARG A 1 119 ? 9.755   9.120   -8.027  1.00 30.59  ? 119 ARG A NE  1 ? 
ATOM   908  C CZ  . ARG A 1 119 ? 10.001  7.828   -8.179  1.00 28.44  ? 119 ARG A CZ  1 ? 
ATOM   909  N NH1 . ARG A 1 119 ? 9.125   6.936   -7.748  1.00 30.51  ? 119 ARG A NH1 1 ? 
ATOM   910  N NH2 . ARG A 1 119 ? 11.123  7.431   -8.752  1.00 30.40  ? 119 ARG A NH2 1 ? 
ATOM   911  N N   . ILE A 1 120 ? 5.833   13.698  -4.838  1.00 34.63  ? 120 ILE A N   1 ? 
ATOM   912  C CA  . ILE A 1 120 ? 4.494   13.954  -4.321  1.00 41.04  ? 120 ILE A CA  1 ? 
ATOM   913  C C   . ILE A 1 120 ? 4.106   15.411  -4.519  1.00 43.93  ? 120 ILE A C   1 ? 
ATOM   914  O O   . ILE A 1 120 ? 2.939   15.711  -4.752  1.00 52.59  ? 120 ILE A O   1 ? 
ATOM   915  C CB  . ILE A 1 120 ? 4.406   13.532  -2.844  1.00 43.54  ? 120 ILE A CB  1 ? 
ATOM   916  C CG1 . ILE A 1 120 ? 4.417   12.003  -2.749  1.00 38.80  ? 120 ILE A CG1 1 ? 
ATOM   917  C CG2 . ILE A 1 120 ? 3.138   14.050  -2.160  1.00 39.47  ? 120 ILE A CG2 1 ? 
ATOM   918  C CD1 . ILE A 1 120 ? 4.508   11.496  -1.344  1.00 38.40  ? 120 ILE A CD1 1 ? 
ATOM   919  N N   . LEU A 1 121 ? 5.061   16.333  -4.464  1.00 46.12  ? 121 LEU A N   1 ? 
ATOM   920  C CA  . LEU A 1 121 ? 4.751   17.721  -4.804  1.00 52.80  ? 121 LEU A CA  1 ? 
ATOM   921  C C   . LEU A 1 121 ? 4.195   17.821  -6.211  1.00 57.34  ? 121 LEU A C   1 ? 
ATOM   922  O O   . LEU A 1 121 ? 3.179   18.478  -6.450  1.00 69.53  ? 121 LEU A O   1 ? 
ATOM   923  C CB  . LEU A 1 121 ? 6.001   18.590  -4.697  1.00 47.41  ? 121 LEU A CB  1 ? 
ATOM   924  C CG  . LEU A 1 121 ? 6.567   18.695  -3.287  1.00 55.59  ? 121 LEU A CG  1 ? 
ATOM   925  C CD1 . LEU A 1 121 ? 7.499   19.875  -3.174  1.00 75.82  ? 121 LEU A CD1 1 ? 
ATOM   926  C CD2 . LEU A 1 121 ? 5.471   18.791  -2.234  1.00 65.29  ? 121 LEU A CD2 1 ? 
ATOM   927  N N   . LYS A 1 122 ? 4.918   17.235  -7.153  1.00 56.36  ? 122 LYS A N   1 ? 
ATOM   928  C CA  . LYS A 1 122 ? 4.571   17.302  -8.587  1.00 60.35  ? 122 LYS A CA  1 ? 
ATOM   929  C C   . LYS A 1 122 ? 3.211   16.649  -8.811  1.00 62.98  ? 122 LYS A C   1 ? 
ATOM   930  O O   . LYS A 1 122 ? 2.634   16.920  -9.831  1.00 77.93  ? 122 LYS A O   1 ? 
ATOM   931  C CB  . LYS A 1 122 ? 5.697   16.718  -9.443  1.00 62.67  ? 122 LYS A CB  1 ? 
ATOM   932  C CG  . LYS A 1 122 ? 6.789   17.718  -9.790  1.00 69.09  ? 122 LYS A CG  1 ? 
ATOM   933  C CD  . LYS A 1 122 ? 8.153   17.118  -10.000 1.00 79.97  ? 122 LYS A CD  1 ? 
ATOM   934  C CE  . LYS A 1 122 ? 9.283   18.016  -9.539  1.00 68.52  ? 122 LYS A CE  1 ? 
ATOM   935  N NZ  . LYS A 1 122 ? 10.299  18.208  -10.604 1.00 63.97  ? 122 LYS A NZ  1 ? 
ATOM   936  N N   . ARG A 1 123 ? 2.715   15.791  -7.931  1.00 60.81  ? 123 ARG A N   1 ? 
ATOM   937  C CA  . ARG A 1 123 ? 1.361   15.230  -8.132  1.00 72.61  ? 123 ARG A CA  1 ? 
ATOM   938  C C   . ARG A 1 123 ? 0.316   15.867  -7.210  1.00 76.42  ? 123 ARG A C   1 ? 
ATOM   939  O O   . ARG A 1 123 ? -0.867  15.764  -7.505  1.00 83.52  ? 123 ARG A O   1 ? 
ATOM   940  C CB  . ARG A 1 123 ? 1.396   13.736  -7.891  1.00 64.01  ? 123 ARG A CB  1 ? 
ATOM   941  C CG  . ARG A 1 123 ? 0.119   13.050  -8.341  1.00 71.68  ? 123 ARG A CG  1 ? 
ATOM   942  C CD  . ARG A 1 123 ? -0.274  11.936  -7.420  1.00 69.28  ? 123 ARG A CD  1 ? 
ATOM   943  N NE  . ARG A 1 123 ? -0.075  12.281  -6.031  1.00 75.23  ? 123 ARG A NE  1 ? 
ATOM   944  C CZ  . ARG A 1 123 ? -0.221  11.428  -5.045  1.00 78.59  ? 123 ARG A CZ  1 ? 
ATOM   945  N NH1 . ARG A 1 123 ? 0.008   11.785  -3.798  1.00 64.62  ? 123 ARG A NH1 1 ? 
ATOM   946  N NH2 . ARG A 1 123 ? -0.547  10.179  -5.312  1.00 89.55  ? 123 ARG A NH2 1 ? 
ATOM   947  N N   . GLY A 1 124 ? 0.748   16.541  -6.156  1.00 72.28  ? 124 GLY A N   1 ? 
ATOM   948  C CA  . GLY A 1 124 ? -0.108  17.244  -5.189  1.00 77.95  ? 124 GLY A CA  1 ? 
ATOM   949  C C   . GLY A 1 124 ? -0.693  18.505  -5.794  1.00 93.71  ? 124 GLY A C   1 ? 
ATOM   950  O O   . GLY A 1 124 ? -1.762  18.933  -5.332  1.00 103.19 ? 124 GLY A O   1 ? 
ATOM   951  N N   . GLU A 1 125 ? -0.056  19.052  -6.838  1.00 88.47  ? 125 GLU A N   1 ? 
ATOM   952  C CA  . GLU A 1 125 ? -0.503  20.270  -7.559  1.00 92.22  ? 125 GLU A CA  1 ? 
ATOM   953  C C   . GLU A 1 125 ? -1.757  20.001  -8.406  1.00 102.43 ? 125 GLU A C   1 ? 
ATOM   954  O O   . GLU A 1 125 ? -2.360  20.980  -8.817  1.00 111.40 ? 125 GLU A O   1 ? 
ATOM   955  C CB  . GLU A 1 125 ? 0.609   20.834  -8.443  1.00 85.45  ? 125 GLU A CB  1 ? 
ATOM   956  C CG  . GLU A 1 125 ? 1.310   19.779  -9.258  1.00 82.70  ? 125 GLU A CG  1 ? 
ATOM   957  C CD  . GLU A 1 125 ? 2.033   20.246  -10.506 1.00 92.17  ? 125 GLU A CD  1 ? 
ATOM   958  O OE1 . GLU A 1 125 ? 1.794   19.664  -11.572 1.00 98.59  ? 125 GLU A OE1 1 ? 
ATOM   959  O OE2 . GLU A 1 125 ? 2.858   21.160  -10.402 1.00 85.48  ? 125 GLU A OE2 1 ? 
ATOM   960  N N   . THR A 1 126 ? -2.164  18.757  -8.672  1.00 96.17  ? 126 THR A N   1 ? 
ATOM   961  C CA  . THR A 1 126 ? -3.375  18.536  -9.455  1.00 90.60  ? 126 THR A CA  1 ? 
ATOM   962  C C   . THR A 1 126 ? -4.441  17.704  -8.756  1.00 93.25  ? 126 THR A C   1 ? 
ATOM   963  O O   . THR A 1 126 ? -5.630  17.908  -9.024  1.00 95.44  ? 126 THR A O   1 ? 
ATOM   964  C CB  . THR A 1 126 ? -3.027  17.851  -10.785 1.00 95.04  ? 126 THR A CB  1 ? 
ATOM   965  O OG1 . THR A 1 126 ? -2.632  16.495  -10.528 1.00 98.50  ? 126 THR A OG1 1 ? 
ATOM   966  C CG2 . THR A 1 126 ? -1.911  18.599  -11.494 1.00 90.98  ? 126 THR A CG2 1 ? 
ATOM   967  N N   . SER A 1 127 ? -4.055  16.756  -7.898  1.00 89.25  ? 127 SER A N   1 ? 
ATOM   968  C CA  . SER A 1 127 ? -5.007  15.945  -7.146  1.00 88.14  ? 127 SER A CA  1 ? 
ATOM   969  C C   . SER A 1 127 ? -5.456  16.619  -5.856  1.00 81.01  ? 127 SER A C   1 ? 
ATOM   970  O O   . SER A 1 127 ? -6.358  16.105  -5.184  1.00 77.39  ? 127 SER A O   1 ? 
ATOM   971  C CB  . SER A 1 127 ? -4.406  14.586  -6.792  1.00 96.40  ? 127 SER A CB  1 ? 
ATOM   972  O OG  . SER A 1 127 ? -3.710  14.660  -5.553  1.00 83.15  ? 127 SER A OG  1 ? 
ATOM   973  N N   . GLY A 1 128 ? -4.810  17.721  -5.479  1.00 79.04  ? 128 GLY A N   1 ? 
ATOM   974  C CA  . GLY A 1 128 ? -5.273  18.552  -4.382  1.00 74.66  ? 128 GLY A CA  1 ? 
ATOM   975  C C   . GLY A 1 128 ? -5.603  17.816  -3.103  1.00 73.88  ? 128 GLY A C   1 ? 
ATOM   976  O O   . GLY A 1 128 ? -6.593  18.143  -2.445  1.00 64.78  ? 128 GLY A O   1 ? 
ATOM   977  N N   . ARG A 1 129 ? -4.808  16.825  -2.732  1.00 77.78  ? 129 ARG A N   1 ? 
ATOM   978  C CA  . ARG A 1 129 ? -4.943  16.199  -1.427  1.00 61.48  ? 129 ARG A CA  1 ? 
ATOM   979  C C   . ARG A 1 129 ? -4.151  17.012  -0.419  1.00 49.81  ? 129 ARG A C   1 ? 
ATOM   980  O O   . ARG A 1 129 ? -3.038  17.453  -0.707  1.00 49.58  ? 129 ARG A O   1 ? 
ATOM   981  C CB  . ARG A 1 129 ? -4.447  14.760  -1.450  1.00 59.66  ? 129 ARG A CB  1 ? 
ATOM   982  C CG  . ARG A 1 129 ? -5.455  13.773  -1.983  1.00 64.81  ? 129 ARG A CG  1 ? 
ATOM   983  C CD  . ARG A 1 129 ? -4.781  12.440  -2.321  1.00 60.94  ? 129 ARG A CD  1 ? 
ATOM   984  N NE  . ARG A 1 129 ? -3.787  12.023  -1.324  1.00 62.50  ? 129 ARG A NE  1 ? 
ATOM   985  C CZ  . ARG A 1 129 ? -3.110  10.876  -1.371  1.00 56.75  ? 129 ARG A CZ  1 ? 
ATOM   986  N NH1 . ARG A 1 129 ? -3.325  10.022  -2.361  1.00 50.53  ? 129 ARG A NH1 1 ? 
ATOM   987  N NH2 . ARG A 1 129 ? -2.223  10.569  -0.427  1.00 43.86  ? 129 ARG A NH2 1 ? 
ATOM   988  N N   . VAL A 1 130 ? -4.729  17.204  0.769   1.00 48.38  ? 130 VAL A N   1 ? 
ATOM   989  C CA  . VAL A 1 130 ? -4.043  17.979  1.795   1.00 43.32  ? 130 VAL A CA  1 ? 
ATOM   990  C C   . VAL A 1 130 ? -2.806  17.262  2.313   1.00 48.51  ? 130 VAL A C   1 ? 
ATOM   991  O O   . VAL A 1 130 ? -1.850  17.912  2.760   1.00 44.04  ? 130 VAL A O   1 ? 
ATOM   992  C CB  . VAL A 1 130 ? -4.987  18.297  2.966   1.00 45.29  ? 130 VAL A CB  1 ? 
ATOM   993  C CG1 . VAL A 1 130 ? -4.163  18.857  4.149   1.00 38.60  ? 130 VAL A CG1 1 ? 
ATOM   994  C CG2 . VAL A 1 130 ? -6.080  19.242  2.514   1.00 48.59  ? 130 VAL A CG2 1 ? 
ATOM   995  N N   . ASP A 1 131 ? -2.819  15.924  2.321   1.00 48.18  ? 131 ASP A N   1 ? 
ATOM   996  C CA  . ASP A 1 131 ? -1.672  15.130  2.750   1.00 53.38  ? 131 ASP A CA  1 ? 
ATOM   997  C C   . ASP A 1 131 ? -0.554  15.076  1.702   1.00 45.76  ? 131 ASP A C   1 ? 
ATOM   998  O O   . ASP A 1 131 ? 0.461   14.408  1.942   1.00 44.94  ? 131 ASP A O   1 ? 
ATOM   999  C CB  . ASP A 1 131 ? -2.122  13.698  3.134   1.00 48.74  ? 131 ASP A CB  1 ? 
ATOM   1000 C CG  . ASP A 1 131 ? -2.942  13.008  2.046   1.00 57.57  ? 131 ASP A CG  1 ? 
ATOM   1001 O OD1 . ASP A 1 131 ? -3.699  12.051  2.354   1.00 56.94  ? 131 ASP A OD1 1 ? 
ATOM   1002 O OD2 . ASP A 1 131 ? -2.836  13.431  0.878   1.00 65.37  ? 131 ASP A OD2 1 ? 
ATOM   1003 N N   . ASP A 1 132 ? -0.689  15.793  0.575   1.00 37.20  ? 132 ASP A N   1 ? 
ATOM   1004 C CA  . ASP A 1 132 ? 0.391   15.982  -0.400  1.00 48.56  ? 132 ASP A CA  1 ? 
ATOM   1005 C C   . ASP A 1 132 ? 1.131   17.319  -0.229  1.00 50.36  ? 132 ASP A C   1 ? 
ATOM   1006 O O   . ASP A 1 132 ? 2.095   17.580  -0.951  1.00 48.96  ? 132 ASP A O   1 ? 
ATOM   1007 C CB  . ASP A 1 132 ? -0.156  15.888  -1.836  1.00 57.76  ? 132 ASP A CB  1 ? 
ATOM   1008 C CG  . ASP A 1 132 ? -0.400  14.441  -2.310  1.00 68.02  ? 132 ASP A CG  1 ? 
ATOM   1009 O OD1 . ASP A 1 132 ? -0.331  13.492  -1.502  1.00 58.53  ? 132 ASP A OD1 1 ? 
ATOM   1010 O OD2 . ASP A 1 132 ? -0.691  14.259  -3.513  1.00 77.82  ? 132 ASP A OD2 1 ? 
ATOM   1011 N N   . ASN A 1 133 ? 0.710   18.172  0.700   1.00 53.89  ? 133 ASN A N   1 ? 
ATOM   1012 C CA  . ASN A 1 133 ? 1.509   19.334  1.065   1.00 46.69  ? 133 ASN A CA  1 ? 
ATOM   1013 C C   . ASN A 1 133 ? 2.908   18.904  1.496   1.00 54.65  ? 133 ASN A C   1 ? 
ATOM   1014 O O   . ASN A 1 133 ? 3.130   17.786  1.952   1.00 60.10  ? 133 ASN A O   1 ? 
ATOM   1015 C CB  . ASN A 1 133 ? 0.877   20.082  2.228   1.00 47.98  ? 133 ASN A CB  1 ? 
ATOM   1016 C CG  . ASN A 1 133 ? -0.352  20.828  1.827   1.00 56.62  ? 133 ASN A CG  1 ? 
ATOM   1017 O OD1 . ASN A 1 133 ? -0.730  20.835  0.659   1.00 65.64  ? 133 ASN A OD1 1 ? 
ATOM   1018 N ND2 . ASN A 1 133 ? -1.008  21.453  2.797   1.00 50.91  ? 133 ASN A ND2 1 ? 
ATOM   1019 N N   . GLU A 1 134 ? 3.846   19.842  1.432   1.00 52.01  ? 134 GLU A N   1 ? 
ATOM   1020 C CA  . GLU A 1 134 ? 5.246   19.505  1.665   1.00 59.15  ? 134 GLU A CA  1 ? 
ATOM   1021 C C   . GLU A 1 134 ? 5.478   19.081  3.107   1.00 49.90  ? 134 GLU A C   1 ? 
ATOM   1022 O O   . GLU A 1 134 ? 6.155   18.086  3.375   1.00 52.19  ? 134 GLU A O   1 ? 
ATOM   1023 C CB  . GLU A 1 134 ? 6.129   20.703  1.317   1.00 74.75  ? 134 GLU A CB  1 ? 
ATOM   1024 C CG  . GLU A 1 134 ? 7.631   20.467  1.436   1.00 75.08  ? 134 GLU A CG  1 ? 
ATOM   1025 C CD  . GLU A 1 134 ? 8.440   21.527  0.675   1.00 76.52  ? 134 GLU A CD  1 ? 
ATOM   1026 O OE1 . GLU A 1 134 ? 9.147   22.313  1.333   1.00 84.44  ? 134 GLU A OE1 1 ? 
ATOM   1027 O OE2 . GLU A 1 134 ? 8.350   21.600  -0.575  1.00 78.48  ? 134 GLU A OE2 1 ? 
ATOM   1028 N N   . GLU A 1 135 ? 4.947   19.821  4.067   1.00 55.21  ? 135 GLU A N   1 ? 
ATOM   1029 C CA  . GLU A 1 135 ? 5.308   19.450  5.432   1.00 61.11  ? 135 GLU A CA  1 ? 
ATOM   1030 C C   . GLU A 1 135 ? 4.584   18.194  5.867   1.00 49.25  ? 135 GLU A C   1 ? 
ATOM   1031 O O   . GLU A 1 135 ? 5.149   17.359  6.577   1.00 44.59  ? 135 GLU A O   1 ? 
ATOM   1032 C CB  . GLU A 1 135 ? 5.050   20.599  6.396   1.00 55.81  ? 135 GLU A CB  1 ? 
ATOM   1033 C CG  . GLU A 1 135 ? 6.293   21.475  6.542   1.00 85.75  ? 135 GLU A CG  1 ? 
ATOM   1034 C CD  . GLU A 1 135 ? 6.533   22.400  5.343   1.00 97.18  ? 135 GLU A CD  1 ? 
ATOM   1035 O OE1 . GLU A 1 135 ? 7.389   22.085  4.479   1.00 87.00  ? 135 GLU A OE1 1 ? 
ATOM   1036 O OE2 . GLU A 1 135 ? 5.875   23.459  5.278   1.00 90.14  ? 135 GLU A OE2 1 ? 
ATOM   1037 N N   . THR A 1 136 ? 3.358   18.009  5.416   1.00 43.58  ? 136 THR A N   1 ? 
ATOM   1038 C CA  . THR A 1 136 ? 2.677   16.772  5.746   1.00 45.55  ? 136 THR A CA  1 ? 
ATOM   1039 C C   . THR A 1 136 ? 3.449   15.585  5.192   1.00 52.92  ? 136 THR A C   1 ? 
ATOM   1040 O O   . THR A 1 136 ? 3.692   14.603  5.909   1.00 40.25  ? 136 THR A O   1 ? 
ATOM   1041 C CB  . THR A 1 136 ? 1.248   16.831  5.232   1.00 46.49  ? 136 THR A CB  1 ? 
ATOM   1042 O OG1 . THR A 1 136 ? 0.693   18.095  5.634   1.00 53.07  ? 136 THR A OG1 1 ? 
ATOM   1043 C CG2 . THR A 1 136 ? 0.425   15.713  5.801   1.00 38.23  ? 136 THR A CG2 1 ? 
ATOM   1044 N N   . VAL A 1 137 ? 3.929   15.701  3.952   1.00 44.59  ? 137 VAL A N   1 ? 
ATOM   1045 C CA  . VAL A 1 137 ? 4.633   14.593  3.321   1.00 40.06  ? 137 VAL A CA  1 ? 
ATOM   1046 C C   . VAL A 1 137 ? 5.852   14.194  4.146   1.00 43.24  ? 137 VAL A C   1 ? 
ATOM   1047 O O   . VAL A 1 137 ? 6.194   13.009  4.244   1.00 33.87  ? 137 VAL A O   1 ? 
ATOM   1048 C CB  . VAL A 1 137 ? 5.041   14.948  1.878   1.00 47.37  ? 137 VAL A CB  1 ? 
ATOM   1049 C CG1 . VAL A 1 137 ? 6.146   13.986  1.439   1.00 35.65  ? 137 VAL A CG1 1 ? 
ATOM   1050 C CG2 . VAL A 1 137 ? 3.840   14.912  0.919   1.00 45.45  ? 137 VAL A CG2 1 ? 
ATOM   1051 N N   . ARG A 1 138 ? 6.536   15.170  4.741   1.00 38.77  ? 138 ARG A N   1 ? 
ATOM   1052 C CA  . ARG A 1 138 ? 7.685   14.837  5.568   1.00 27.79  ? 138 ARG A CA  1 ? 
ATOM   1053 C C   . ARG A 1 138 ? 7.286   14.197  6.888   1.00 36.08  ? 138 ARG A C   1 ? 
ATOM   1054 O O   . ARG A 1 138 ? 8.064   13.416  7.436   1.00 40.45  ? 138 ARG A O   1 ? 
ATOM   1055 C CB  . ARG A 1 138 ? 8.548   16.072  5.774   1.00 51.98  ? 138 ARG A CB  1 ? 
ATOM   1056 C CG  . ARG A 1 138 ? 8.951   16.689  4.434   1.00 57.24  ? 138 ARG A CG  1 ? 
ATOM   1057 C CD  . ARG A 1 138 ? 9.983   17.782  4.568   1.00 74.83  ? 138 ARG A CD  1 ? 
ATOM   1058 N NE  . ARG A 1 138 ? 11.182  17.315  5.266   1.00 96.68  ? 138 ARG A NE  1 ? 
ATOM   1059 C CZ  . ARG A 1 138 ? 12.390  17.263  4.712   1.00 105.12 ? 138 ARG A CZ  1 ? 
ATOM   1060 N NH1 . ARG A 1 138 ? 12.546  17.649  3.455   1.00 96.86  ? 138 ARG A NH1 1 ? 
ATOM   1061 N NH2 . ARG A 1 138 ? 13.440  16.829  5.403   1.00 81.31  ? 138 ARG A NH2 1 ? 
ATOM   1062 N N   . LYS A 1 139 ? 6.086   14.469  7.389   1.00 33.78  ? 139 LYS A N   1 ? 
ATOM   1063 C CA  . LYS A 1 139 ? 5.567   13.723  8.528   1.00 45.83  ? 139 LYS A CA  1 ? 
ATOM   1064 C C   . LYS A 1 139 ? 5.249   12.279  8.135   1.00 28.72  ? 139 LYS A C   1 ? 
ATOM   1065 O O   . LYS A 1 139 ? 5.581   11.337  8.865   1.00 35.87  ? 139 LYS A O   1 ? 
ATOM   1066 C CB  . LYS A 1 139 ? 4.306   14.424  9.056   1.00 61.87  ? 139 LYS A CB  1 ? 
ATOM   1067 C CG  . LYS A 1 139 ? 4.538   15.603  10.026  1.00 66.07  ? 139 LYS A CG  1 ? 
ATOM   1068 C CD  . LYS A 1 139 ? 4.524   15.133  11.491  1.00 89.55  ? 139 LYS A CD  1 ? 
ATOM   1069 C CE  . LYS A 1 139 ? 4.933   16.221  12.498  1.00 99.40  ? 139 LYS A CE  1 ? 
ATOM   1070 N NZ  . LYS A 1 139 ? 5.217   15.697  13.880  1.00 83.10  ? 139 LYS A NZ  1 ? 
ATOM   1071 N N   . ARG A 1 140 ? 4.593   12.089  6.986   1.00 29.19  ? 140 ARG A N   1 ? 
ATOM   1072 C CA  . ARG A 1 140 ? 4.243   10.748  6.539   1.00 32.67  ? 140 ARG A CA  1 ? 
ATOM   1073 C C   . ARG A 1 140 ? 5.476   9.889   6.342   1.00 33.55  ? 140 ARG A C   1 ? 
ATOM   1074 O O   . ARG A 1 140 ? 5.428   8.671   6.558   1.00 30.83  ? 140 ARG A O   1 ? 
ATOM   1075 C CB  . ARG A 1 140 ? 3.461   10.793  5.223   1.00 30.88  ? 140 ARG A CB  1 ? 
ATOM   1076 C CG  . ARG A 1 140 ? 2.103   11.372  5.363   1.00 36.60  ? 140 ARG A CG  1 ? 
ATOM   1077 C CD  . ARG A 1 140 ? 1.512   11.705  4.020   1.00 33.48  ? 140 ARG A CD  1 ? 
ATOM   1078 N NE  . ARG A 1 140 ? 1.353   10.564  3.148   1.00 40.83  ? 140 ARG A NE  1 ? 
ATOM   1079 C CZ  . ARG A 1 140 ? 1.096   10.649  1.849   1.00 45.05  ? 140 ARG A CZ  1 ? 
ATOM   1080 N NH1 . ARG A 1 140 ? 0.988   11.843  1.259   1.00 45.20  ? 140 ARG A NH1 1 ? 
ATOM   1081 N NH2 . ARG A 1 140 ? 0.942   9.536   1.147   1.00 54.14  ? 140 ARG A NH2 1 ? 
ATOM   1082 N N   . LEU A 1 141 ? 6.581   10.490  5.907   1.00 30.78  ? 141 LEU A N   1 ? 
ATOM   1083 C CA  . LEU A 1 141 ? 7.781   9.697   5.675   1.00 30.89  ? 141 LEU A CA  1 ? 
ATOM   1084 C C   . LEU A 1 141 ? 8.427   9.289   6.987   1.00 39.19  ? 141 LEU A C   1 ? 
ATOM   1085 O O   . LEU A 1 141 ? 9.025   8.214   7.082   1.00 29.61  ? 141 LEU A O   1 ? 
ATOM   1086 C CB  . LEU A 1 141 ? 8.784   10.478  4.833   1.00 33.81  ? 141 LEU A CB  1 ? 
ATOM   1087 C CG  . LEU A 1 141 ? 8.792   10.218  3.344   1.00 41.28  ? 141 LEU A CG  1 ? 
ATOM   1088 C CD1 . LEU A 1 141 ? 9.813   11.091  2.634   1.00 46.35  ? 141 LEU A CD1 1 ? 
ATOM   1089 C CD2 . LEU A 1 141 ? 9.057   8.733   3.194   1.00 38.74  ? 141 LEU A CD2 1 ? 
ATOM   1090 N N   . VAL A 1 142 ? 8.360   10.151  7.996   1.00 29.84  ? 142 VAL A N   1 ? 
ATOM   1091 C CA  . VAL A 1 142 ? 8.891   9.758   9.287   1.00 35.31  ? 142 VAL A CA  1 ? 
ATOM   1092 C C   . VAL A 1 142 ? 8.058   8.626   9.865   1.00 33.25  ? 142 VAL A C   1 ? 
ATOM   1093 O O   . VAL A 1 142 ? 8.590   7.618   10.330  1.00 39.87  ? 142 VAL A O   1 ? 
ATOM   1094 C CB  . VAL A 1 142 ? 8.925   10.967  10.231  1.00 44.17  ? 142 VAL A CB  1 ? 
ATOM   1095 C CG1 . VAL A 1 142 ? 9.387   10.531  11.595  1.00 51.85  ? 142 VAL A CG1 1 ? 
ATOM   1096 C CG2 . VAL A 1 142 ? 9.815   12.017  9.642   1.00 46.93  ? 142 VAL A CG2 1 ? 
ATOM   1097 N N   . GLU A 1 143 ? 6.742   8.760   9.823   1.00 32.01  ? 143 GLU A N   1 ? 
ATOM   1098 C CA  . GLU A 1 143 ? 5.893   7.663   10.263  1.00 33.93  ? 143 GLU A CA  1 ? 
ATOM   1099 C C   . GLU A 1 143 ? 6.210   6.384   9.504   1.00 30.67  ? 143 GLU A C   1 ? 
ATOM   1100 O O   . GLU A 1 143 ? 6.249   5.297   10.103  1.00 28.67  ? 143 GLU A O   1 ? 
ATOM   1101 C CB  . GLU A 1 143 ? 4.425   8.017   10.075  1.00 33.42  ? 143 GLU A CB  1 ? 
ATOM   1102 C CG  . GLU A 1 143 ? 3.905   8.939   11.154  1.00 50.36  ? 143 GLU A CG  1 ? 
ATOM   1103 C CD  . GLU A 1 143 ? 2.933   8.255   12.069  1.00 51.20  ? 143 GLU A CD  1 ? 
ATOM   1104 O OE1 . GLU A 1 143 ? 1.762   8.717   12.130  1.00 56.18  ? 143 GLU A OE1 1 ? 
ATOM   1105 O OE2 . GLU A 1 143 ? 3.299   7.222   12.675  1.00 59.38  ? 143 GLU A OE2 1 ? 
ATOM   1106 N N   . TYR A 1 144 ? 6.364   6.495   8.176   1.00 24.05  ? 144 TYR A N   1 ? 
ATOM   1107 C CA  . TYR A 1 144 ? 6.737   5.348   7.336   1.00 24.23  ? 144 TYR A CA  1 ? 
ATOM   1108 C C   . TYR A 1 144 ? 7.955   4.637   7.906   1.00 25.69  ? 144 TYR A C   1 ? 
ATOM   1109 O O   . TYR A 1 144 ? 7.915   3.412   8.137   1.00 23.60  ? 144 TYR A O   1 ? 
ATOM   1110 C CB  . TYR A 1 144 ? 7.014   5.769   5.861   1.00 26.52  ? 144 TYR A CB  1 ? 
ATOM   1111 C CG  . TYR A 1 144 ? 7.649   4.612   5.072   1.00 26.53  ? 144 TYR A CG  1 ? 
ATOM   1112 C CD1 . TYR A 1 144 ? 9.020   4.547   4.806   1.00 26.17  ? 144 TYR A CD1 1 ? 
ATOM   1113 C CD2 . TYR A 1 144 ? 6.861   3.540   4.690   1.00 25.33  ? 144 TYR A CD2 1 ? 
ATOM   1114 C CE1 . TYR A 1 144 ? 9.569   3.420   4.129   1.00 28.65  ? 144 TYR A CE1 1 ? 
ATOM   1115 C CE2 . TYR A 1 144 ? 7.387   2.450   4.037   1.00 25.73  ? 144 TYR A CE2 1 ? 
ATOM   1116 C CZ  . TYR A 1 144 ? 8.718   2.382   3.760   1.00 25.13  ? 144 TYR A CZ  1 ? 
ATOM   1117 O OH  . TYR A 1 144 ? 9.140   1.237   3.102   1.00 30.41  ? 144 TYR A OH  1 ? 
ATOM   1118 N N   . HIS A 1 145 ? 9.047   5.389   8.183   1.00 21.86  ? 145 HIS A N   1 ? 
ATOM   1119 C CA  . HIS A 1 145 ? 10.306  4.735   8.596   1.00 27.84  ? 145 HIS A CA  1 ? 
ATOM   1120 C C   . HIS A 1 145 ? 10.199  4.100   9.971   1.00 31.10  ? 145 HIS A C   1 ? 
ATOM   1121 O O   . HIS A 1 145 ? 10.898  3.117   10.238  1.00 26.00  ? 145 HIS A O   1 ? 
ATOM   1122 C CB  . HIS A 1 145 ? 11.511  5.704   8.529   1.00 31.06  ? 145 HIS A CB  1 ? 
ATOM   1123 C CG  . HIS A 1 145 ? 11.966  5.888   7.118   1.00 32.51  ? 145 HIS A CG  1 ? 
ATOM   1124 N ND1 . HIS A 1 145 ? 12.464  4.835   6.380   1.00 35.77  ? 145 HIS A ND1 1 ? 
ATOM   1125 C CD2 . HIS A 1 145 ? 11.842  6.927   6.258   1.00 32.75  ? 145 HIS A CD2 1 ? 
ATOM   1126 C CE1 . HIS A 1 145 ? 12.657  5.223   5.132   1.00 36.70  ? 145 HIS A CE1 1 ? 
ATOM   1127 N NE2 . HIS A 1 145 ? 12.301  6.490   5.035   1.00 43.07  ? 145 HIS A NE2 1 ? 
ATOM   1128 N N   . GLN A 1 146 ? 9.299   4.592   10.827  1.00 28.06  ? 146 GLN A N   1 ? 
ATOM   1129 C CA  . GLN A 1 146 ? 9.152   4.041   12.173  1.00 37.26  ? 146 GLN A CA  1 ? 
ATOM   1130 C C   . GLN A 1 146 ? 8.146   2.886   12.238  1.00 26.98  ? 146 GLN A C   1 ? 
ATOM   1131 O O   . GLN A 1 146 ? 8.365   1.926   12.983  1.00 26.50  ? 146 GLN A O   1 ? 
ATOM   1132 C CB  . GLN A 1 146 ? 8.739   5.172   13.139  1.00 44.56  ? 146 GLN A CB  1 ? 
ATOM   1133 C CG  . GLN A 1 146 ? 9.893   6.164   13.443  1.00 37.32  ? 146 GLN A CG  1 ? 
ATOM   1134 C CD  . GLN A 1 146 ? 11.138  5.479   14.060  1.00 54.23  ? 146 GLN A CD  1 ? 
ATOM   1135 O OE1 . GLN A 1 146 ? 12.281  5.668   13.602  1.00 53.56  ? 146 GLN A OE1 1 ? 
ATOM   1136 N NE2 . GLN A 1 146 ? 10.918  4.701   15.109  1.00 46.44  ? 146 GLN A NE2 1 ? 
ATOM   1137 N N   . MET A 1 147 ? 7.060   2.961   11.465  1.00 26.72  ? 147 MET A N   1 ? 
ATOM   1138 C CA  . MET A 1 147 ? 5.947   2.029   11.601  1.00 25.74  ? 147 MET A CA  1 ? 
ATOM   1139 C C   . MET A 1 147 ? 5.829   1.029   10.461  1.00 23.19  ? 147 MET A C   1 ? 
ATOM   1140 O O   . MET A 1 147 ? 5.382   -0.108  10.691  1.00 20.52  ? 147 MET A O   1 ? 
ATOM   1141 C CB  . MET A 1 147 ? 4.627   2.772   11.708  1.00 19.28  ? 147 MET A CB  1 ? 
ATOM   1142 C CG  . MET A 1 147 ? 4.578   3.883   12.753  1.00 49.96  ? 147 MET A CG  1 ? 
ATOM   1143 S SD  . MET A 1 147 ? 4.870   3.228   14.417  1.00 45.19  ? 147 MET A SD  1 ? 
ATOM   1144 C CE  . MET A 1 147 ? 3.830   1.710   14.518  1.00 51.67  ? 147 MET A CE  1 ? 
ATOM   1145 N N   . THR A 1 148 ? 6.185   1.414   9.242   1.00 18.24  ? 148 THR A N   1 ? 
ATOM   1146 C CA  . THR A 1 148 ? 5.878   0.636   8.050   1.00 18.31  ? 148 THR A CA  1 ? 
ATOM   1147 C C   . THR A 1 148 ? 7.083   -0.074  7.481   1.00 18.77  ? 148 THR A C   1 ? 
ATOM   1148 O O   . THR A 1 148 ? 6.967   -1.211  7.016   1.00 18.72  ? 148 THR A O   1 ? 
ATOM   1149 C CB  . THR A 1 148 ? 5.300   1.596   7.002   1.00 22.30  ? 148 THR A CB  1 ? 
ATOM   1150 O OG1 . THR A 1 148 ? 4.248   2.375   7.624   1.00 22.77  ? 148 THR A OG1 1 ? 
ATOM   1151 C CG2 . THR A 1 148 ? 4.729   0.900   5.775   1.00 21.47  ? 148 THR A CG2 1 ? 
ATOM   1152 N N   . ALA A 1 149 ? 8.241   0.575   7.490   1.00 22.78  ? 149 ALA A N   1 ? 
ATOM   1153 C CA  . ALA A 1 149 ? 9.411   -0.029  6.877   1.00 24.82  ? 149 ALA A CA  1 ? 
ATOM   1154 C C   . ALA A 1 149 ? 9.798   -1.344  7.529   1.00 18.86  ? 149 ALA A C   1 ? 
ATOM   1155 O O   . ALA A 1 149 ? 10.373  -2.185  6.833   1.00 24.75  ? 149 ALA A O   1 ? 
ATOM   1156 C CB  . ALA A 1 149 ? 10.610  0.937   6.923   1.00 18.86  ? 149 ALA A CB  1 ? 
ATOM   1157 N N   . PRO A 1 150 ? 9.546   -1.579  8.819   1.00 15.41  ? 150 PRO A N   1 ? 
ATOM   1158 C CA  . PRO A 1 150 ? 9.868   -2.896  9.383   1.00 20.89  ? 150 PRO A CA  1 ? 
ATOM   1159 C C   . PRO A 1 150 ? 9.160   -4.065  8.688   1.00 20.64  ? 150 PRO A C   1 ? 
ATOM   1160 O O   . PRO A 1 150 ? 9.607   -5.214  8.831   1.00 20.91  ? 150 PRO A O   1 ? 
ATOM   1161 C CB  . PRO A 1 150 ? 9.438   -2.745  10.838  1.00 22.20  ? 150 PRO A CB  1 ? 
ATOM   1162 C CG  . PRO A 1 150 ? 9.621   -1.271  11.124  1.00 19.43  ? 150 PRO A CG  1 ? 
ATOM   1163 C CD  . PRO A 1 150 ? 9.240   -0.595  9.867   1.00 21.21  ? 150 PRO A CD  1 ? 
ATOM   1164 N N   . LEU A 1 151 ? 8.080   -3.800  7.935   1.00 18.60  ? 151 LEU A N   1 ? 
ATOM   1165 C CA  . LEU A 1 151 ? 7.424   -4.834  7.125   1.00 16.16  ? 151 LEU A CA  1 ? 
ATOM   1166 C C   . LEU A 1 151 ? 8.357   -5.433  6.092   1.00 20.92  ? 151 LEU A C   1 ? 
ATOM   1167 O O   . LEU A 1 151 ? 8.143   -6.572  5.676   1.00 19.55  ? 151 LEU A O   1 ? 
ATOM   1168 C CB  . LEU A 1 151 ? 6.205   -4.229  6.406   1.00 18.55  ? 151 LEU A CB  1 ? 
ATOM   1169 C CG  . LEU A 1 151 ? 5.024   -3.960  7.323   1.00 19.51  ? 151 LEU A CG  1 ? 
ATOM   1170 C CD1 . LEU A 1 151 ? 3.824   -3.294  6.622   1.00 20.44  ? 151 LEU A CD1 1 ? 
ATOM   1171 C CD2 . LEU A 1 151 ? 4.589   -5.234  8.101   1.00 23.83  ? 151 LEU A CD2 1 ? 
ATOM   1172 N N   . ILE A 1 152 ? 9.367   -4.676  5.642   1.00 22.17  ? 152 ILE A N   1 ? 
ATOM   1173 C CA  . ILE A 1 152 ? 10.338  -5.225  4.708   1.00 22.55  ? 152 ILE A CA  1 ? 
ATOM   1174 C C   . ILE A 1 152 ? 10.987  -6.469  5.314   1.00 19.00  ? 152 ILE A C   1 ? 
ATOM   1175 O O   . ILE A 1 152 ? 10.980  -7.549  4.722   1.00 18.40  ? 152 ILE A O   1 ? 
ATOM   1176 C CB  . ILE A 1 152 ? 11.364  -4.145  4.332   1.00 24.11  ? 152 ILE A CB  1 ? 
ATOM   1177 C CG1 . ILE A 1 152 ? 10.676  -3.056  3.510   1.00 23.10  ? 152 ILE A CG1 1 ? 
ATOM   1178 C CG2 . ILE A 1 152 ? 12.542  -4.785  3.618   1.00 28.60  ? 152 ILE A CG2 1 ? 
ATOM   1179 C CD1 . ILE A 1 152 ? 11.504  -1.787  3.379   1.00 36.00  ? 152 ILE A CD1 1 ? 
ATOM   1180 N N   . GLY A 1 153 ? 11.494  -6.355  6.534   1.00 23.44  ? 153 GLY A N   1 ? 
ATOM   1181 C CA  . GLY A 1 153 ? 12.027  -7.522  7.213   1.00 23.99  ? 153 GLY A CA  1 ? 
ATOM   1182 C C   . GLY A 1 153 ? 10.968  -8.532  7.633   1.00 26.48  ? 153 GLY A C   1 ? 
ATOM   1183 O O   . GLY A 1 153 ? 11.217  -9.739  7.629   1.00 19.51  ? 153 GLY A O   1 ? 
ATOM   1184 N N   . TYR A 1 154 ? 9.795   -8.066  8.053   1.00 23.85  ? 154 TYR A N   1 ? 
ATOM   1185 C CA  . TYR A 1 154 ? 8.745   -9.010  8.409   1.00 18.01  ? 154 TYR A CA  1 ? 
ATOM   1186 C C   . TYR A 1 154 ? 8.475   -9.953  7.253   1.00 22.23  ? 154 TYR A C   1 ? 
ATOM   1187 O O   . TYR A 1 154 ? 8.428   -11.171 7.436   1.00 18.27  ? 154 TYR A O   1 ? 
ATOM   1188 C CB  . TYR A 1 154 ? 7.489   -8.243  8.813   1.00 20.85  ? 154 TYR A CB  1 ? 
ATOM   1189 C CG  . TYR A 1 154 ? 6.313   -9.048  9.233   1.00 24.85  ? 154 TYR A CG  1 ? 
ATOM   1190 C CD1 . TYR A 1 154 ? 6.001   -9.215  10.567  1.00 32.00  ? 154 TYR A CD1 1 ? 
ATOM   1191 C CD2 . TYR A 1 154 ? 5.444   -9.580  8.285   1.00 22.00  ? 154 TYR A CD2 1 ? 
ATOM   1192 C CE1 . TYR A 1 154 ? 4.889   -9.896  10.954  1.00 31.68  ? 154 TYR A CE1 1 ? 
ATOM   1193 C CE2 . TYR A 1 154 ? 4.337   -10.282 8.660   1.00 28.09  ? 154 TYR A CE2 1 ? 
ATOM   1194 C CZ  . TYR A 1 154 ? 4.055   -10.430 9.996   1.00 34.19  ? 154 TYR A CZ  1 ? 
ATOM   1195 O OH  . TYR A 1 154 ? 2.929   -11.118 10.378  1.00 32.62  ? 154 TYR A OH  1 ? 
ATOM   1196 N N   . TYR A 1 155 ? 8.334   -9.419  6.044   1.00 16.85  ? 155 TYR A N   1 ? 
ATOM   1197 C CA  . TYR A 1 155 ? 7.974   -10.311 4.957   1.00 15.37  ? 155 TYR A CA  1 ? 
ATOM   1198 C C   . TYR A 1 155 ? 9.180   -10.962 4.306   1.00 17.08  ? 155 TYR A C   1 ? 
ATOM   1199 O O   . TYR A 1 155 ? 9.015   -11.997 3.647   1.00 23.84  ? 155 TYR A O   1 ? 
ATOM   1200 C CB  . TYR A 1 155 ? 7.152   -9.587  3.913   1.00 17.40  ? 155 TYR A CB  1 ? 
ATOM   1201 C CG  . TYR A 1 155 ? 5.726   -9.408  4.343   1.00 16.17  ? 155 TYR A CG  1 ? 
ATOM   1202 C CD1 . TYR A 1 155 ? 4.882   -10.501 4.494   1.00 16.01  ? 155 TYR A CD1 1 ? 
ATOM   1203 C CD2 . TYR A 1 155 ? 5.232   -8.157  4.630   1.00 14.66  ? 155 TYR A CD2 1 ? 
ATOM   1204 C CE1 . TYR A 1 155 ? 3.577   -10.321 4.874   1.00 16.93  ? 155 TYR A CE1 1 ? 
ATOM   1205 C CE2 . TYR A 1 155 ? 3.947   -7.971  5.015   1.00 17.65  ? 155 TYR A CE2 1 ? 
ATOM   1206 C CZ  . TYR A 1 155 ? 3.125   -9.048  5.140   1.00 16.29  ? 155 TYR A CZ  1 ? 
ATOM   1207 O OH  . TYR A 1 155 ? 1.844   -8.813  5.542   1.00 24.00  ? 155 TYR A OH  1 ? 
ATOM   1208 N N   . SER A 1 156 ? 10.375  -10.394 4.462   1.00 19.11  ? 156 SER A N   1 ? 
ATOM   1209 C CA  . SER A 1 156 ? 11.588  -11.110 4.072   1.00 32.63  ? 156 SER A CA  1 ? 
ATOM   1210 C C   . SER A 1 156 ? 11.736  -12.380 4.891   1.00 24.92  ? 156 SER A C   1 ? 
ATOM   1211 O O   . SER A 1 156 ? 12.037  -13.441 4.348   1.00 24.58  ? 156 SER A O   1 ? 
ATOM   1212 C CB  . SER A 1 156 ? 12.802  -10.193 4.226   1.00 26.57  ? 156 SER A CB  1 ? 
ATOM   1213 O OG  . SER A 1 156 ? 12.683  -9.119  3.306   1.00 37.20  ? 156 SER A OG  1 ? 
ATOM   1214 N N   . LYS A 1 157 ? 11.439  -12.303 6.189   1.00 22.75  ? 157 LYS A N   1 ? 
ATOM   1215 C CA  . LYS A 1 157 ? 11.421  -13.505 7.025   1.00 24.53  ? 157 LYS A CA  1 ? 
ATOM   1216 C C   . LYS A 1 157 ? 10.315  -14.489 6.608   1.00 27.31  ? 157 LYS A C   1 ? 
ATOM   1217 O O   . LYS A 1 157 ? 10.534  -15.703 6.606   1.00 29.70  ? 157 LYS A O   1 ? 
ATOM   1218 C CB  . LYS A 1 157 ? 11.230  -13.139 8.503   1.00 27.60  ? 157 LYS A CB  1 ? 
ATOM   1219 C CG  . LYS A 1 157 ? 12.333  -12.379 9.255   1.00 44.55  ? 157 LYS A CG  1 ? 
ATOM   1220 C CD  . LYS A 1 157 ? 11.948  -12.172 10.783  1.00 59.31  ? 157 LYS A CD  1 ? 
ATOM   1221 C CE  . LYS A 1 157 ? 10.534  -11.520 11.049  1.00 57.74  ? 157 LYS A CE  1 ? 
ATOM   1222 N NZ  . LYS A 1 157 ? 10.426  -10.485 12.175  1.00 48.06  ? 157 LYS A NZ  1 ? 
ATOM   1223 N N   . GLU A 1 158 ? 9.093   -14.001 6.320   1.00 26.60  ? 158 GLU A N   1 ? 
ATOM   1224 C CA  . GLU A 1 158 ? 8.031   -14.906 5.859   1.00 26.79  ? 158 GLU A CA  1 ? 
ATOM   1225 C C   . GLU A 1 158 ? 8.449   -15.696 4.620   1.00 30.14  ? 158 GLU A C   1 ? 
ATOM   1226 O O   . GLU A 1 158 ? 8.084   -16.879 4.465   1.00 25.33  ? 158 GLU A O   1 ? 
ATOM   1227 C CB  . GLU A 1 158 ? 6.765   -14.132 5.517   1.00 20.89  ? 158 GLU A CB  1 ? 
ATOM   1228 C CG  . GLU A 1 158 ? 5.910   -13.732 6.695   1.00 29.83  ? 158 GLU A CG  1 ? 
ATOM   1229 C CD  . GLU A 1 158 ? 5.262   -14.927 7.317   1.00 47.87  ? 158 GLU A CD  1 ? 
ATOM   1230 O OE1 . GLU A 1 158 ? 4.268   -15.400 6.733   1.00 47.84  ? 158 GLU A OE1 1 ? 
ATOM   1231 O OE2 . GLU A 1 158 ? 5.776   -15.423 8.347   1.00 47.14  ? 158 GLU A OE2 1 ? 
ATOM   1232 N N   . ALA A 1 159 ? 9.140   -15.032 3.678   1.00 24.47  ? 159 ALA A N   1 ? 
ATOM   1233 C CA  . ALA A 1 159 ? 9.554   -15.728 2.462   1.00 30.16  ? 159 ALA A CA  1 ? 
ATOM   1234 C C   . ALA A 1 159 ? 10.635  -16.757 2.762   1.00 28.53  ? 159 ALA A C   1 ? 
ATOM   1235 O O   . ALA A 1 159 ? 10.690  -17.807 2.124   1.00 26.68  ? 159 ALA A O   1 ? 
ATOM   1236 C CB  . ALA A 1 159 ? 10.081  -14.738 1.424   1.00 32.41  ? 159 ALA A CB  1 ? 
ATOM   1237 N N   . GLU A 1 160 ? 11.518  -16.459 3.712   1.00 31.13  ? 160 GLU A N   1 ? 
ATOM   1238 C CA  . GLU A 1 160 ? 12.514  -17.439 4.129   1.00 34.85  ? 160 GLU A CA  1 ? 
ATOM   1239 C C   . GLU A 1 160 ? 11.846  -18.699 4.670   1.00 36.31  ? 160 GLU A C   1 ? 
ATOM   1240 O O   . GLU A 1 160 ? 12.326  -19.815 4.444   1.00 34.25  ? 160 GLU A O   1 ? 
ATOM   1241 C CB  . GLU A 1 160 ? 13.428  -16.823 5.195   1.00 35.82  ? 160 GLU A CB  1 ? 
ATOM   1242 C CG  . GLU A 1 160 ? 14.654  -16.096 4.621   1.00 49.74  ? 160 GLU A CG  1 ? 
ATOM   1243 C CD  . GLU A 1 160 ? 15.358  -15.174 5.621   1.00 68.55  ? 160 GLU A CD  1 ? 
ATOM   1244 O OE1 . GLU A 1 160 ? 15.063  -15.243 6.840   1.00 79.43  ? 160 GLU A OE1 1 ? 
ATOM   1245 O OE2 . GLU A 1 160 ? 16.242  -14.400 5.184   1.00 84.34  ? 160 GLU A OE2 1 ? 
ATOM   1246 N N   . ALA A 1 161 ? 10.741  -18.539 5.395   1.00 34.93  ? 161 ALA A N   1 ? 
ATOM   1247 C CA  . ALA A 1 161 ? 9.978   -19.653 5.936   1.00 29.49  ? 161 ALA A CA  1 ? 
ATOM   1248 C C   . ALA A 1 161 ? 9.114   -20.336 4.888   1.00 32.94  ? 161 ALA A C   1 ? 
ATOM   1249 O O   . ALA A 1 161 ? 8.370   -21.260 5.226   1.00 38.73  ? 161 ALA A O   1 ? 
ATOM   1250 C CB  . ALA A 1 161 ? 9.105   -19.152 7.078   1.00 29.46  ? 161 ALA A CB  1 ? 
ATOM   1251 N N   . GLY A 1 162 ? 9.205   -19.911 3.630   1.00 34.06  ? 162 GLY A N   1 ? 
ATOM   1252 C CA  . GLY A 1 162 ? 8.410   -20.481 2.569   1.00 24.23  ? 162 GLY A CA  1 ? 
ATOM   1253 C C   . GLY A 1 162 ? 6.987   -19.996 2.500   1.00 28.81  ? 162 GLY A C   1 ? 
ATOM   1254 O O   . GLY A 1 162 ? 6.174   -20.641 1.842   1.00 25.40  ? 162 GLY A O   1 ? 
ATOM   1255 N N   . ASN A 1 163 ? 6.632   -18.897 3.166   1.00 25.29  ? 163 ASN A N   1 ? 
ATOM   1256 C CA  . ASN A 1 163 ? 5.221   -18.539 3.196   1.00 26.19  ? 163 ASN A CA  1 ? 
ATOM   1257 C C   . ASN A 1 163 ? 4.810   -17.586 2.082   1.00 30.67  ? 163 ASN A C   1 ? 
ATOM   1258 O O   . ASN A 1 163 ? 3.602   -17.423 1.852   1.00 34.63  ? 163 ASN A O   1 ? 
ATOM   1259 C CB  . ASN A 1 163 ? 4.848   -17.904 4.508   1.00 32.52  ? 163 ASN A CB  1 ? 
ATOM   1260 C CG  . ASN A 1 163 ? 4.889   -18.886 5.639   1.00 43.23  ? 163 ASN A CG  1 ? 
ATOM   1261 O OD1 . ASN A 1 163 ? 4.589   -20.069 5.461   1.00 36.54  ? 163 ASN A OD1 1 ? 
ATOM   1262 N ND2 . ASN A 1 163 ? 5.302   -18.418 6.802   1.00 35.75  ? 163 ASN A ND2 1 ? 
ATOM   1263 N N   . THR A 1 164 ? 5.767   -16.932 1.424   1.00 25.25  ? 164 THR A N   1 ? 
ATOM   1264 C CA  . THR A 1 164 ? 5.480   -16.038 0.319   1.00 23.12  ? 164 THR A CA  1 ? 
ATOM   1265 C C   . THR A 1 164 ? 6.762   -15.949 -0.488  1.00 29.76  ? 164 THR A C   1 ? 
ATOM   1266 O O   . THR A 1 164 ? 7.788   -16.512 -0.103  1.00 28.38  ? 164 THR A O   1 ? 
ATOM   1267 C CB  . THR A 1 164 ? 4.985   -14.685 0.836   1.00 31.03  ? 164 THR A CB  1 ? 
ATOM   1268 O OG1 . THR A 1 164 ? 4.479   -13.916 -0.283  1.00 33.53  ? 164 THR A OG1 1 ? 
ATOM   1269 C CG2 . THR A 1 164 ? 6.115   -13.888 1.532   1.00 25.19  ? 164 THR A CG2 1 ? 
ATOM   1270 N N   . LYS A 1 165 ? 6.699   -15.255 -1.621  1.00 29.19  ? 165 LYS A N   1 ? 
ATOM   1271 C CA  . LYS A 1 165 ? 7.880   -14.850 -2.371  1.00 21.42  ? 165 LYS A CA  1 ? 
ATOM   1272 C C   . LYS A 1 165 ? 8.108   -13.359 -2.169  1.00 23.50  ? 165 LYS A C   1 ? 
ATOM   1273 O O   . LYS A 1 165 ? 7.164   -12.572 -2.166  1.00 25.18  ? 165 LYS A O   1 ? 
ATOM   1274 C CB  . LYS A 1 165 ? 7.704   -15.195 -3.862  1.00 27.44  ? 165 LYS A CB  1 ? 
ATOM   1275 C CG  . LYS A 1 165 ? 7.531   -16.708 -4.094  1.00 37.65  ? 165 LYS A CG  1 ? 
ATOM   1276 C CD  . LYS A 1 165 ? 7.629   -17.098 -5.564  1.00 42.15  ? 165 LYS A CD  1 ? 
ATOM   1277 C CE  . LYS A 1 165 ? 7.049   -18.482 -5.840  1.00 50.04  ? 165 LYS A CE  1 ? 
ATOM   1278 N NZ  . LYS A 1 165 ? 6.728   -18.580 -7.307  1.00 56.29  ? 165 LYS A NZ  1 ? 
ATOM   1279 N N   . TYR A 1 166 ? 9.349   -12.976 -1.942  1.00 21.76  ? 166 TYR A N   1 ? 
ATOM   1280 C CA  . TYR A 1 166 ? 9.711   -11.591 -1.629  1.00 21.72  ? 166 TYR A CA  1 ? 
ATOM   1281 C C   . TYR A 1 166 ? 10.661  -11.071 -2.693  1.00 25.05  ? 166 TYR A C   1 ? 
ATOM   1282 O O   . TYR A 1 166 ? 11.662  -11.718 -2.983  1.00 24.12  ? 166 TYR A O   1 ? 
ATOM   1283 C CB  . TYR A 1 166 ? 10.354  -11.480 -0.253  1.00 27.02  ? 166 TYR A CB  1 ? 
ATOM   1284 C CG  . TYR A 1 166 ? 10.620  -10.051 0.113   1.00 25.57  ? 166 TYR A CG  1 ? 
ATOM   1285 C CD1 . TYR A 1 166 ? 11.799  -9.406  -0.264  1.00 24.43  ? 166 TYR A CD1 1 ? 
ATOM   1286 C CD2 . TYR A 1 166 ? 9.680   -9.350  0.807   1.00 26.19  ? 166 TYR A CD2 1 ? 
ATOM   1287 C CE1 . TYR A 1 166 ? 11.994  -8.089  0.068   1.00 26.20  ? 166 TYR A CE1 1 ? 
ATOM   1288 C CE2 . TYR A 1 166 ? 9.855   -8.083  1.128   1.00 31.11  ? 166 TYR A CE2 1 ? 
ATOM   1289 C CZ  . TYR A 1 166 ? 10.992  -7.446  0.776   1.00 30.19  ? 166 TYR A CZ  1 ? 
ATOM   1290 O OH  . TYR A 1 166 ? 10.990  -6.149  1.199   1.00 35.24  ? 166 TYR A OH  1 ? 
ATOM   1291 N N   . ALA A 1 167 ? 10.370  -9.897  -3.266  1.00 22.46  ? 167 ALA A N   1 ? 
ATOM   1292 C CA  . ALA A 1 167 ? 11.312  -9.288  -4.187  1.00 33.07  ? 167 ALA A CA  1 ? 
ATOM   1293 C C   . ALA A 1 167 ? 11.336  -7.774  -3.999  1.00 32.11  ? 167 ALA A C   1 ? 
ATOM   1294 O O   . ALA A 1 167 ? 10.358  -7.163  -3.550  1.00 23.55  ? 167 ALA A O   1 ? 
ATOM   1295 C CB  . ALA A 1 167 ? 10.971  -9.602  -5.645  1.00 30.08  ? 167 ALA A CB  1 ? 
ATOM   1296 N N   . LYS A 1 168 ? 12.471  -7.178  -4.337  1.00 23.07  ? 168 LYS A N   1 ? 
ATOM   1297 C CA  . LYS A 1 168 ? 12.678  -5.735  -4.295  1.00 27.51  ? 168 LYS A CA  1 ? 
ATOM   1298 C C   . LYS A 1 168 ? 12.876  -5.245  -5.722  1.00 27.92  ? 168 LYS A C   1 ? 
ATOM   1299 O O   . LYS A 1 168 ? 13.574  -5.895  -6.497  1.00 28.09  ? 168 LYS A O   1 ? 
ATOM   1300 C CB  . LYS A 1 168 ? 13.888  -5.435  -3.424  1.00 29.91  ? 168 LYS A CB  1 ? 
ATOM   1301 C CG  . LYS A 1 168 ? 14.166  -3.983  -3.141  1.00 34.03  ? 168 LYS A CG  1 ? 
ATOM   1302 C CD  . LYS A 1 168 ? 15.186  -3.879  -1.999  1.00 48.28  ? 168 LYS A CD  1 ? 
ATOM   1303 C CE  . LYS A 1 168 ? 16.127  -2.661  -2.127  1.00 65.75  ? 168 LYS A CE  1 ? 
ATOM   1304 N NZ  . LYS A 1 168 ? 17.011  -2.411  -0.925  1.00 66.16  ? 168 LYS A NZ  1 ? 
ATOM   1305 N N   . VAL A 1 169 ? 12.248  -4.113  -6.093  1.00 25.17  ? 169 VAL A N   1 ? 
ATOM   1306 C CA  . VAL A 1 169 ? 12.573  -3.435  -7.351  1.00 25.42  ? 169 VAL A CA  1 ? 
ATOM   1307 C C   . VAL A 1 169 ? 13.052  -2.018  -7.054  1.00 33.31  ? 169 VAL A C   1 ? 
ATOM   1308 O O   . VAL A 1 169 ? 12.640  -1.388  -6.074  1.00 22.10  ? 169 VAL A O   1 ? 
ATOM   1309 C CB  . VAL A 1 169 ? 11.392  -3.371  -8.345  1.00 27.79  ? 169 VAL A CB  1 ? 
ATOM   1310 C CG1 . VAL A 1 169 ? 10.897  -4.763  -8.630  1.00 43.28  ? 169 VAL A CG1 1 ? 
ATOM   1311 C CG2 . VAL A 1 169 ? 10.280  -2.488  -7.826  1.00 29.69  ? 169 VAL A CG2 1 ? 
ATOM   1312 N N   . ASP A 1 170 ? 13.914  -1.509  -7.926  1.00 27.30  ? 170 ASP A N   1 ? 
ATOM   1313 C CA  . ASP A 1 170 ? 14.466  -0.154  -7.821  1.00 23.34  ? 170 ASP A CA  1 ? 
ATOM   1314 C C   . ASP A 1 170 ? 13.464  0.793   -8.454  1.00 24.19  ? 170 ASP A C   1 ? 
ATOM   1315 O O   . ASP A 1 170 ? 13.358  0.877   -9.677  1.00 26.32  ? 170 ASP A O   1 ? 
ATOM   1316 C CB  . ASP A 1 170 ? 15.841  -0.119  -8.492  1.00 31.62  ? 170 ASP A CB  1 ? 
ATOM   1317 C CG  . ASP A 1 170 ? 16.362  1.274   -8.764  1.00 40.10  ? 170 ASP A CG  1 ? 
ATOM   1318 O OD1 . ASP A 1 170 ? 15.809  2.292   -8.266  1.00 30.28  ? 170 ASP A OD1 1 ? 
ATOM   1319 O OD2 . ASP A 1 170 ? 17.367  1.324   -9.501  1.00 36.50  ? 170 ASP A OD2 1 ? 
ATOM   1320 N N   . GLY A 1 171 ? 12.713  1.487   -7.617  1.00 22.84  ? 171 GLY A N   1 ? 
ATOM   1321 C CA  . GLY A 1 171 ? 11.656  2.385   -8.047  1.00 17.91  ? 171 GLY A CA  1 ? 
ATOM   1322 C C   . GLY A 1 171 ? 12.121  3.721   -8.566  1.00 27.21  ? 171 GLY A C   1 ? 
ATOM   1323 O O   . GLY A 1 171 ? 11.268  4.561   -8.867  1.00 26.49  ? 171 GLY A O   1 ? 
ATOM   1324 N N   . THR A 1 172 ? 13.439  3.958   -8.684  1.00 25.16  ? 172 THR A N   1 ? 
ATOM   1325 C CA  . THR A 1 172 ? 13.929  5.214   -9.273  1.00 26.33  ? 172 THR A CA  1 ? 
ATOM   1326 C C   . THR A 1 172 ? 14.018  5.136   -10.793 1.00 24.65  ? 172 THR A C   1 ? 
ATOM   1327 O O   . THR A 1 172 ? 14.063  6.170   -11.459 1.00 30.24  ? 172 THR A O   1 ? 
ATOM   1328 C CB  . THR A 1 172 ? 15.299  5.579   -8.677  1.00 27.25  ? 172 THR A CB  1 ? 
ATOM   1329 O OG1 . THR A 1 172 ? 16.339  4.694   -9.155  1.00 29.90  ? 172 THR A OG1 1 ? 
ATOM   1330 C CG2 . THR A 1 172 ? 15.226  5.556   -7.141  1.00 26.02  ? 172 THR A CG2 1 ? 
ATOM   1331 N N   . LYS A 1 173 ? 14.045  3.912   -11.340 1.00 21.65  ? 173 LYS A N   1 ? 
ATOM   1332 C CA  . LYS A 1 173 ? 13.982  3.684   -12.755 1.00 21.01  ? 173 LYS A CA  1 ? 
ATOM   1333 C C   . LYS A 1 173 ? 12.678  4.249   -13.317 1.00 28.69  ? 173 LYS A C   1 ? 
ATOM   1334 O O   . LYS A 1 173 ? 11.708  4.453   -12.584 1.00 27.38  ? 173 LYS A O   1 ? 
ATOM   1335 C CB  . LYS A 1 173 ? 14.069  2.198   -13.012 1.00 25.03  ? 173 LYS A CB  1 ? 
ATOM   1336 C CG  . LYS A 1 173 ? 15.352  1.551   -12.547 1.00 28.84  ? 173 LYS A CG  1 ? 
ATOM   1337 C CD  . LYS A 1 173 ? 15.398  0.218   -13.237 1.00 36.74  ? 173 LYS A CD  1 ? 
ATOM   1338 C CE  . LYS A 1 173 ? 16.277  -0.781  -12.531 1.00 52.24  ? 173 LYS A CE  1 ? 
ATOM   1339 N NZ  . LYS A 1 173 ? 16.264  -2.134  -13.168 1.00 67.60  ? 173 LYS A NZ  1 ? 
ATOM   1340 N N   . PRO A 1 174 ? 12.620  4.505   -14.622 1.00 31.30  ? 174 PRO A N   1 ? 
ATOM   1341 C CA  . PRO A 1 174 ? 11.378  5.016   -15.215 1.00 30.87  ? 174 PRO A CA  1 ? 
ATOM   1342 C C   . PRO A 1 174 ? 10.262  3.985   -15.163 1.00 30.88  ? 174 PRO A C   1 ? 
ATOM   1343 O O   . PRO A 1 174 ? 10.505  2.781   -15.052 1.00 29.31  ? 174 PRO A O   1 ? 
ATOM   1344 C CB  . PRO A 1 174 ? 11.766  5.330   -16.665 1.00 24.56  ? 174 PRO A CB  1 ? 
ATOM   1345 C CG  . PRO A 1 174 ? 13.232  5.301   -16.693 1.00 35.14  ? 174 PRO A CG  1 ? 
ATOM   1346 C CD  . PRO A 1 174 ? 13.681  4.374   -15.628 1.00 34.87  ? 174 PRO A CD  1 ? 
ATOM   1347 N N   . VAL A 1 175 ? 9.026   4.485   -15.335 1.00 26.78  ? 175 VAL A N   1 ? 
ATOM   1348 C CA  . VAL A 1 175 ? 7.816   3.685   -15.107 1.00 27.91  ? 175 VAL A CA  1 ? 
ATOM   1349 C C   . VAL A 1 175 ? 7.849   2.401   -15.918 1.00 30.01  ? 175 VAL A C   1 ? 
ATOM   1350 O O   . VAL A 1 175 ? 7.641   1.293   -15.391 1.00 25.67  ? 175 VAL A O   1 ? 
ATOM   1351 C CB  . VAL A 1 175 ? 6.553   4.509   -15.426 1.00 38.74  ? 175 VAL A CB  1 ? 
ATOM   1352 C CG1 . VAL A 1 175 ? 5.304   3.601   -15.592 1.00 32.57  ? 175 VAL A CG1 1 ? 
ATOM   1353 C CG2 . VAL A 1 175 ? 6.293   5.564   -14.352 1.00 35.06  ? 175 VAL A CG2 1 ? 
ATOM   1354 N N   . ALA A 1 176 ? 8.138   2.510   -17.211 1.00 29.14  ? 176 ALA A N   1 ? 
ATOM   1355 C CA  . ALA A 1 176 ? 8.144   1.300   -18.032 1.00 27.94  ? 176 ALA A CA  1 ? 
ATOM   1356 C C   . ALA A 1 176 ? 9.190   0.309   -17.557 1.00 25.82  ? 176 ALA A C   1 ? 
ATOM   1357 O O   . ALA A 1 176 ? 8.984   -0.911  -17.638 1.00 28.83  ? 176 ALA A O   1 ? 
ATOM   1358 C CB  . ALA A 1 176 ? 8.396   1.641   -19.492 1.00 35.30  ? 176 ALA A CB  1 ? 
ATOM   1359 N N   . GLU A 1 177 ? 10.346  0.802   -17.118 1.00 27.67  ? 177 GLU A N   1 ? 
ATOM   1360 C CA  . GLU A 1 177 ? 11.388  -0.118  -16.682 1.00 33.04  ? 177 GLU A CA  1 ? 
ATOM   1361 C C   . GLU A 1 177 ? 11.017  -0.773  -15.362 1.00 29.31  ? 177 GLU A C   1 ? 
ATOM   1362 O O   . GLU A 1 177 ? 11.406  -1.918  -15.105 1.00 35.19  ? 177 GLU A O   1 ? 
ATOM   1363 C CB  . GLU A 1 177 ? 12.734  0.599   -16.533 1.00 38.69  ? 177 GLU A CB  1 ? 
ATOM   1364 C CG  . GLU A 1 177 ? 13.515  0.793   -17.847 1.00 46.88  ? 177 GLU A CG  1 ? 
ATOM   1365 C CD  . GLU A 1 177 ? 14.817  1.588   -17.702 1.00 49.14  ? 177 GLU A CD  1 ? 
ATOM   1366 O OE1 . GLU A 1 177 ? 15.642  1.260   -16.812 1.00 47.07  ? 177 GLU A OE1 1 ? 
ATOM   1367 O OE2 . GLU A 1 177 ? 15.024  2.528   -18.509 1.00 53.73  ? 177 GLU A OE2 1 ? 
ATOM   1368 N N   . VAL A 1 178 ? 10.304  -0.062  -14.493 1.00 26.96  ? 178 VAL A N   1 ? 
ATOM   1369 C CA  . VAL A 1 178 ? 9.872   -0.700  -13.252 1.00 24.55  ? 178 VAL A CA  1 ? 
ATOM   1370 C C   . VAL A 1 178 ? 8.882   -1.810  -13.571 1.00 27.41  ? 178 VAL A C   1 ? 
ATOM   1371 O O   . VAL A 1 178 ? 8.974   -2.922  -13.038 1.00 23.54  ? 178 VAL A O   1 ? 
ATOM   1372 C CB  . VAL A 1 178 ? 9.267   0.333   -12.290 1.00 29.54  ? 178 VAL A CB  1 ? 
ATOM   1373 C CG1 . VAL A 1 178 ? 8.662   -0.386  -11.072 1.00 29.51  ? 178 VAL A CG1 1 ? 
ATOM   1374 C CG2 . VAL A 1 178 ? 10.369  1.364   -11.905 1.00 26.21  ? 178 VAL A CG2 1 ? 
ATOM   1375 N N   . ARG A 1 179 ? 7.932   -1.520  -14.466 1.00 27.67  ? 179 ARG A N   1 ? 
ATOM   1376 C CA  . ARG A 1 179 ? 6.931   -2.488  -14.916 1.00 31.60  ? 179 ARG A CA  1 ? 
ATOM   1377 C C   . ARG A 1 179 ? 7.595   -3.763  -15.390 1.00 31.11  ? 179 ARG A C   1 ? 
ATOM   1378 O O   . ARG A 1 179 ? 7.191   -4.877  -15.018 1.00 26.81  ? 179 ARG A O   1 ? 
ATOM   1379 C CB  . ARG A 1 179 ? 6.110   -1.863  -16.058 1.00 27.88  ? 179 ARG A CB  1 ? 
ATOM   1380 C CG  . ARG A 1 179 ? 4.996   -2.715  -16.660 1.00 35.18  ? 179 ARG A CG  1 ? 
ATOM   1381 C CD  . ARG A 1 179 ? 4.160   -1.917  -17.663 1.00 36.09  ? 179 ARG A CD  1 ? 
ATOM   1382 N NE  . ARG A 1 179 ? 3.194   -2.793  -18.305 1.00 59.92  ? 179 ARG A NE  1 ? 
ATOM   1383 C CZ  . ARG A 1 179 ? 2.167   -2.373  -19.033 1.00 66.50  ? 179 ARG A CZ  1 ? 
ATOM   1384 N NH1 . ARG A 1 179 ? 1.973   -1.072  -19.206 1.00 61.60  ? 179 ARG A NH1 1 ? 
ATOM   1385 N NH2 . ARG A 1 179 ? 1.323   -3.252  -19.565 1.00 54.87  ? 179 ARG A NH2 1 ? 
ATOM   1386 N N   . ALA A 1 180 ? 8.620   -3.609  -16.224 1.00 26.18  ? 180 ALA A N   1 ? 
ATOM   1387 C CA  . ALA A 1 180 ? 9.256   -4.777  -16.809 1.00 29.67  ? 180 ALA A CA  1 ? 
ATOM   1388 C C   . ALA A 1 180 ? 9.999   -5.591  -15.750 1.00 35.53  ? 180 ALA A C   1 ? 
ATOM   1389 O O   . ALA A 1 180 ? 10.000  -6.824  -15.809 1.00 35.67  ? 180 ALA A O   1 ? 
ATOM   1390 C CB  . ALA A 1 180 ? 10.190  -4.348  -17.938 1.00 37.94  ? 180 ALA A CB  1 ? 
ATOM   1391 N N   . ASP A 1 181 ? 10.638  -4.924  -14.770 1.00 37.34  ? 181 ASP A N   1 ? 
ATOM   1392 C CA  . ASP A 1 181 ? 11.307  -5.656  -13.688 1.00 33.99  ? 181 ASP A CA  1 ? 
ATOM   1393 C C   . ASP A 1 181 ? 10.282  -6.406  -12.834 1.00 34.71  ? 181 ASP A C   1 ? 
ATOM   1394 O O   . ASP A 1 181 ? 10.562  -7.501  -12.332 1.00 39.76  ? 181 ASP A O   1 ? 
ATOM   1395 C CB  . ASP A 1 181 ? 12.142  -4.707  -12.792 1.00 32.28  ? 181 ASP A CB  1 ? 
ATOM   1396 C CG  . ASP A 1 181 ? 13.398  -4.109  -13.498 1.00 43.51  ? 181 ASP A CG  1 ? 
ATOM   1397 O OD1 . ASP A 1 181 ? 13.822  -4.598  -14.559 1.00 45.36  ? 181 ASP A OD1 1 ? 
ATOM   1398 O OD2 . ASP A 1 181 ? 13.976  -3.124  -12.962 1.00 50.76  ? 181 ASP A OD2 1 ? 
ATOM   1399 N N   . LEU A 1 182 ? 9.089   -5.821  -12.645 1.00 30.65  ? 182 LEU A N   1 ? 
ATOM   1400 C CA  . LEU A 1 182 ? 8.037   -6.497  -11.884 1.00 33.30  ? 182 LEU A CA  1 ? 
ATOM   1401 C C   . LEU A 1 182 ? 7.507   -7.705  -12.647 1.00 32.08  ? 182 LEU A C   1 ? 
ATOM   1402 O O   . LEU A 1 182 ? 7.203   -8.739  -12.048 1.00 39.37  ? 182 LEU A O   1 ? 
ATOM   1403 C CB  . LEU A 1 182 ? 6.871   -5.549  -11.561 1.00 27.63  ? 182 LEU A CB  1 ? 
ATOM   1404 C CG  . LEU A 1 182 ? 7.146   -4.407  -10.588 1.00 32.79  ? 182 LEU A CG  1 ? 
ATOM   1405 C CD1 . LEU A 1 182 ? 5.980   -3.416  -10.504 1.00 27.71  ? 182 LEU A CD1 1 ? 
ATOM   1406 C CD2 . LEU A 1 182 ? 7.468   -4.969  -9.215  1.00 30.12  ? 182 LEU A CD2 1 ? 
ATOM   1407 N N   . GLU A 1 183 ? 7.399   -7.598  -13.971 1.00 40.12  ? 183 GLU A N   1 ? 
ATOM   1408 C CA  . GLU A 1 183 ? 6.988   -8.741  -14.782 1.00 44.84  ? 183 GLU A CA  1 ? 
ATOM   1409 C C   . GLU A 1 183 ? 8.029   -9.860  -14.740 1.00 44.45  ? 183 GLU A C   1 ? 
ATOM   1410 O O   . GLU A 1 183 ? 7.673   -11.047 -14.715 1.00 52.24  ? 183 GLU A O   1 ? 
ATOM   1411 C CB  . GLU A 1 183 ? 6.744   -8.293  -16.226 1.00 47.49  ? 183 GLU A CB  1 ? 
ATOM   1412 C CG  . GLU A 1 183 ? 5.573   -7.301  -16.407 1.00 48.58  ? 183 GLU A CG  1 ? 
ATOM   1413 C CD  . GLU A 1 183 ? 4.854   -7.489  -17.730 1.00 66.14  ? 183 GLU A CD  1 ? 
ATOM   1414 O OE1 . GLU A 1 183 ? 4.935   -8.608  -18.273 1.00 58.71  ? 183 GLU A OE1 1 ? 
ATOM   1415 O OE2 . GLU A 1 183 ? 4.194   -6.538  -18.218 1.00 60.45  ? 183 GLU A OE2 1 ? 
ATOM   1416 N N   . LYS A 1 184 ? 9.319   -9.522  -14.761 1.00 41.24  ? 184 LYS A N   1 ? 
ATOM   1417 C CA  . LYS A 1 184 ? 10.314  -10.580 -14.596 1.00 44.06  ? 184 LYS A CA  1 ? 
ATOM   1418 C C   . LYS A 1 184 ? 10.064  -11.373 -13.320 1.00 52.46  ? 184 LYS A C   1 ? 
ATOM   1419 O O   . LYS A 1 184 ? 10.299  -12.584 -13.281 1.00 42.43  ? 184 LYS A O   1 ? 
ATOM   1420 C CB  . LYS A 1 184 ? 11.735  -10.013 -14.577 1.00 48.99  ? 184 LYS A CB  1 ? 
ATOM   1421 C CG  . LYS A 1 184 ? 12.107  -9.232  -15.834 1.00 68.89  ? 184 LYS A CG  1 ? 
ATOM   1422 C CD  . LYS A 1 184 ? 13.605  -9.267  -16.176 1.00 64.90  ? 184 LYS A CD  1 ? 
ATOM   1423 C CE  . LYS A 1 184 ? 14.116  -7.859  -16.551 1.00 61.15  ? 184 LYS A CE  1 ? 
ATOM   1424 N NZ  . LYS A 1 184 ? 13.358  -7.195  -17.687 1.00 61.40  ? 184 LYS A NZ  1 ? 
ATOM   1425 N N   . ILE A 1 185 ? 9.576   -10.703 -12.276 1.00 45.35  ? 185 ILE A N   1 ? 
ATOM   1426 C CA  . ILE A 1 185 ? 9.340   -11.347 -10.994 1.00 36.11  ? 185 ILE A CA  1 ? 
ATOM   1427 C C   . ILE A 1 185 ? 8.066   -12.168 -11.030 1.00 35.84  ? 185 ILE A C   1 ? 
ATOM   1428 O O   . ILE A 1 185 ? 8.037   -13.312 -10.584 1.00 37.91  ? 185 ILE A O   1 ? 
ATOM   1429 C CB  . ILE A 1 185 ? 9.309   -10.277 -9.884  1.00 36.12  ? 185 ILE A CB  1 ? 
ATOM   1430 C CG1 . ILE A 1 185 ? 10.752  -9.786  -9.721  1.00 39.46  ? 185 ILE A CG1 1 ? 
ATOM   1431 C CG2 . ILE A 1 185 ? 8.755   -10.856 -8.607  1.00 32.13  ? 185 ILE A CG2 1 ? 
ATOM   1432 C CD1 . ILE A 1 185 ? 10.968  -8.455  -9.082  1.00 41.97  ? 185 ILE A CD1 1 ? 
ATOM   1433 N N   . LEU A 1 186 ? 6.993   -11.605 -11.576 1.00 39.10  ? 186 LEU A N   1 ? 
ATOM   1434 C CA  . LEU A 1 186 ? 5.673   -12.198 -11.399 1.00 40.48  ? 186 LEU A CA  1 ? 
ATOM   1435 C C   . LEU A 1 186 ? 5.366   -13.232 -12.458 1.00 49.45  ? 186 LEU A C   1 ? 
ATOM   1436 O O   . LEU A 1 186 ? 4.617   -14.182 -12.208 1.00 58.54  ? 186 LEU A O   1 ? 
ATOM   1437 C CB  . LEU A 1 186 ? 4.607   -11.110 -11.457 1.00 32.41  ? 186 LEU A CB  1 ? 
ATOM   1438 C CG  . LEU A 1 186 ? 4.618   -10.063 -10.366 1.00 33.57  ? 186 LEU A CG  1 ? 
ATOM   1439 C CD1 . LEU A 1 186 ? 3.629   -9.011  -10.742 1.00 35.37  ? 186 LEU A CD1 1 ? 
ATOM   1440 C CD2 . LEU A 1 186 ? 4.258   -10.725 -9.033  1.00 32.03  ? 186 LEU A CD2 1 ? 
ATOM   1441 N N   . GLY A 1 187 ? 5.873   -13.016 -13.656 1.00 52.58  ? 187 GLY A N   1 ? 
ATOM   1442 C CA  . GLY A 1 187 ? 5.674   -13.940 -14.744 1.00 62.12  ? 187 GLY A CA  1 ? 
ATOM   1443 C C   . GLY A 1 187 ? 6.658   -15.074 -14.605 1.00 75.03  ? 187 GLY A C   1 ? 
ATOM   1444 O O   . GLY A 1 187 ? 7.688   -14.952 -13.930 1.00 62.44  ? 187 GLY A O   1 ? 
ATOM   1445 O OXT . GLY A 1 187 ? 6.427   -16.140 -15.166 1.00 103.40 ? 187 GLY A OXT 1 ? 
HETATM 1446 P PA  . AP5 B 2 .   ? 2.330   6.899   -6.757  1.00 25.39  ? 301 AP5 A PA  1 ? 
HETATM 1447 O O1A . AP5 B 2 .   ? 2.093   5.671   -7.487  1.00 26.64  ? 301 AP5 A O1A 1 ? 
HETATM 1448 O O2A . AP5 B 2 .   ? 1.011   7.588   -6.511  1.00 30.05  ? 301 AP5 A O2A 1 ? 
HETATM 1449 O O3A . AP5 B 2 .   ? 2.979   6.501   -5.385  1.00 31.65  ? 301 AP5 A O3A 1 ? 
HETATM 1450 P PB  . AP5 B 2 .   ? 2.174   5.608   -4.309  1.00 42.64  ? 301 AP5 A PB  1 ? 
HETATM 1451 O O1B . AP5 B 2 .   ? 3.054   4.579   -3.888  1.00 33.65  ? 301 AP5 A O1B 1 ? 
HETATM 1452 O O2B . AP5 B 2 .   ? 0.844   5.124   -4.833  1.00 27.97  ? 301 AP5 A O2B 1 ? 
HETATM 1453 O O3B . AP5 B 2 .   ? 1.859   6.578   -3.069  1.00 38.14  ? 301 AP5 A O3B 1 ? 
HETATM 1454 P PG  . AP5 B 2 .   ? 0.637   7.689   -2.991  1.00 88.24  ? 301 AP5 A PG  1 ? 
HETATM 1455 O O1G . AP5 B 2 .   ? -0.713  7.205   -3.397  1.00 62.66  ? 301 AP5 A O1G 1 ? 
HETATM 1456 O O2G . AP5 B 2 .   ? 0.943   8.964   -3.781  1.00 78.59  ? 301 AP5 A O2G 1 ? 
HETATM 1457 O O3G . AP5 B 2 .   ? 0.578   8.074   -1.435  1.00 73.87  ? 301 AP5 A O3G 1 ? 
HETATM 1458 P PD  . AP5 B 2 .   ? -0.074  6.872   -0.529  1.00 79.57  ? 301 AP5 A PD  1 ? 
HETATM 1459 O O1D . AP5 B 2 .   ? 0.812   6.709   0.579   1.00 62.37  ? 301 AP5 A O1D 1 ? 
HETATM 1460 O O2D . AP5 B 2 .   ? -0.364  5.757   -1.347  1.00 73.82  ? 301 AP5 A O2D 1 ? 
HETATM 1461 O O3D . AP5 B 2 .   ? -1.329  7.462   0.118   1.00 43.62  ? 301 AP5 A O3D 1 ? 
HETATM 1462 P PE  . AP5 B 2 .   ? -2.129  6.422   0.934   1.00 39.09  ? 301 AP5 A PE  1 ? 
HETATM 1463 O O1E . AP5 B 2 .   ? -1.551  5.139   0.893   1.00 37.58  ? 301 AP5 A O1E 1 ? 
HETATM 1464 O O2E . AP5 B 2 .   ? -3.330  6.589   0.083   1.00 44.09  ? 301 AP5 A O2E 1 ? 
HETATM 1465 O O5F . AP5 B 2 .   ? 3.337   7.864   -7.606  1.00 31.61  ? 301 AP5 A O5F 1 ? 
HETATM 1466 C C5F . AP5 B 2 .   ? 3.752   9.011   -6.994  1.00 28.53  ? 301 AP5 A C5F 1 ? 
HETATM 1467 C C4F . AP5 B 2 .   ? 4.213   10.069  -7.980  1.00 31.03  ? 301 AP5 A C4F 1 ? 
HETATM 1468 O O4F . AP5 B 2 .   ? 5.376   9.621   -8.772  1.00 27.65  ? 301 AP5 A O4F 1 ? 
HETATM 1469 C C3F . AP5 B 2 .   ? 3.128   10.194  -9.050  1.00 26.53  ? 301 AP5 A C3F 1 ? 
HETATM 1470 O O3F . AP5 B 2 .   ? 3.073   11.594  -9.407  1.00 47.42  ? 301 AP5 A O3F 1 ? 
HETATM 1471 C C2F . AP5 B 2 .   ? 3.627   9.297   -10.144 1.00 31.89  ? 301 AP5 A C2F 1 ? 
HETATM 1472 O O2F . AP5 B 2 .   ? 3.088   9.728   -11.445 1.00 34.42  ? 301 AP5 A O2F 1 ? 
HETATM 1473 C C1F . AP5 B 2 .   ? 4.942   9.405   -10.094 1.00 28.87  ? 301 AP5 A C1F 1 ? 
HETATM 1474 N N9A . AP5 B 2 .   ? 5.730   8.226   -10.438 1.00 30.41  ? 301 AP5 A N9A 1 ? 
HETATM 1475 C C8A . AP5 B 2 .   ? 5.307   7.007   -10.263 1.00 30.18  ? 301 AP5 A C8A 1 ? 
HETATM 1476 N N7A . AP5 B 2 .   ? 6.269   6.167   -10.646 1.00 35.58  ? 301 AP5 A N7A 1 ? 
HETATM 1477 C C5A . AP5 B 2 .   ? 7.308   6.849   -11.036 1.00 27.31  ? 301 AP5 A C5A 1 ? 
HETATM 1478 C C6A . AP5 B 2 .   ? 8.557   6.489   -11.517 1.00 26.94  ? 301 AP5 A C6A 1 ? 
HETATM 1479 N N6A . AP5 B 2 .   ? 9.101   5.146   -11.747 1.00 28.43  ? 301 AP5 A N6A 1 ? 
HETATM 1480 N N1A . AP5 B 2 .   ? 9.417   7.395   -11.843 1.00 23.49  ? 301 AP5 A N1A 1 ? 
HETATM 1481 C C2A . AP5 B 2 .   ? 9.110   8.689   -11.704 1.00 25.20  ? 301 AP5 A C2A 1 ? 
HETATM 1482 N N3A . AP5 B 2 .   ? 7.907   9.050   -11.248 1.00 27.99  ? 301 AP5 A N3A 1 ? 
HETATM 1483 C C4A . AP5 B 2 .   ? 6.994   8.120   -10.908 1.00 36.71  ? 301 AP5 A C4A 1 ? 
HETATM 1484 O O5J . AP5 B 2 .   ? -2.326  6.904   2.450   1.00 33.12  ? 301 AP5 A O5J 1 ? 
HETATM 1485 C C5J . AP5 B 2 .   ? -3.016  8.011   2.636   1.00 36.44  ? 301 AP5 A C5J 1 ? 
HETATM 1486 C C4J . AP5 B 2 .   ? -3.375  8.120   4.129   1.00 24.64  ? 301 AP5 A C4J 1 ? 
HETATM 1487 O O4J . AP5 B 2 .   ? -4.415  7.214   4.543   1.00 22.64  ? 301 AP5 A O4J 1 ? 
HETATM 1488 C C3J . AP5 B 2 .   ? -2.242  7.634   4.977   1.00 25.65  ? 301 AP5 A C3J 1 ? 
HETATM 1489 O O3J . AP5 B 2 .   ? -1.286  8.660   5.235   1.00 29.57  ? 301 AP5 A O3J 1 ? 
HETATM 1490 C C2J . AP5 B 2 .   ? -3.044  7.213   6.230   1.00 35.14  ? 301 AP5 A C2J 1 ? 
HETATM 1491 O O2J . AP5 B 2 .   ? -3.484  8.418   6.902   1.00 27.97  ? 301 AP5 A O2J 1 ? 
HETATM 1492 C C1J . AP5 B 2 .   ? -4.066  6.618   5.747   1.00 24.45  ? 301 AP5 A C1J 1 ? 
HETATM 1493 N N9B . AP5 B 2 .   ? -3.893  5.227   5.516   1.00 17.81  ? 301 AP5 A N9B 1 ? 
HETATM 1494 C C8B . AP5 B 2 .   ? -3.929  4.659   4.376   1.00 19.91  ? 301 AP5 A C8B 1 ? 
HETATM 1495 N N7B . AP5 B 2 .   ? -3.734  3.413   4.565   1.00 19.24  ? 301 AP5 A N7B 1 ? 
HETATM 1496 C C5B . AP5 B 2 .   ? -3.589  3.169   5.819   1.00 20.63  ? 301 AP5 A C5B 1 ? 
HETATM 1497 C C6B . AP5 B 2 .   ? -3.354  2.019   6.513   1.00 17.83  ? 301 AP5 A C6B 1 ? 
HETATM 1498 N N6B . AP5 B 2 .   ? -3.271  0.701   5.880   1.00 21.32  ? 301 AP5 A N6B 1 ? 
HETATM 1499 N N1B . AP5 B 2 .   ? -3.221  2.036   7.801   1.00 18.35  ? 301 AP5 A N1B 1 ? 
HETATM 1500 C C2B . AP5 B 2 .   ? -3.328  3.210   8.441   1.00 25.13  ? 301 AP5 A C2B 1 ? 
HETATM 1501 N N3B . AP5 B 2 .   ? -3.541  4.342   7.773   1.00 19.62  ? 301 AP5 A N3B 1 ? 
HETATM 1502 C C4B . AP5 B 2 .   ? -3.684  4.321   6.442   1.00 21.19  ? 301 AP5 A C4B 1 ? 
HETATM 1503 O O   . HOH C 3 .   ? -12.221 -3.836  17.009  1.00 40.89  ? 401 HOH A O   1 ? 
HETATM 1504 O O   . HOH C 3 .   ? -2.527  -2.125  16.718  1.00 32.26  ? 402 HOH A O   1 ? 
HETATM 1505 O O   . HOH C 3 .   ? 14.040  19.418  -6.241  1.00 47.64  ? 403 HOH A O   1 ? 
HETATM 1506 O O   . HOH C 3 .   ? 12.946  6.099   1.435   1.00 37.10  ? 404 HOH A O   1 ? 
HETATM 1507 O O   . HOH C 3 .   ? -2.240  19.391  -1.825  1.00 47.22  ? 405 HOH A O   1 ? 
HETATM 1508 O O   . HOH C 3 .   ? -1.219  6.819   -5.691  1.00 41.28  ? 406 HOH A O   1 ? 
HETATM 1509 O O   . HOH C 3 .   ? 11.937  -0.085  0.209   1.00 40.59  ? 407 HOH A O   1 ? 
HETATM 1510 O O   . HOH C 3 .   ? -8.100  16.356  -1.942  1.00 55.66  ? 408 HOH A O   1 ? 
HETATM 1511 O O   . HOH C 3 .   ? 9.050   3.796   16.306  1.00 33.24  ? 409 HOH A O   1 ? 
HETATM 1512 O O   . HOH C 3 .   ? -12.416 11.851  0.296   1.00 35.57  ? 410 HOH A O   1 ? 
HETATM 1513 O O   . HOH C 3 .   ? 9.710   -8.082  -17.873 1.00 44.66  ? 411 HOH A O   1 ? 
HETATM 1514 O O   . HOH C 3 .   ? 3.821   -10.388 15.446  1.00 49.37  ? 412 HOH A O   1 ? 
HETATM 1515 O O   . HOH C 3 .   ? -21.037 8.724   12.780  1.00 47.60  ? 413 HOH A O   1 ? 
HETATM 1516 O O   . HOH C 3 .   ? -8.630  -18.669 -7.580  1.00 51.20  ? 414 HOH A O   1 ? 
HETATM 1517 O O   . HOH C 3 .   ? 13.539  -3.075  -16.463 1.00 35.93  ? 415 HOH A O   1 ? 
HETATM 1518 O O   . HOH C 3 .   ? -2.934  6.883   -2.403  1.00 48.32  ? 416 HOH A O   1 ? 
HETATM 1519 O O   . HOH C 3 .   ? -6.700  -14.939 -10.165 1.00 59.46  ? 417 HOH A O   1 ? 
HETATM 1520 O O   . HOH C 3 .   ? -5.665  10.654  1.857   1.00 36.36  ? 418 HOH A O   1 ? 
HETATM 1521 O O   . HOH C 3 .   ? 17.636  2.378   -15.862 1.00 40.33  ? 419 HOH A O   1 ? 
HETATM 1522 O O   . HOH C 3 .   ? -9.786  -14.653 6.637   1.00 55.18  ? 420 HOH A O   1 ? 
HETATM 1523 O O   . HOH C 3 .   ? 14.863  8.368   -10.586 1.00 33.96  ? 421 HOH A O   1 ? 
HETATM 1524 O O   . HOH C 3 .   ? 1.935   5.421   13.739  1.00 43.08  ? 422 HOH A O   1 ? 
HETATM 1525 O O   . HOH C 3 .   ? -21.687 3.190   3.059   1.00 42.14  ? 423 HOH A O   1 ? 
HETATM 1526 O O   . HOH C 3 .   ? -0.411  -13.274 5.758   1.00 35.46  ? 424 HOH A O   1 ? 
HETATM 1527 O O   . HOH C 3 .   ? 16.483  2.068   -5.305  1.00 38.85  ? 425 HOH A O   1 ? 
HETATM 1528 O O   . HOH C 3 .   ? 10.358  2.643   -0.421  1.00 37.27  ? 426 HOH A O   1 ? 
HETATM 1529 O O   . HOH C 3 .   ? -13.011 -10.942 5.257   1.00 34.94  ? 427 HOH A O   1 ? 
HETATM 1530 O O   . HOH C 3 .   ? 8.648   3.325   -8.659  1.00 28.67  ? 428 HOH A O   1 ? 
HETATM 1531 O O   . HOH C 3 .   ? -12.209 -13.884 -10.272 1.00 49.04  ? 429 HOH A O   1 ? 
HETATM 1532 O O   . HOH C 3 .   ? -10.582 -12.024 -7.583  1.00 33.23  ? 430 HOH A O   1 ? 
HETATM 1533 O O   . HOH C 3 .   ? 0.581   -2.406  0.646   1.00 27.13  ? 431 HOH A O   1 ? 
HETATM 1534 O O   . HOH C 3 .   ? 14.773  -5.697  1.062   1.00 35.05  ? 432 HOH A O   1 ? 
HETATM 1535 O O   . HOH C 3 .   ? -0.280  3.201   -0.740  1.00 38.63  ? 433 HOH A O   1 ? 
HETATM 1536 O O   . HOH C 3 .   ? -16.621 -14.153 1.579   1.00 42.82  ? 434 HOH A O   1 ? 
HETATM 1537 O O   . HOH C 3 .   ? 12.147  7.615   -12.573 1.00 30.13  ? 435 HOH A O   1 ? 
HETATM 1538 O O   . HOH C 3 .   ? -0.111  3.397   -2.959  1.00 32.67  ? 436 HOH A O   1 ? 
HETATM 1539 O O   . HOH C 3 .   ? 2.060   -1.015  2.821   1.00 30.87  ? 437 HOH A O   1 ? 
HETATM 1540 O O   . HOH C 3 .   ? -3.525  2.916   0.256   1.00 27.72  ? 438 HOH A O   1 ? 
HETATM 1541 O O   . HOH C 3 .   ? -18.028 -9.287  -5.750  1.00 45.64  ? 439 HOH A O   1 ? 
HETATM 1542 O O   . HOH C 3 .   ? -2.016  2.386   12.191  1.00 28.40  ? 440 HOH A O   1 ? 
HETATM 1543 O O   . HOH C 3 .   ? 4.029   -17.624 -3.633  1.00 36.25  ? 441 HOH A O   1 ? 
HETATM 1544 O O   . HOH C 3 .   ? -5.544  -2.086  -14.913 1.00 28.94  ? 442 HOH A O   1 ? 
HETATM 1545 O O   . HOH C 3 .   ? -14.653 -2.234  2.910   1.00 26.18  ? 443 HOH A O   1 ? 
HETATM 1546 O O   . HOH C 3 .   ? -3.140  -7.027  15.131  1.00 34.26  ? 444 HOH A O   1 ? 
HETATM 1547 O O   . HOH C 3 .   ? 8.597   7.084   -15.974 1.00 36.37  ? 445 HOH A O   1 ? 
HETATM 1548 O O   . HOH C 3 .   ? -5.074  -1.051  -16.997 1.00 29.65  ? 446 HOH A O   1 ? 
HETATM 1549 O O   . HOH C 3 .   ? 18.903  2.253   -11.534 1.00 34.14  ? 447 HOH A O   1 ? 
HETATM 1550 O O   . HOH C 3 .   ? 13.235  -7.903  -12.044 1.00 49.14  ? 448 HOH A O   1 ? 
HETATM 1551 O O   . HOH C 3 .   ? -11.370 6.658   -3.417  1.00 36.98  ? 449 HOH A O   1 ? 
HETATM 1552 O O   . HOH C 3 .   ? 12.192  -17.197 8.169   1.00 33.41  ? 450 HOH A O   1 ? 
HETATM 1553 O O   . HOH C 3 .   ? 4.672   -1.500  12.936  1.00 21.89  ? 451 HOH A O   1 ? 
HETATM 1554 O O   . HOH C 3 .   ? -14.864 2.945   1.284   1.00 35.81  ? 452 HOH A O   1 ? 
HETATM 1555 O O   . HOH C 3 .   ? -11.235 14.697  14.924  1.00 49.87  ? 453 HOH A O   1 ? 
HETATM 1556 O O   . HOH C 3 .   ? 1.437   -18.028 -0.393  1.00 36.32  ? 454 HOH A O   1 ? 
HETATM 1557 O O   . HOH C 3 .   ? 15.326  17.128  -5.625  1.00 38.40  ? 455 HOH A O   1 ? 
HETATM 1558 O O   . HOH C 3 .   ? -10.678 -12.053 -10.276 1.00 39.63  ? 456 HOH A O   1 ? 
HETATM 1559 O O   . HOH C 3 .   ? -1.977  11.339  4.942   1.00 26.74  ? 457 HOH A O   1 ? 
HETATM 1560 O O   . HOH C 3 .   ? 3.410   -3.045  -12.648 1.00 40.04  ? 458 HOH A O   1 ? 
HETATM 1561 O O   . HOH C 3 .   ? 8.514   4.832   -18.725 1.00 35.22  ? 459 HOH A O   1 ? 
HETATM 1562 O O   . HOH C 3 .   ? -17.533 7.443   -1.870  1.00 40.06  ? 460 HOH A O   1 ? 
HETATM 1563 O O   . HOH C 3 .   ? -3.670  2.661   -8.572  1.00 47.22  ? 461 HOH A O   1 ? 
HETATM 1564 O O   . HOH C 3 .   ? -11.086 -4.169  13.515  1.00 29.11  ? 462 HOH A O   1 ? 
HETATM 1565 O O   . HOH C 3 .   ? 15.495  -2.770  1.434   1.00 47.08  ? 463 HOH A O   1 ? 
HETATM 1566 O O   . HOH C 3 .   ? 11.142  -15.139 -2.151  1.00 30.47  ? 464 HOH A O   1 ? 
HETATM 1567 O O   . HOH C 3 .   ? -3.685  1.711   15.755  1.00 32.34  ? 465 HOH A O   1 ? 
HETATM 1568 O O   . HOH C 3 .   ? 4.967   -0.234  2.667   1.00 26.35  ? 466 HOH A O   1 ? 
HETATM 1569 O O   . HOH C 3 .   ? -0.596  3.522   -14.108 1.00 32.70  ? 467 HOH A O   1 ? 
HETATM 1570 O O   . HOH C 3 .   ? 0.892   -11.027 7.025   1.00 25.96  ? 468 HOH A O   1 ? 
HETATM 1571 O O   . HOH C 3 .   ? -11.876 13.062  11.163  1.00 45.36  ? 469 HOH A O   1 ? 
HETATM 1572 O O   . HOH C 3 .   ? 6.624   3.246   -10.725 1.00 27.15  ? 470 HOH A O   1 ? 
HETATM 1573 O O   . HOH C 3 .   ? 13.645  -13.355 2.007   1.00 39.42  ? 471 HOH A O   1 ? 
HETATM 1574 O O   . HOH C 3 .   ? -9.349  -0.074  -3.509  1.00 32.67  ? 472 HOH A O   1 ? 
HETATM 1575 O O   . HOH C 3 .   ? 19.322  -0.738  -9.272  1.00 44.18  ? 473 HOH A O   1 ? 
HETATM 1576 O O   . HOH C 3 .   ? 16.300  -1.669  -15.987 1.00 51.67  ? 474 HOH A O   1 ? 
HETATM 1577 O O   . HOH C 3 .   ? 10.732  13.359  6.402   1.00 39.92  ? 475 HOH A O   1 ? 
HETATM 1578 O O   . HOH C 3 .   ? -15.217 -5.436  8.877   1.00 32.43  ? 476 HOH A O   1 ? 
HETATM 1579 O O   . HOH C 3 .   ? -7.173  -10.913 12.331  1.00 32.70  ? 477 HOH A O   1 ? 
HETATM 1580 O O   . HOH C 3 .   ? -5.664  -15.749 1.153   1.00 48.92  ? 478 HOH A O   1 ? 
HETATM 1581 O O   . HOH C 3 .   ? 3.465   4.533   5.901   1.00 23.98  ? 479 HOH A O   1 ? 
HETATM 1582 O O   . HOH C 3 .   ? 14.995  -3.302  -9.896  1.00 36.22  ? 480 HOH A O   1 ? 
HETATM 1583 O O   . HOH C 3 .   ? 0.264   -7.528  16.830  1.00 36.96  ? 481 HOH A O   1 ? 
HETATM 1584 O O   . HOH C 3 .   ? -5.045  7.524   14.303  1.00 38.35  ? 482 HOH A O   1 ? 
HETATM 1585 O O   . HOH C 3 .   ? -9.971  -2.456  -7.978  1.00 36.58  ? 483 HOH A O   1 ? 
HETATM 1586 O O   . HOH C 3 .   ? 17.506  4.868   -11.818 1.00 27.33  ? 484 HOH A O   1 ? 
HETATM 1587 O O   . HOH C 3 .   ? 14.810  -8.851  -5.018  1.00 34.27  ? 485 HOH A O   1 ? 
HETATM 1588 O O   . HOH C 3 .   ? 10.425  -17.923 -0.825  1.00 37.93  ? 486 HOH A O   1 ? 
HETATM 1589 O O   . HOH C 3 .   ? -19.781 1.814   6.715   1.00 42.73  ? 487 HOH A O   1 ? 
HETATM 1590 O O   . HOH C 3 .   ? 7.330   -0.949  4.042   1.00 30.47  ? 488 HOH A O   1 ? 
HETATM 1591 O O   . HOH C 3 .   ? 15.219  -9.130  1.701   1.00 46.73  ? 489 HOH A O   1 ? 
HETATM 1592 O O   . HOH C 3 .   ? -19.818 -5.634  7.585   1.00 50.97  ? 490 HOH A O   1 ? 
HETATM 1593 O O   . HOH C 3 .   ? -0.962  20.873  5.753   1.00 41.89  ? 491 HOH A O   1 ? 
HETATM 1594 O O   . HOH C 3 .   ? 17.793  -0.347  -4.783  1.00 43.93  ? 492 HOH A O   1 ? 
HETATM 1595 O O   . HOH C 3 .   ? -12.805 -3.076  -7.643  1.00 40.53  ? 493 HOH A O   1 ? 
HETATM 1596 O O   . HOH C 3 .   ? -0.217  -5.416  -17.815 1.00 36.24  ? 494 HOH A O   1 ? 
HETATM 1597 O O   . HOH C 3 .   ? -9.419  16.738  3.147   1.00 43.16  ? 495 HOH A O   1 ? 
HETATM 1598 O O   . HOH C 3 .   ? 16.315  7.566   2.171   1.00 39.58  ? 496 HOH A O   1 ? 
HETATM 1599 O O   . HOH C 3 .   ? -8.818  8.397   -4.093  1.00 36.97  ? 497 HOH A O   1 ? 
HETATM 1600 O O   . HOH C 3 .   ? 7.167   -12.489 9.917   1.00 35.84  ? 498 HOH A O   1 ? 
HETATM 1601 O O   . HOH C 3 .   ? -6.241  -0.044  16.748  1.00 28.27  ? 499 HOH A O   1 ? 
HETATM 1602 O O   . HOH C 3 .   ? 3.947   -12.650 12.925  1.00 51.49  ? 500 HOH A O   1 ? 
HETATM 1603 O O   . HOH C 3 .   ? 7.221   -2.223  -19.833 1.00 38.90  ? 501 HOH A O   1 ? 
HETATM 1604 O O   . HOH C 3 .   ? -11.337 -22.616 -8.143  1.00 52.82  ? 502 HOH A O   1 ? 
HETATM 1605 O O   . HOH C 3 .   ? 3.125   2.772   2.762   1.00 35.23  ? 503 HOH A O   1 ? 
HETATM 1606 O O   . HOH C 3 .   ? -0.401  -16.151 6.493   1.00 42.38  ? 504 HOH A O   1 ? 
HETATM 1607 O O   . HOH C 3 .   ? 5.994   -18.975 -1.711  1.00 49.35  ? 505 HOH A O   1 ? 
HETATM 1608 O O   . HOH C 3 .   ? 16.778  4.727   -14.236 1.00 35.94  ? 506 HOH A O   1 ? 
HETATM 1609 O O   . HOH C 3 .   ? -8.320  -19.279 9.467   1.00 51.51  ? 507 HOH A O   1 ? 
HETATM 1610 O O   . HOH C 3 .   ? 7.029   4.998   16.653  1.00 42.49  ? 508 HOH A O   1 ? 
HETATM 1611 O O   . HOH C 3 .   ? 11.229  -15.464 -4.826  1.00 43.99  ? 509 HOH A O   1 ? 
HETATM 1612 O O   . HOH C 3 .   ? -1.970  -8.664  16.510  1.00 48.20  ? 510 HOH A O   1 ? 
HETATM 1613 O O   . HOH C 3 .   ? -5.562  -20.232 8.677   1.00 48.95  ? 511 HOH A O   1 ? 
HETATM 1614 O O   . HOH C 3 .   ? 15.652  13.796  3.066   1.00 43.87  ? 512 HOH A O   1 ? 
HETATM 1615 O O   . HOH C 3 .   ? 13.755  -14.703 -0.407  1.00 55.66  ? 513 HOH A O   1 ? 
HETATM 1616 O O   . HOH C 3 .   ? 14.494  -10.448 -7.585  1.00 46.44  ? 514 HOH A O   1 ? 
# 
